data_7TNC
# 
_entry.id   7TNC 
# 
_audit_conform.dict_name       mmcif_pdbx.dic 
_audit_conform.dict_version    5.398 
_audit_conform.dict_location   http://mmcif.pdb.org/dictionaries/ascii/mmcif_pdbx.dic 
# 
loop_
_database_2.database_id 
_database_2.database_code 
_database_2.pdbx_database_accession 
_database_2.pdbx_DOI 
PDB   7TNC         pdb_00007tnc 10.2210/pdb7tnc/pdb 
WWPDB D_1000262581 ?            ?                   
# 
loop_
_pdbx_audit_revision_history.ordinal 
_pdbx_audit_revision_history.data_content_type 
_pdbx_audit_revision_history.major_revision 
_pdbx_audit_revision_history.minor_revision 
_pdbx_audit_revision_history.revision_date 
1 'Structure model' 1 0 2023-01-25 
2 'Structure model' 1 1 2023-07-26 
3 'Structure model' 1 2 2023-08-02 
4 'Structure model' 1 3 2023-10-25 
5 'Structure model' 1 4 2024-11-13 
# 
_pdbx_audit_revision_details.ordinal             1 
_pdbx_audit_revision_details.revision_ordinal    1 
_pdbx_audit_revision_details.data_content_type   'Structure model' 
_pdbx_audit_revision_details.provider            repository 
_pdbx_audit_revision_details.type                'Initial release' 
_pdbx_audit_revision_details.description         ? 
_pdbx_audit_revision_details.details             ? 
# 
loop_
_pdbx_audit_revision_group.ordinal 
_pdbx_audit_revision_group.revision_ordinal 
_pdbx_audit_revision_group.data_content_type 
_pdbx_audit_revision_group.group 
1 2 'Structure model' 'Database references'    
2 3 'Structure model' 'Database references'    
3 4 'Structure model' 'Data collection'        
4 4 'Structure model' 'Refinement description' 
5 5 'Structure model' 'Structure summary'      
# 
loop_
_pdbx_audit_revision_category.ordinal 
_pdbx_audit_revision_category.revision_ordinal 
_pdbx_audit_revision_category.data_content_type 
_pdbx_audit_revision_category.category 
1 2 'Structure model' citation                      
2 2 'Structure model' citation_author               
3 3 'Structure model' citation                      
4 4 'Structure model' chem_comp_atom                
5 4 'Structure model' chem_comp_bond                
6 4 'Structure model' pdbx_initial_refinement_model 
7 5 'Structure model' pdbx_entry_details            
8 5 'Structure model' pdbx_modification_feature     
# 
loop_
_pdbx_audit_revision_item.ordinal 
_pdbx_audit_revision_item.revision_ordinal 
_pdbx_audit_revision_item.data_content_type 
_pdbx_audit_revision_item.item 
1  2 'Structure model' '_citation.country'                            
2  2 'Structure model' '_citation.journal_abbrev'                     
3  2 'Structure model' '_citation.journal_id_ASTM'                    
4  2 'Structure model' '_citation.journal_id_CSD'                     
5  2 'Structure model' '_citation.journal_id_ISSN'                    
6  2 'Structure model' '_citation.pdbx_database_id_DOI'               
7  2 'Structure model' '_citation.pdbx_database_id_PubMed'            
8  2 'Structure model' '_citation.title'                              
9  2 'Structure model' '_citation.year'                               
10 3 'Structure model' '_citation.journal_volume'                     
11 3 'Structure model' '_citation.page_first'                         
12 3 'Structure model' '_citation.page_last'                          
13 5 'Structure model' '_pdbx_entry_details.has_protein_modification' 
# 
_pdbx_database_status.status_code                     REL 
_pdbx_database_status.status_code_sf                  REL 
_pdbx_database_status.status_code_mr                  ? 
_pdbx_database_status.entry_id                        7TNC 
_pdbx_database_status.recvd_initial_deposition_date   2022-01-20 
_pdbx_database_status.SG_entry                        N 
_pdbx_database_status.deposit_site                    RCSB 
_pdbx_database_status.process_site                    RCSB 
_pdbx_database_status.status_code_cs                  ? 
_pdbx_database_status.status_code_nmr_data            ? 
_pdbx_database_status.methods_development_category    ? 
_pdbx_database_status.pdb_format_compatible           Y 
# 
_pdbx_contact_author.id                 2 
_pdbx_contact_author.email              yi.lu@utexas.edu 
_pdbx_contact_author.name_first         Yi 
_pdbx_contact_author.name_last          Lu 
_pdbx_contact_author.name_mi            ? 
_pdbx_contact_author.role               'principal investigator/group leader' 
_pdbx_contact_author.identifier_ORCID   0000-0003-1221-6709 
# 
loop_
_audit_author.name 
_audit_author.pdbx_ordinal 
_audit_author.identifier_ORCID 
'Liu, Y.' 1 0000-0002-7899-2279 
'Lu, Y.'  2 0000-0003-1221-6709 
# 
_citation.abstract                  ? 
_citation.abstract_id_CAS           ? 
_citation.book_id_ISBN              ? 
_citation.book_publisher            ? 
_citation.book_publisher_city       ? 
_citation.book_title                ? 
_citation.coordinate_linkage        ? 
_citation.country                   US 
_citation.database_id_Medline       ? 
_citation.details                   ? 
_citation.id                        primary 
_citation.journal_abbrev            Inorg.Chem. 
_citation.journal_id_ASTM           INOCAJ 
_citation.journal_id_CSD            0009 
_citation.journal_id_ISSN           0020-1669 
_citation.journal_full              ? 
_citation.journal_issue             ? 
_citation.journal_volume            62 
_citation.language                  ? 
_citation.page_first                11618 
_citation.page_last                 11625 
_citation.title                     
'Structural Basis for the Effects of Phenylalanine on Tuning the Reduction Potential of Type 1 Copper in Azurin.' 
_citation.year                      2023 
_citation.database_id_CSD           ? 
_citation.pdbx_database_id_DOI      10.1021/acs.inorgchem.3c01365 
_citation.pdbx_database_id_PubMed   37424080 
_citation.pdbx_database_id_patent   ? 
_citation.unpublished_flag          ? 
# 
loop_
_citation_author.citation_id 
_citation_author.name 
_citation_author.ordinal 
_citation_author.identifier_ORCID 
primary 'Liu, Y.'        1  0000-0002-7899-2279 
primary 'Marshall, N.M.' 2  ?                   
primary 'Yu, S.S.'       3  ?                   
primary 'Kim, W.'        4  ?                   
primary 'Gao, Y.G.'      5  ?                   
primary 'Robinson, H.'   6  ?                   
primary 'Nilges, M.J.'   7  ?                   
primary 'Zhang, Y.'      8  0000-0002-9360-5388 
primary 'New, S.Y.'      9  0000-0003-4392-3852 
primary 'Lu, Y.'         10 0000-0003-1221-6709 
# 
loop_
_entity.id 
_entity.type 
_entity.src_method 
_entity.pdbx_description 
_entity.formula_weight 
_entity.pdbx_number_of_molecules 
_entity.pdbx_ec 
_entity.pdbx_mutation 
_entity.pdbx_fragment 
_entity.details 
1 polymer     man Azurin                                   14067.899 1   ? 'M13F, G116F' ? ? 
2 non-polymer syn 2-AMINO-2-HYDROXYMETHYL-PROPANE-1,3-DIOL 122.143   1   ? ?             ? ? 
3 non-polymer syn 'COPPER (II) ION'                        63.546    2   ? ?             ? ? 
4 non-polymer syn 'CHLORIDE ION'                           35.453    1   ? ?             ? ? 
5 water       nat water                                    18.015    176 ? ?             ? ? 
# 
_entity_poly.entity_id                      1 
_entity_poly.type                           'polypeptide(L)' 
_entity_poly.nstd_linkage                   no 
_entity_poly.nstd_monomer                   no 
_entity_poly.pdbx_seq_one_letter_code       
;AECSVDIQGNDQFQFNTNAITVDKSCKQFTVNLSHPGNLPKNVMGHNWVLSTAADMQGVVTDGMASGLDKDYLKPDDSRV
IAHTKLIGSGEKDSVTFDVSKLKEGEQYMFFCTFPFHSALMKGTLTLK
;
_entity_poly.pdbx_seq_one_letter_code_can   
;AECSVDIQGNDQFQFNTNAITVDKSCKQFTVNLSHPGNLPKNVMGHNWVLSTAADMQGVVTDGMASGLDKDYLKPDDSRV
IAHTKLIGSGEKDSVTFDVSKLKEGEQYMFFCTFPFHSALMKGTLTLK
;
_entity_poly.pdbx_strand_id                 A 
_entity_poly.pdbx_target_identifier         ? 
# 
loop_
_pdbx_entity_nonpoly.entity_id 
_pdbx_entity_nonpoly.name 
_pdbx_entity_nonpoly.comp_id 
2 2-AMINO-2-HYDROXYMETHYL-PROPANE-1,3-DIOL TRS 
3 'COPPER (II) ION'                        CU  
4 'CHLORIDE ION'                           CL  
5 water                                    HOH 
# 
loop_
_entity_poly_seq.entity_id 
_entity_poly_seq.num 
_entity_poly_seq.mon_id 
_entity_poly_seq.hetero 
1 1   ALA n 
1 2   GLU n 
1 3   CYS n 
1 4   SER n 
1 5   VAL n 
1 6   ASP n 
1 7   ILE n 
1 8   GLN n 
1 9   GLY n 
1 10  ASN n 
1 11  ASP n 
1 12  GLN n 
1 13  PHE n 
1 14  GLN n 
1 15  PHE n 
1 16  ASN n 
1 17  THR n 
1 18  ASN n 
1 19  ALA n 
1 20  ILE n 
1 21  THR n 
1 22  VAL n 
1 23  ASP n 
1 24  LYS n 
1 25  SER n 
1 26  CYS n 
1 27  LYS n 
1 28  GLN n 
1 29  PHE n 
1 30  THR n 
1 31  VAL n 
1 32  ASN n 
1 33  LEU n 
1 34  SER n 
1 35  HIS n 
1 36  PRO n 
1 37  GLY n 
1 38  ASN n 
1 39  LEU n 
1 40  PRO n 
1 41  LYS n 
1 42  ASN n 
1 43  VAL n 
1 44  MET n 
1 45  GLY n 
1 46  HIS n 
1 47  ASN n 
1 48  TRP n 
1 49  VAL n 
1 50  LEU n 
1 51  SER n 
1 52  THR n 
1 53  ALA n 
1 54  ALA n 
1 55  ASP n 
1 56  MET n 
1 57  GLN n 
1 58  GLY n 
1 59  VAL n 
1 60  VAL n 
1 61  THR n 
1 62  ASP n 
1 63  GLY n 
1 64  MET n 
1 65  ALA n 
1 66  SER n 
1 67  GLY n 
1 68  LEU n 
1 69  ASP n 
1 70  LYS n 
1 71  ASP n 
1 72  TYR n 
1 73  LEU n 
1 74  LYS n 
1 75  PRO n 
1 76  ASP n 
1 77  ASP n 
1 78  SER n 
1 79  ARG n 
1 80  VAL n 
1 81  ILE n 
1 82  ALA n 
1 83  HIS n 
1 84  THR n 
1 85  LYS n 
1 86  LEU n 
1 87  ILE n 
1 88  GLY n 
1 89  SER n 
1 90  GLY n 
1 91  GLU n 
1 92  LYS n 
1 93  ASP n 
1 94  SER n 
1 95  VAL n 
1 96  THR n 
1 97  PHE n 
1 98  ASP n 
1 99  VAL n 
1 100 SER n 
1 101 LYS n 
1 102 LEU n 
1 103 LYS n 
1 104 GLU n 
1 105 GLY n 
1 106 GLU n 
1 107 GLN n 
1 108 TYR n 
1 109 MET n 
1 110 PHE n 
1 111 PHE n 
1 112 CYS n 
1 113 THR n 
1 114 PHE n 
1 115 PRO n 
1 116 PHE n 
1 117 HIS n 
1 118 SER n 
1 119 ALA n 
1 120 LEU n 
1 121 MET n 
1 122 LYS n 
1 123 GLY n 
1 124 THR n 
1 125 LEU n 
1 126 THR n 
1 127 LEU n 
1 128 LYS n 
# 
_entity_src_gen.entity_id                          1 
_entity_src_gen.pdbx_src_id                        1 
_entity_src_gen.pdbx_alt_source_flag               sample 
_entity_src_gen.pdbx_seq_type                      'Biological sequence' 
_entity_src_gen.pdbx_beg_seq_num                   1 
_entity_src_gen.pdbx_end_seq_num                   128 
_entity_src_gen.gene_src_common_name               ? 
_entity_src_gen.gene_src_genus                     ? 
_entity_src_gen.pdbx_gene_src_gene                 'azu, PA4922' 
_entity_src_gen.gene_src_species                   ? 
_entity_src_gen.gene_src_strain                    
'ATCC 15692 / DSM 22644 / CIP 104116 / JCM 14847 / LMG 12228 / 1C / PRS 101 / PAO1' 
_entity_src_gen.gene_src_tissue                    ? 
_entity_src_gen.gene_src_tissue_fraction           ? 
_entity_src_gen.gene_src_details                   ? 
_entity_src_gen.pdbx_gene_src_fragment             ? 
_entity_src_gen.pdbx_gene_src_scientific_name      'Pseudomonas aeruginosa' 
_entity_src_gen.pdbx_gene_src_ncbi_taxonomy_id     287 
_entity_src_gen.pdbx_gene_src_variant              ? 
_entity_src_gen.pdbx_gene_src_cell_line            ? 
_entity_src_gen.pdbx_gene_src_atcc                 ? 
_entity_src_gen.pdbx_gene_src_organ                ? 
_entity_src_gen.pdbx_gene_src_organelle            ? 
_entity_src_gen.pdbx_gene_src_cell                 ? 
_entity_src_gen.pdbx_gene_src_cellular_location    ? 
_entity_src_gen.host_org_common_name               ? 
_entity_src_gen.pdbx_host_org_scientific_name      'Escherichia coli' 
_entity_src_gen.pdbx_host_org_ncbi_taxonomy_id     562 
_entity_src_gen.host_org_genus                     ? 
_entity_src_gen.pdbx_host_org_gene                 ? 
_entity_src_gen.pdbx_host_org_organ                ? 
_entity_src_gen.host_org_species                   ? 
_entity_src_gen.pdbx_host_org_tissue               ? 
_entity_src_gen.pdbx_host_org_tissue_fraction      ? 
_entity_src_gen.pdbx_host_org_strain               ? 
_entity_src_gen.pdbx_host_org_variant              ? 
_entity_src_gen.pdbx_host_org_cell_line            ? 
_entity_src_gen.pdbx_host_org_atcc                 ? 
_entity_src_gen.pdbx_host_org_culture_collection   ? 
_entity_src_gen.pdbx_host_org_cell                 ? 
_entity_src_gen.pdbx_host_org_organelle            ? 
_entity_src_gen.pdbx_host_org_cellular_location    ? 
_entity_src_gen.pdbx_host_org_vector_type          ? 
_entity_src_gen.pdbx_host_org_vector               ? 
_entity_src_gen.host_org_details                   ? 
_entity_src_gen.expression_system_id               ? 
_entity_src_gen.plasmid_name                       ? 
_entity_src_gen.plasmid_details                    ? 
_entity_src_gen.pdbx_description                   ? 
# 
loop_
_chem_comp.id 
_chem_comp.type 
_chem_comp.mon_nstd_flag 
_chem_comp.name 
_chem_comp.pdbx_synonyms 
_chem_comp.formula 
_chem_comp.formula_weight 
ALA 'L-peptide linking' y ALANINE                                  ?             'C3 H7 N O2'     89.093  
ARG 'L-peptide linking' y ARGININE                                 ?             'C6 H15 N4 O2 1' 175.209 
ASN 'L-peptide linking' y ASPARAGINE                               ?             'C4 H8 N2 O3'    132.118 
ASP 'L-peptide linking' y 'ASPARTIC ACID'                          ?             'C4 H7 N O4'     133.103 
CL  non-polymer         . 'CHLORIDE ION'                           ?             'Cl -1'          35.453  
CU  non-polymer         . 'COPPER (II) ION'                        ?             'Cu 2'           63.546  
CYS 'L-peptide linking' y CYSTEINE                                 ?             'C3 H7 N O2 S'   121.158 
GLN 'L-peptide linking' y GLUTAMINE                                ?             'C5 H10 N2 O3'   146.144 
GLU 'L-peptide linking' y 'GLUTAMIC ACID'                          ?             'C5 H9 N O4'     147.129 
GLY 'peptide linking'   y GLYCINE                                  ?             'C2 H5 N O2'     75.067  
HIS 'L-peptide linking' y HISTIDINE                                ?             'C6 H10 N3 O2 1' 156.162 
HOH non-polymer         . WATER                                    ?             'H2 O'           18.015  
ILE 'L-peptide linking' y ISOLEUCINE                               ?             'C6 H13 N O2'    131.173 
LEU 'L-peptide linking' y LEUCINE                                  ?             'C6 H13 N O2'    131.173 
LYS 'L-peptide linking' y LYSINE                                   ?             'C6 H15 N2 O2 1' 147.195 
MET 'L-peptide linking' y METHIONINE                               ?             'C5 H11 N O2 S'  149.211 
PHE 'L-peptide linking' y PHENYLALANINE                            ?             'C9 H11 N O2'    165.189 
PRO 'L-peptide linking' y PROLINE                                  ?             'C5 H9 N O2'     115.130 
SER 'L-peptide linking' y SERINE                                   ?             'C3 H7 N O3'     105.093 
THR 'L-peptide linking' y THREONINE                                ?             'C4 H9 N O3'     119.119 
TRP 'L-peptide linking' y TRYPTOPHAN                               ?             'C11 H12 N2 O2'  204.225 
TRS non-polymer         . 2-AMINO-2-HYDROXYMETHYL-PROPANE-1,3-DIOL 'TRIS BUFFER' 'C4 H12 N O3 1'  122.143 
TYR 'L-peptide linking' y TYROSINE                                 ?             'C9 H11 N O3'    181.189 
VAL 'L-peptide linking' y VALINE                                   ?             'C5 H11 N O2'    117.146 
# 
loop_
_pdbx_poly_seq_scheme.asym_id 
_pdbx_poly_seq_scheme.entity_id 
_pdbx_poly_seq_scheme.seq_id 
_pdbx_poly_seq_scheme.mon_id 
_pdbx_poly_seq_scheme.ndb_seq_num 
_pdbx_poly_seq_scheme.pdb_seq_num 
_pdbx_poly_seq_scheme.auth_seq_num 
_pdbx_poly_seq_scheme.pdb_mon_id 
_pdbx_poly_seq_scheme.auth_mon_id 
_pdbx_poly_seq_scheme.pdb_strand_id 
_pdbx_poly_seq_scheme.pdb_ins_code 
_pdbx_poly_seq_scheme.hetero 
A 1 1   ALA 1   1   1   ALA ALA A . n 
A 1 2   GLU 2   2   2   GLU GLU A . n 
A 1 3   CYS 3   3   3   CYS CYS A . n 
A 1 4   SER 4   4   4   SER SER A . n 
A 1 5   VAL 5   5   5   VAL VAL A . n 
A 1 6   ASP 6   6   6   ASP ASP A . n 
A 1 7   ILE 7   7   7   ILE ILE A . n 
A 1 8   GLN 8   8   8   GLN GLN A . n 
A 1 9   GLY 9   9   9   GLY GLY A . n 
A 1 10  ASN 10  10  10  ASN ASN A . n 
A 1 11  ASP 11  11  11  ASP ASP A . n 
A 1 12  GLN 12  12  12  GLN GLN A . n 
A 1 13  PHE 13  13  13  PHE PHE A . n 
A 1 14  GLN 14  14  14  GLN GLN A . n 
A 1 15  PHE 15  15  15  PHE PHE A . n 
A 1 16  ASN 16  16  16  ASN ASN A . n 
A 1 17  THR 17  17  17  THR THR A . n 
A 1 18  ASN 18  18  18  ASN ASN A . n 
A 1 19  ALA 19  19  19  ALA ALA A . n 
A 1 20  ILE 20  20  20  ILE ILE A . n 
A 1 21  THR 21  21  21  THR THR A . n 
A 1 22  VAL 22  22  22  VAL VAL A . n 
A 1 23  ASP 23  23  23  ASP ASP A . n 
A 1 24  LYS 24  24  24  LYS LYS A . n 
A 1 25  SER 25  25  25  SER SER A . n 
A 1 26  CYS 26  26  26  CYS CYS A . n 
A 1 27  LYS 27  27  27  LYS LYS A . n 
A 1 28  GLN 28  28  28  GLN GLN A . n 
A 1 29  PHE 29  29  29  PHE PHE A . n 
A 1 30  THR 30  30  30  THR THR A . n 
A 1 31  VAL 31  31  31  VAL VAL A . n 
A 1 32  ASN 32  32  32  ASN ASN A . n 
A 1 33  LEU 33  33  33  LEU LEU A . n 
A 1 34  SER 34  34  34  SER SER A . n 
A 1 35  HIS 35  35  35  HIS HIS A . n 
A 1 36  PRO 36  36  36  PRO PRO A . n 
A 1 37  GLY 37  37  37  GLY GLY A . n 
A 1 38  ASN 38  38  38  ASN ASN A . n 
A 1 39  LEU 39  39  39  LEU LEU A . n 
A 1 40  PRO 40  40  40  PRO PRO A . n 
A 1 41  LYS 41  41  41  LYS LYS A . n 
A 1 42  ASN 42  42  42  ASN ASN A . n 
A 1 43  VAL 43  43  43  VAL VAL A . n 
A 1 44  MET 44  44  44  MET MET A . n 
A 1 45  GLY 45  45  45  GLY GLY A . n 
A 1 46  HIS 46  46  46  HIS HIS A . n 
A 1 47  ASN 47  47  47  ASN ASN A . n 
A 1 48  TRP 48  48  48  TRP TRP A . n 
A 1 49  VAL 49  49  49  VAL VAL A . n 
A 1 50  LEU 50  50  50  LEU LEU A . n 
A 1 51  SER 51  51  51  SER SER A . n 
A 1 52  THR 52  52  52  THR THR A . n 
A 1 53  ALA 53  53  53  ALA ALA A . n 
A 1 54  ALA 54  54  54  ALA ALA A . n 
A 1 55  ASP 55  55  55  ASP ASP A . n 
A 1 56  MET 56  56  56  MET MET A . n 
A 1 57  GLN 57  57  57  GLN GLN A . n 
A 1 58  GLY 58  58  58  GLY GLY A . n 
A 1 59  VAL 59  59  59  VAL VAL A . n 
A 1 60  VAL 60  60  60  VAL VAL A . n 
A 1 61  THR 61  61  61  THR THR A . n 
A 1 62  ASP 62  62  62  ASP ASP A . n 
A 1 63  GLY 63  63  63  GLY GLY A . n 
A 1 64  MET 64  64  64  MET MET A . n 
A 1 65  ALA 65  65  65  ALA ALA A . n 
A 1 66  SER 66  66  66  SER SER A . n 
A 1 67  GLY 67  67  67  GLY GLY A . n 
A 1 68  LEU 68  68  68  LEU LEU A . n 
A 1 69  ASP 69  69  69  ASP ASP A . n 
A 1 70  LYS 70  70  70  LYS LYS A . n 
A 1 71  ASP 71  71  71  ASP ASP A . n 
A 1 72  TYR 72  72  72  TYR TYR A . n 
A 1 73  LEU 73  73  73  LEU LEU A . n 
A 1 74  LYS 74  74  74  LYS LYS A . n 
A 1 75  PRO 75  75  75  PRO PRO A . n 
A 1 76  ASP 76  76  76  ASP ASP A . n 
A 1 77  ASP 77  77  77  ASP ASP A . n 
A 1 78  SER 78  78  78  SER SER A . n 
A 1 79  ARG 79  79  79  ARG ARG A . n 
A 1 80  VAL 80  80  80  VAL VAL A . n 
A 1 81  ILE 81  81  81  ILE ILE A . n 
A 1 82  ALA 82  82  82  ALA ALA A . n 
A 1 83  HIS 83  83  83  HIS HIS A . n 
A 1 84  THR 84  84  84  THR THR A . n 
A 1 85  LYS 85  85  85  LYS LYS A . n 
A 1 86  LEU 86  86  86  LEU LEU A . n 
A 1 87  ILE 87  87  87  ILE ILE A . n 
A 1 88  GLY 88  88  88  GLY GLY A . n 
A 1 89  SER 89  89  89  SER SER A . n 
A 1 90  GLY 90  90  90  GLY GLY A . n 
A 1 91  GLU 91  91  91  GLU GLU A . n 
A 1 92  LYS 92  92  92  LYS LYS A . n 
A 1 93  ASP 93  93  93  ASP ASP A . n 
A 1 94  SER 94  94  94  SER SER A . n 
A 1 95  VAL 95  95  95  VAL VAL A . n 
A 1 96  THR 96  96  96  THR THR A . n 
A 1 97  PHE 97  97  97  PHE PHE A . n 
A 1 98  ASP 98  98  98  ASP ASP A . n 
A 1 99  VAL 99  99  99  VAL VAL A . n 
A 1 100 SER 100 100 100 SER SER A . n 
A 1 101 LYS 101 101 101 LYS LYS A . n 
A 1 102 LEU 102 102 102 LEU LEU A . n 
A 1 103 LYS 103 103 103 LYS LYS A . n 
A 1 104 GLU 104 104 104 GLU GLU A . n 
A 1 105 GLY 105 105 105 GLY GLY A . n 
A 1 106 GLU 106 106 106 GLU GLU A . n 
A 1 107 GLN 107 107 107 GLN GLN A . n 
A 1 108 TYR 108 108 108 TYR TYR A . n 
A 1 109 MET 109 109 109 MET MET A . n 
A 1 110 PHE 110 110 110 PHE PHE A . n 
A 1 111 PHE 111 111 111 PHE PHE A . n 
A 1 112 CYS 112 112 112 CYS CYS A . n 
A 1 113 THR 113 113 113 THR THR A . n 
A 1 114 PHE 114 114 114 PHE PHE A . n 
A 1 115 PRO 115 115 115 PRO PRO A . n 
A 1 116 PHE 116 116 116 PHE PHE A . n 
A 1 117 HIS 117 117 117 HIS HIS A . n 
A 1 118 SER 118 118 118 SER SER A . n 
A 1 119 ALA 119 119 119 ALA ALA A . n 
A 1 120 LEU 120 120 120 LEU LEU A . n 
A 1 121 MET 121 121 121 MET MET A . n 
A 1 122 LYS 122 122 122 LYS LYS A . n 
A 1 123 GLY 123 123 123 GLY GLY A . n 
A 1 124 THR 124 124 124 THR THR A . n 
A 1 125 LEU 125 125 125 LEU LEU A . n 
A 1 126 THR 126 126 126 THR THR A . n 
A 1 127 LEU 127 127 127 LEU LEU A . n 
A 1 128 LYS 128 128 128 LYS LYS A . n 
# 
_pdbx_entity_instance_feature.ordinal        1 
_pdbx_entity_instance_feature.comp_id        CU 
_pdbx_entity_instance_feature.asym_id        ? 
_pdbx_entity_instance_feature.seq_num        ? 
_pdbx_entity_instance_feature.auth_comp_id   CU 
_pdbx_entity_instance_feature.auth_asym_id   ? 
_pdbx_entity_instance_feature.auth_seq_num   ? 
_pdbx_entity_instance_feature.feature_type   'SUBJECT OF INVESTIGATION' 
_pdbx_entity_instance_feature.details        ? 
# 
loop_
_pdbx_nonpoly_scheme.asym_id 
_pdbx_nonpoly_scheme.entity_id 
_pdbx_nonpoly_scheme.mon_id 
_pdbx_nonpoly_scheme.ndb_seq_num 
_pdbx_nonpoly_scheme.pdb_seq_num 
_pdbx_nonpoly_scheme.auth_seq_num 
_pdbx_nonpoly_scheme.pdb_mon_id 
_pdbx_nonpoly_scheme.auth_mon_id 
_pdbx_nonpoly_scheme.pdb_strand_id 
_pdbx_nonpoly_scheme.pdb_ins_code 
B 2 TRS 1   201 201 TRS TRS A . 
C 3 CU  1   202 1   CU  CU  A . 
D 3 CU  1   203 2   CU  CU  A . 
E 4 CL  1   204 1   CL  CL  A . 
F 5 HOH 1   301 165 HOH HOH A . 
F 5 HOH 2   302 132 HOH HOH A . 
F 5 HOH 3   303 139 HOH HOH A . 
F 5 HOH 4   304 71  HOH HOH A . 
F 5 HOH 5   305 66  HOH HOH A . 
F 5 HOH 6   306 74  HOH HOH A . 
F 5 HOH 7   307 98  HOH HOH A . 
F 5 HOH 8   308 18  HOH HOH A . 
F 5 HOH 9   309 45  HOH HOH A . 
F 5 HOH 10  310 102 HOH HOH A . 
F 5 HOH 11  311 174 HOH HOH A . 
F 5 HOH 12  312 51  HOH HOH A . 
F 5 HOH 13  313 170 HOH HOH A . 
F 5 HOH 14  314 27  HOH HOH A . 
F 5 HOH 15  315 137 HOH HOH A . 
F 5 HOH 16  316 2   HOH HOH A . 
F 5 HOH 17  317 21  HOH HOH A . 
F 5 HOH 18  318 80  HOH HOH A . 
F 5 HOH 19  319 32  HOH HOH A . 
F 5 HOH 20  320 33  HOH HOH A . 
F 5 HOH 21  321 62  HOH HOH A . 
F 5 HOH 22  322 30  HOH HOH A . 
F 5 HOH 23  323 160 HOH HOH A . 
F 5 HOH 24  324 129 HOH HOH A . 
F 5 HOH 25  325 16  HOH HOH A . 
F 5 HOH 26  326 88  HOH HOH A . 
F 5 HOH 27  327 94  HOH HOH A . 
F 5 HOH 28  328 53  HOH HOH A . 
F 5 HOH 29  329 37  HOH HOH A . 
F 5 HOH 30  330 95  HOH HOH A . 
F 5 HOH 31  331 3   HOH HOH A . 
F 5 HOH 32  332 23  HOH HOH A . 
F 5 HOH 33  333 31  HOH HOH A . 
F 5 HOH 34  334 86  HOH HOH A . 
F 5 HOH 35  335 93  HOH HOH A . 
F 5 HOH 36  336 44  HOH HOH A . 
F 5 HOH 37  337 24  HOH HOH A . 
F 5 HOH 38  338 43  HOH HOH A . 
F 5 HOH 39  339 79  HOH HOH A . 
F 5 HOH 40  340 29  HOH HOH A . 
F 5 HOH 41  341 11  HOH HOH A . 
F 5 HOH 42  342 1   HOH HOH A . 
F 5 HOH 43  343 168 HOH HOH A . 
F 5 HOH 44  344 9   HOH HOH A . 
F 5 HOH 45  345 60  HOH HOH A . 
F 5 HOH 46  346 26  HOH HOH A . 
F 5 HOH 47  347 100 HOH HOH A . 
F 5 HOH 48  348 166 HOH HOH A . 
F 5 HOH 49  349 70  HOH HOH A . 
F 5 HOH 50  350 134 HOH HOH A . 
F 5 HOH 51  351 55  HOH HOH A . 
F 5 HOH 52  352 8   HOH HOH A . 
F 5 HOH 53  353 108 HOH HOH A . 
F 5 HOH 54  354 36  HOH HOH A . 
F 5 HOH 55  355 159 HOH HOH A . 
F 5 HOH 56  356 156 HOH HOH A . 
F 5 HOH 57  357 110 HOH HOH A . 
F 5 HOH 58  358 81  HOH HOH A . 
F 5 HOH 59  359 76  HOH HOH A . 
F 5 HOH 60  360 4   HOH HOH A . 
F 5 HOH 61  361 112 HOH HOH A . 
F 5 HOH 62  362 22  HOH HOH A . 
F 5 HOH 63  363 90  HOH HOH A . 
F 5 HOH 64  364 6   HOH HOH A . 
F 5 HOH 65  365 64  HOH HOH A . 
F 5 HOH 66  366 14  HOH HOH A . 
F 5 HOH 67  367 69  HOH HOH A . 
F 5 HOH 68  368 141 HOH HOH A . 
F 5 HOH 69  369 67  HOH HOH A . 
F 5 HOH 70  370 103 HOH HOH A . 
F 5 HOH 71  371 91  HOH HOH A . 
F 5 HOH 72  372 116 HOH HOH A . 
F 5 HOH 73  373 82  HOH HOH A . 
F 5 HOH 74  374 133 HOH HOH A . 
F 5 HOH 75  375 12  HOH HOH A . 
F 5 HOH 76  376 77  HOH HOH A . 
F 5 HOH 77  377 130 HOH HOH A . 
F 5 HOH 78  378 87  HOH HOH A . 
F 5 HOH 79  379 41  HOH HOH A . 
F 5 HOH 80  380 150 HOH HOH A . 
F 5 HOH 81  381 83  HOH HOH A . 
F 5 HOH 82  382 20  HOH HOH A . 
F 5 HOH 83  383 117 HOH HOH A . 
F 5 HOH 84  384 115 HOH HOH A . 
F 5 HOH 85  385 122 HOH HOH A . 
F 5 HOH 86  386 40  HOH HOH A . 
F 5 HOH 87  387 52  HOH HOH A . 
F 5 HOH 88  388 124 HOH HOH A . 
F 5 HOH 89  389 61  HOH HOH A . 
F 5 HOH 90  390 17  HOH HOH A . 
F 5 HOH 91  391 120 HOH HOH A . 
F 5 HOH 92  392 180 HOH HOH A . 
F 5 HOH 93  393 142 HOH HOH A . 
F 5 HOH 94  394 127 HOH HOH A . 
F 5 HOH 95  395 50  HOH HOH A . 
F 5 HOH 96  396 38  HOH HOH A . 
F 5 HOH 97  397 46  HOH HOH A . 
F 5 HOH 98  398 123 HOH HOH A . 
F 5 HOH 99  399 25  HOH HOH A . 
F 5 HOH 100 400 19  HOH HOH A . 
F 5 HOH 101 401 171 HOH HOH A . 
F 5 HOH 102 402 155 HOH HOH A . 
F 5 HOH 103 403 47  HOH HOH A . 
F 5 HOH 104 404 78  HOH HOH A . 
F 5 HOH 105 405 5   HOH HOH A . 
F 5 HOH 106 406 42  HOH HOH A . 
F 5 HOH 107 407 175 HOH HOH A . 
F 5 HOH 108 408 48  HOH HOH A . 
F 5 HOH 109 409 154 HOH HOH A . 
F 5 HOH 110 410 140 HOH HOH A . 
F 5 HOH 111 411 7   HOH HOH A . 
F 5 HOH 112 412 146 HOH HOH A . 
F 5 HOH 113 413 13  HOH HOH A . 
F 5 HOH 114 414 131 HOH HOH A . 
F 5 HOH 115 415 147 HOH HOH A . 
F 5 HOH 116 416 144 HOH HOH A . 
F 5 HOH 117 417 65  HOH HOH A . 
F 5 HOH 118 418 73  HOH HOH A . 
F 5 HOH 119 419 101 HOH HOH A . 
F 5 HOH 120 420 97  HOH HOH A . 
F 5 HOH 121 421 167 HOH HOH A . 
F 5 HOH 122 422 113 HOH HOH A . 
F 5 HOH 123 423 173 HOH HOH A . 
F 5 HOH 124 424 162 HOH HOH A . 
F 5 HOH 125 425 15  HOH HOH A . 
F 5 HOH 126 426 49  HOH HOH A . 
F 5 HOH 127 427 172 HOH HOH A . 
F 5 HOH 128 428 92  HOH HOH A . 
F 5 HOH 129 429 128 HOH HOH A . 
F 5 HOH 130 430 114 HOH HOH A . 
F 5 HOH 131 431 106 HOH HOH A . 
F 5 HOH 132 432 10  HOH HOH A . 
F 5 HOH 133 433 63  HOH HOH A . 
F 5 HOH 134 434 96  HOH HOH A . 
F 5 HOH 135 435 178 HOH HOH A . 
F 5 HOH 136 436 169 HOH HOH A . 
F 5 HOH 137 437 89  HOH HOH A . 
F 5 HOH 138 438 143 HOH HOH A . 
F 5 HOH 139 439 39  HOH HOH A . 
F 5 HOH 140 440 164 HOH HOH A . 
F 5 HOH 141 441 107 HOH HOH A . 
F 5 HOH 142 442 59  HOH HOH A . 
F 5 HOH 143 443 54  HOH HOH A . 
F 5 HOH 144 444 145 HOH HOH A . 
F 5 HOH 145 445 35  HOH HOH A . 
F 5 HOH 146 446 118 HOH HOH A . 
F 5 HOH 147 447 28  HOH HOH A . 
F 5 HOH 148 448 179 HOH HOH A . 
F 5 HOH 149 449 121 HOH HOH A . 
F 5 HOH 150 450 149 HOH HOH A . 
F 5 HOH 151 451 34  HOH HOH A . 
F 5 HOH 152 452 68  HOH HOH A . 
F 5 HOH 153 453 57  HOH HOH A . 
F 5 HOH 154 454 109 HOH HOH A . 
F 5 HOH 155 455 125 HOH HOH A . 
F 5 HOH 156 456 152 HOH HOH A . 
F 5 HOH 157 457 158 HOH HOH A . 
F 5 HOH 158 458 84  HOH HOH A . 
F 5 HOH 159 459 136 HOH HOH A . 
F 5 HOH 160 460 58  HOH HOH A . 
F 5 HOH 161 461 105 HOH HOH A . 
F 5 HOH 162 462 72  HOH HOH A . 
F 5 HOH 163 463 151 HOH HOH A . 
F 5 HOH 164 464 135 HOH HOH A . 
F 5 HOH 165 465 157 HOH HOH A . 
F 5 HOH 166 466 56  HOH HOH A . 
F 5 HOH 167 467 177 HOH HOH A . 
F 5 HOH 168 468 138 HOH HOH A . 
F 5 HOH 169 469 75  HOH HOH A . 
F 5 HOH 170 470 104 HOH HOH A . 
F 5 HOH 171 471 163 HOH HOH A . 
F 5 HOH 172 472 85  HOH HOH A . 
F 5 HOH 173 473 126 HOH HOH A . 
F 5 HOH 174 474 99  HOH HOH A . 
F 5 HOH 175 475 148 HOH HOH A . 
F 5 HOH 176 476 153 HOH HOH A . 
# 
loop_
_software.citation_id 
_software.classification 
_software.compiler_name 
_software.compiler_version 
_software.contact_author 
_software.contact_author_email 
_software.date 
_software.description 
_software.dependencies 
_software.hardware 
_software.language 
_software.location 
_software.mods 
_software.name 
_software.os 
_software.os_version 
_software.type 
_software.version 
_software.pdbx_ordinal 
? refinement       ? ? ? ? ? ? ? ? ? ? ? PHENIX ? ? ? 1.19.2_4158 1 
? 'data reduction' ? ? ? ? ? ? ? ? ? ? ? DIALS  ? ? ? .           2 
? 'data scaling'   ? ? ? ? ? ? ? ? ? ? ? DIALS  ? ? ? .           3 
? phasing          ? ? ? ? ? ? ? ? ? ? ? PHENIX ? ? ? .           4 
# 
_cell.angle_alpha                  90.000 
_cell.angle_alpha_esd              ? 
_cell.angle_beta                   90.000 
_cell.angle_beta_esd               ? 
_cell.angle_gamma                  90.000 
_cell.angle_gamma_esd              ? 
_cell.entry_id                     7TNC 
_cell.details                      ? 
_cell.formula_units_Z              ? 
_cell.length_a                     49.274 
_cell.length_a_esd                 ? 
_cell.length_b                     73.901 
_cell.length_b_esd                 ? 
_cell.length_c                     77.616 
_cell.length_c_esd                 ? 
_cell.volume                       282634.735 
_cell.volume_esd                   ? 
_cell.Z_PDB                        8 
_cell.reciprocal_angle_alpha       ? 
_cell.reciprocal_angle_beta        ? 
_cell.reciprocal_angle_gamma       ? 
_cell.reciprocal_angle_alpha_esd   ? 
_cell.reciprocal_angle_beta_esd    ? 
_cell.reciprocal_angle_gamma_esd   ? 
_cell.reciprocal_length_a          ? 
_cell.reciprocal_length_b          ? 
_cell.reciprocal_length_c          ? 
_cell.reciprocal_length_a_esd      ? 
_cell.reciprocal_length_b_esd      ? 
_cell.reciprocal_length_c_esd      ? 
_cell.pdbx_unique_axis             ? 
# 
_symmetry.entry_id                         7TNC 
_symmetry.cell_setting                     ? 
_symmetry.Int_Tables_number                23 
_symmetry.space_group_name_Hall            'I 2 2' 
_symmetry.space_group_name_H-M             'I 2 2 2' 
_symmetry.pdbx_full_space_group_name_H-M   ? 
# 
_exptl.absorpt_coefficient_mu     ? 
_exptl.absorpt_correction_T_max   ? 
_exptl.absorpt_correction_T_min   ? 
_exptl.absorpt_correction_type    ? 
_exptl.absorpt_process_details    ? 
_exptl.entry_id                   7TNC 
_exptl.crystals_number            1 
_exptl.details                    ? 
_exptl.method                     'X-RAY DIFFRACTION' 
_exptl.method_details             ? 
# 
_exptl_crystal.colour                      ? 
_exptl_crystal.density_diffrn              ? 
_exptl_crystal.density_Matthews            2.51 
_exptl_crystal.density_method              ? 
_exptl_crystal.density_percent_sol         51.02 
_exptl_crystal.description                 'Diamond-shaped blue crystals.' 
_exptl_crystal.F_000                       ? 
_exptl_crystal.id                          1 
_exptl_crystal.preparation                 ? 
_exptl_crystal.size_max                    ? 
_exptl_crystal.size_mid                    ? 
_exptl_crystal.size_min                    ? 
_exptl_crystal.size_rad                    ? 
_exptl_crystal.colour_lustre               ? 
_exptl_crystal.colour_modifier             ? 
_exptl_crystal.colour_primary              ? 
_exptl_crystal.density_meas                ? 
_exptl_crystal.density_meas_esd            ? 
_exptl_crystal.density_meas_gt             ? 
_exptl_crystal.density_meas_lt             ? 
_exptl_crystal.density_meas_temp           ? 
_exptl_crystal.density_meas_temp_esd       ? 
_exptl_crystal.density_meas_temp_gt        ? 
_exptl_crystal.density_meas_temp_lt        ? 
_exptl_crystal.pdbx_crystal_image_url      ? 
_exptl_crystal.pdbx_crystal_image_format   ? 
_exptl_crystal.pdbx_mosaicity              ? 
_exptl_crystal.pdbx_mosaicity_esd          ? 
# 
_exptl_crystal_grow.apparatus       ? 
_exptl_crystal_grow.atmosphere      ? 
_exptl_crystal_grow.crystal_id      1 
_exptl_crystal_grow.details         ? 
_exptl_crystal_grow.method          'VAPOR DIFFUSION, HANGING DROP' 
_exptl_crystal_grow.method_ref      ? 
_exptl_crystal_grow.pH              ? 
_exptl_crystal_grow.pressure        ? 
_exptl_crystal_grow.pressure_esd    ? 
_exptl_crystal_grow.seeding         ? 
_exptl_crystal_grow.seeding_ref     ? 
_exptl_crystal_grow.temp            277 
_exptl_crystal_grow.temp_details    ? 
_exptl_crystal_grow.temp_esd        ? 
_exptl_crystal_grow.time            ? 
_exptl_crystal_grow.pdbx_details    
;The 1.4 mM apo-protein was prepared in 100 mM pH=5.6 NaOAc buffer. For each well, add 300 uL reservoir buffer containing 100 mM pH=8.0 Tris-HCl, 10 mM CuSO4 and 20% PEG-4000. 3 uL of protein stock was mixed with 1 uL reservoir buffer on the glass slides and sealed on the wells. Diamond-shaped blue crystals grew within 4 days.
;
_exptl_crystal_grow.pdbx_pH_range   ? 
# 
_diffrn.ambient_environment              ? 
_diffrn.ambient_temp                     100 
_diffrn.ambient_temp_details             ? 
_diffrn.ambient_temp_esd                 ? 
_diffrn.crystal_id                       1 
_diffrn.crystal_support                  ? 
_diffrn.crystal_treatment                ? 
_diffrn.details                          ? 
_diffrn.id                               1 
_diffrn.ambient_pressure                 ? 
_diffrn.ambient_pressure_esd             ? 
_diffrn.ambient_pressure_gt              ? 
_diffrn.ambient_pressure_lt              ? 
_diffrn.ambient_temp_gt                  ? 
_diffrn.ambient_temp_lt                  ? 
_diffrn.pdbx_serial_crystal_experiment   N 
# 
_diffrn_detector.details                      ? 
_diffrn_detector.detector                     PIXEL 
_diffrn_detector.diffrn_id                    1 
_diffrn_detector.type                         'DECTRIS PILATUS3 6M' 
_diffrn_detector.area_resol_mean              ? 
_diffrn_detector.dtime                        ? 
_diffrn_detector.pdbx_frames_total            ? 
_diffrn_detector.pdbx_collection_time_total   ? 
_diffrn_detector.pdbx_collection_date         2021-12-09 
_diffrn_detector.pdbx_frequency               ? 
# 
_diffrn_radiation.collimation                      ? 
_diffrn_radiation.diffrn_id                        1 
_diffrn_radiation.filter_edge                      ? 
_diffrn_radiation.inhomogeneity                    ? 
_diffrn_radiation.monochromator                    ? 
_diffrn_radiation.polarisn_norm                    ? 
_diffrn_radiation.polarisn_ratio                   ? 
_diffrn_radiation.probe                            ? 
_diffrn_radiation.type                             ? 
_diffrn_radiation.xray_symbol                      ? 
_diffrn_radiation.wavelength_id                    1 
_diffrn_radiation.pdbx_monochromatic_or_laue_m_l   M 
_diffrn_radiation.pdbx_wavelength_list             ? 
_diffrn_radiation.pdbx_wavelength                  ? 
_diffrn_radiation.pdbx_diffrn_protocol             'SINGLE WAVELENGTH' 
_diffrn_radiation.pdbx_analyzer                    ? 
_diffrn_radiation.pdbx_scattering_type             x-ray 
# 
_diffrn_radiation_wavelength.id           1 
_diffrn_radiation_wavelength.wavelength   1.0 
_diffrn_radiation_wavelength.wt           1.0 
# 
_diffrn_source.current                     ? 
_diffrn_source.details                     ? 
_diffrn_source.diffrn_id                   1 
_diffrn_source.power                       ? 
_diffrn_source.size                        ? 
_diffrn_source.source                      SYNCHROTRON 
_diffrn_source.target                      ? 
_diffrn_source.type                        'ALS BEAMLINE 5.0.2' 
_diffrn_source.voltage                     ? 
_diffrn_source.take-off_angle              ? 
_diffrn_source.pdbx_wavelength_list        1.0 
_diffrn_source.pdbx_wavelength             ? 
_diffrn_source.pdbx_synchrotron_beamline   5.0.2 
_diffrn_source.pdbx_synchrotron_site       ALS 
# 
_reflns.B_iso_Wilson_estimate                          14.83 
_reflns.entry_id                                       7TNC 
_reflns.data_reduction_details                         ? 
_reflns.data_reduction_method                          ? 
_reflns.d_resolution_high                              1.47 
_reflns.d_resolution_low                               41 
_reflns.details                                        ? 
_reflns.limit_h_max                                    ? 
_reflns.limit_h_min                                    ? 
_reflns.limit_k_max                                    ? 
_reflns.limit_k_min                                    ? 
_reflns.limit_l_max                                    ? 
_reflns.limit_l_min                                    ? 
_reflns.number_all                                     ? 
_reflns.number_obs                                     24023 
_reflns.observed_criterion                             ? 
_reflns.observed_criterion_F_max                       ? 
_reflns.observed_criterion_F_min                       ? 
_reflns.observed_criterion_I_max                       ? 
_reflns.observed_criterion_I_min                       ? 
_reflns.observed_criterion_sigma_F                     ? 
_reflns.observed_criterion_sigma_I                     ? 
_reflns.percent_possible_obs                           99 
_reflns.R_free_details                                 ? 
_reflns.Rmerge_F_all                                   ? 
_reflns.Rmerge_F_obs                                   ? 
_reflns.Friedel_coverage                               ? 
_reflns.number_gt                                      ? 
_reflns.threshold_expression                           ? 
_reflns.pdbx_redundancy                                6.0 
_reflns.pdbx_Rmerge_I_obs                              0.09367 
_reflns.pdbx_Rmerge_I_all                              ? 
_reflns.pdbx_Rsym_value                                ? 
_reflns.pdbx_netI_over_av_sigmaI                       ? 
_reflns.pdbx_netI_over_sigmaI                          8.87 
_reflns.pdbx_res_netI_over_av_sigmaI_2                 ? 
_reflns.pdbx_res_netI_over_sigmaI_2                    ? 
_reflns.pdbx_chi_squared                               ? 
_reflns.pdbx_scaling_rejects                           ? 
_reflns.pdbx_d_res_high_opt                            ? 
_reflns.pdbx_d_res_low_opt                             ? 
_reflns.pdbx_d_res_opt_method                          ? 
_reflns.phase_calculation_details                      ? 
_reflns.pdbx_Rrim_I_all                                0.103 
_reflns.pdbx_Rpim_I_all                                ? 
_reflns.pdbx_d_opt                                     ? 
_reflns.pdbx_number_measured_all                       ? 
_reflns.pdbx_diffrn_id                                 1 
_reflns.pdbx_ordinal                                   1 
_reflns.pdbx_CC_half                                   0.995 
_reflns.pdbx_CC_star                                   0.999 
_reflns.pdbx_R_split                                   ? 
_reflns.pdbx_aniso_diffraction_limit_axis_1_ortho[1]   ? 
_reflns.pdbx_aniso_diffraction_limit_axis_1_ortho[2]   ? 
_reflns.pdbx_aniso_diffraction_limit_axis_1_ortho[3]   ? 
_reflns.pdbx_aniso_diffraction_limit_axis_2_ortho[1]   ? 
_reflns.pdbx_aniso_diffraction_limit_axis_2_ortho[2]   ? 
_reflns.pdbx_aniso_diffraction_limit_axis_2_ortho[3]   ? 
_reflns.pdbx_aniso_diffraction_limit_axis_3_ortho[1]   ? 
_reflns.pdbx_aniso_diffraction_limit_axis_3_ortho[2]   ? 
_reflns.pdbx_aniso_diffraction_limit_axis_3_ortho[3]   ? 
_reflns.pdbx_aniso_diffraction_limit_1                 ? 
_reflns.pdbx_aniso_diffraction_limit_2                 ? 
_reflns.pdbx_aniso_diffraction_limit_3                 ? 
_reflns.pdbx_aniso_B_tensor_eigenvector_1_ortho[1]     ? 
_reflns.pdbx_aniso_B_tensor_eigenvector_1_ortho[2]     ? 
_reflns.pdbx_aniso_B_tensor_eigenvector_1_ortho[3]     ? 
_reflns.pdbx_aniso_B_tensor_eigenvector_2_ortho[1]     ? 
_reflns.pdbx_aniso_B_tensor_eigenvector_2_ortho[2]     ? 
_reflns.pdbx_aniso_B_tensor_eigenvector_2_ortho[3]     ? 
_reflns.pdbx_aniso_B_tensor_eigenvector_3_ortho[1]     ? 
_reflns.pdbx_aniso_B_tensor_eigenvector_3_ortho[2]     ? 
_reflns.pdbx_aniso_B_tensor_eigenvector_3_ortho[3]     ? 
_reflns.pdbx_aniso_B_tensor_eigenvalue_1               ? 
_reflns.pdbx_aniso_B_tensor_eigenvalue_2               ? 
_reflns.pdbx_aniso_B_tensor_eigenvalue_3               ? 
_reflns.pdbx_orthogonalization_convention              ? 
_reflns.pdbx_percent_possible_ellipsoidal              ? 
_reflns.pdbx_percent_possible_spherical                ? 
_reflns.pdbx_percent_possible_ellipsoidal_anomalous    ? 
_reflns.pdbx_percent_possible_spherical_anomalous      ? 
_reflns.pdbx_redundancy_anomalous                      ? 
_reflns.pdbx_CC_half_anomalous                         ? 
_reflns.pdbx_absDiff_over_sigma_anomalous              ? 
_reflns.pdbx_percent_possible_anomalous                ? 
_reflns.pdbx_observed_signal_threshold                 ? 
_reflns.pdbx_signal_type                               ? 
_reflns.pdbx_signal_details                            ? 
_reflns.pdbx_signal_software_id                        ? 
# 
_reflns_shell.d_res_high                                    1.47 
_reflns_shell.d_res_low                                     1.523 
_reflns_shell.meanI_over_sigI_all                           ? 
_reflns_shell.meanI_over_sigI_obs                           2.70 
_reflns_shell.number_measured_all                           ? 
_reflns_shell.number_measured_obs                           ? 
_reflns_shell.number_possible                               ? 
_reflns_shell.number_unique_all                             ? 
_reflns_shell.number_unique_obs                             2009 
_reflns_shell.percent_possible_all                          ? 
_reflns_shell.percent_possible_obs                          ? 
_reflns_shell.Rmerge_F_all                                  ? 
_reflns_shell.Rmerge_F_obs                                  ? 
_reflns_shell.Rmerge_I_all                                  ? 
_reflns_shell.Rmerge_I_obs                                  0.3451 
_reflns_shell.meanI_over_sigI_gt                            ? 
_reflns_shell.meanI_over_uI_all                             ? 
_reflns_shell.meanI_over_uI_gt                              ? 
_reflns_shell.number_measured_gt                            ? 
_reflns_shell.number_unique_gt                              ? 
_reflns_shell.percent_possible_gt                           ? 
_reflns_shell.Rmerge_F_gt                                   ? 
_reflns_shell.Rmerge_I_gt                                   ? 
_reflns_shell.pdbx_redundancy                               ? 
_reflns_shell.pdbx_Rsym_value                               ? 
_reflns_shell.pdbx_chi_squared                              ? 
_reflns_shell.pdbx_netI_over_sigmaI_all                     ? 
_reflns_shell.pdbx_netI_over_sigmaI_obs                     ? 
_reflns_shell.pdbx_Rrim_I_all                               0.3949 
_reflns_shell.pdbx_Rpim_I_all                               ? 
_reflns_shell.pdbx_rejects                                  ? 
_reflns_shell.pdbx_ordinal                                  1 
_reflns_shell.pdbx_diffrn_id                                1 
_reflns_shell.pdbx_CC_half                                  0.891 
_reflns_shell.pdbx_CC_star                                  0.971 
_reflns_shell.pdbx_R_split                                  ? 
_reflns_shell.pdbx_percent_possible_ellipsoidal             ? 
_reflns_shell.pdbx_percent_possible_spherical               ? 
_reflns_shell.pdbx_percent_possible_ellipsoidal_anomalous   ? 
_reflns_shell.pdbx_percent_possible_spherical_anomalous     ? 
_reflns_shell.pdbx_redundancy_anomalous                     ? 
_reflns_shell.pdbx_CC_half_anomalous                        ? 
_reflns_shell.pdbx_absDiff_over_sigma_anomalous             ? 
_reflns_shell.pdbx_percent_possible_anomalous               ? 
# 
_refine.aniso_B[1][1]                            ? 
_refine.aniso_B[1][2]                            ? 
_refine.aniso_B[1][3]                            ? 
_refine.aniso_B[2][2]                            ? 
_refine.aniso_B[2][3]                            ? 
_refine.aniso_B[3][3]                            ? 
_refine.B_iso_max                                ? 
_refine.B_iso_mean                               22.48 
_refine.B_iso_min                                ? 
_refine.correlation_coeff_Fo_to_Fc               ? 
_refine.correlation_coeff_Fo_to_Fc_free          ? 
_refine.details                                  ? 
_refine.diff_density_max                         ? 
_refine.diff_density_max_esd                     ? 
_refine.diff_density_min                         ? 
_refine.diff_density_min_esd                     ? 
_refine.diff_density_rms                         ? 
_refine.diff_density_rms_esd                     ? 
_refine.entry_id                                 7TNC 
_refine.pdbx_refine_id                           'X-RAY DIFFRACTION' 
_refine.ls_abs_structure_details                 ? 
_refine.ls_abs_structure_Flack                   ? 
_refine.ls_abs_structure_Flack_esd               ? 
_refine.ls_abs_structure_Rogers                  ? 
_refine.ls_abs_structure_Rogers_esd              ? 
_refine.ls_d_res_high                            1.47 
_refine.ls_d_res_low                             41.00 
_refine.ls_extinction_coef                       ? 
_refine.ls_extinction_coef_esd                   ? 
_refine.ls_extinction_expression                 ? 
_refine.ls_extinction_method                     ? 
_refine.ls_goodness_of_fit_all                   ? 
_refine.ls_goodness_of_fit_all_esd               ? 
_refine.ls_goodness_of_fit_obs                   ? 
_refine.ls_goodness_of_fit_obs_esd               ? 
_refine.ls_hydrogen_treatment                    ? 
_refine.ls_matrix_type                           ? 
_refine.ls_number_constraints                    ? 
_refine.ls_number_parameters                     ? 
_refine.ls_number_reflns_all                     ? 
_refine.ls_number_reflns_obs                     24023 
_refine.ls_number_reflns_R_free                  2350 
_refine.ls_number_reflns_R_work                  42462 
_refine.ls_number_restraints                     ? 
_refine.ls_percent_reflns_obs                    96.11 
_refine.ls_percent_reflns_R_free                 5.24 
_refine.ls_R_factor_all                          ? 
_refine.ls_R_factor_obs                          0.2061 
_refine.ls_R_factor_R_free                       0.2373 
_refine.ls_R_factor_R_free_error                 ? 
_refine.ls_R_factor_R_free_error_details         ? 
_refine.ls_R_factor_R_work                       0.2044 
_refine.ls_R_Fsqd_factor_obs                     ? 
_refine.ls_R_I_factor_obs                        ? 
_refine.ls_redundancy_reflns_all                 ? 
_refine.ls_redundancy_reflns_obs                 ? 
_refine.ls_restrained_S_all                      ? 
_refine.ls_restrained_S_obs                      ? 
_refine.ls_shift_over_esd_max                    ? 
_refine.ls_shift_over_esd_mean                   ? 
_refine.ls_structure_factor_coef                 ? 
_refine.ls_weighting_details                     ? 
_refine.ls_weighting_scheme                      ? 
_refine.ls_wR_factor_all                         ? 
_refine.ls_wR_factor_obs                         ? 
_refine.ls_wR_factor_R_free                      ? 
_refine.ls_wR_factor_R_work                      ? 
_refine.occupancy_max                            ? 
_refine.occupancy_min                            ? 
_refine.solvent_model_details                    'FLAT BULK SOLVENT MODEL' 
_refine.solvent_model_param_bsol                 ? 
_refine.solvent_model_param_ksol                 ? 
_refine.pdbx_R_complete                          ? 
_refine.ls_R_factor_gt                           ? 
_refine.ls_goodness_of_fit_gt                    ? 
_refine.ls_goodness_of_fit_ref                   ? 
_refine.ls_shift_over_su_max                     ? 
_refine.ls_shift_over_su_max_lt                  ? 
_refine.ls_shift_over_su_mean                    ? 
_refine.ls_shift_over_su_mean_lt                 ? 
_refine.pdbx_ls_sigma_I                          ? 
_refine.pdbx_ls_sigma_F                          1.34 
_refine.pdbx_ls_sigma_Fsqd                       ? 
_refine.pdbx_data_cutoff_high_absF               ? 
_refine.pdbx_data_cutoff_high_rms_absF           ? 
_refine.pdbx_data_cutoff_low_absF                ? 
_refine.pdbx_isotropic_thermal_model             ? 
_refine.pdbx_ls_cross_valid_method               'FREE R-VALUE' 
_refine.pdbx_method_to_determine_struct          'MOLECULAR REPLACEMENT' 
_refine.pdbx_starting_model                      4azu 
_refine.pdbx_stereochemistry_target_values       'GeoStd + Monomer Library + CDL v1.2' 
_refine.pdbx_R_Free_selection_details            ? 
_refine.pdbx_stereochem_target_val_spec_case     ? 
_refine.pdbx_overall_ESU_R                       ? 
_refine.pdbx_overall_ESU_R_Free                  ? 
_refine.pdbx_solvent_vdw_probe_radii             1.1100 
_refine.pdbx_solvent_ion_probe_radii             ? 
_refine.pdbx_solvent_shrinkage_radii             0.9000 
_refine.pdbx_real_space_R                        ? 
_refine.pdbx_density_correlation                 ? 
_refine.pdbx_pd_number_of_powder_patterns        ? 
_refine.pdbx_pd_number_of_points                 ? 
_refine.pdbx_pd_meas_number_of_points            ? 
_refine.pdbx_pd_proc_ls_prof_R_factor            ? 
_refine.pdbx_pd_proc_ls_prof_wR_factor           ? 
_refine.pdbx_pd_Marquardt_correlation_coeff      ? 
_refine.pdbx_pd_Fsqrd_R_factor                   ? 
_refine.pdbx_pd_ls_matrix_band_width             ? 
_refine.pdbx_overall_phase_error                 27.0246 
_refine.pdbx_overall_SU_R_free_Cruickshank_DPI   ? 
_refine.pdbx_overall_SU_R_free_Blow_DPI          ? 
_refine.pdbx_overall_SU_R_Blow_DPI               ? 
_refine.pdbx_TLS_residual_ADP_flag               ? 
_refine.pdbx_diffrn_id                           1 
_refine.overall_SU_B                             ? 
_refine.overall_SU_ML                            0.1959 
_refine.overall_SU_R_Cruickshank_DPI             ? 
_refine.overall_SU_R_free                        ? 
_refine.overall_FOM_free_R_set                   ? 
_refine.overall_FOM_work_R_set                   ? 
_refine.pdbx_average_fsc_overall                 ? 
_refine.pdbx_average_fsc_work                    ? 
_refine.pdbx_average_fsc_free                    ? 
# 
_refine_hist.pdbx_refine_id                   'X-RAY DIFFRACTION' 
_refine_hist.cycle_id                         LAST 
_refine_hist.details                          ? 
_refine_hist.d_res_high                       1.47 
_refine_hist.d_res_low                        41.00 
_refine_hist.number_atoms_solvent             176 
_refine_hist.number_atoms_total               1171 
_refine_hist.number_reflns_all                ? 
_refine_hist.number_reflns_obs                ? 
_refine_hist.number_reflns_R_free             ? 
_refine_hist.number_reflns_R_work             ? 
_refine_hist.R_factor_all                     ? 
_refine_hist.R_factor_obs                     ? 
_refine_hist.R_factor_R_free                  ? 
_refine_hist.R_factor_R_work                  ? 
_refine_hist.pdbx_number_residues_total       ? 
_refine_hist.pdbx_B_iso_mean_ligand           ? 
_refine_hist.pdbx_B_iso_mean_solvent          ? 
_refine_hist.pdbx_number_atoms_protein        984 
_refine_hist.pdbx_number_atoms_nucleic_acid   0 
_refine_hist.pdbx_number_atoms_ligand         11 
_refine_hist.pdbx_number_atoms_lipid          ? 
_refine_hist.pdbx_number_atoms_carb           ? 
_refine_hist.pdbx_pseudo_atom_details         ? 
# 
loop_
_refine_ls_restr.pdbx_refine_id 
_refine_ls_restr.criterion 
_refine_ls_restr.dev_ideal 
_refine_ls_restr.dev_ideal_target 
_refine_ls_restr.number 
_refine_ls_restr.rejects 
_refine_ls_restr.type 
_refine_ls_restr.weight 
_refine_ls_restr.pdbx_restraint_function 
'X-RAY DIFFRACTION' ? 0.0058  ? 1028 ? f_bond_d           ? ? 
'X-RAY DIFFRACTION' ? 0.8646  ? 1391 ? f_angle_d          ? ? 
'X-RAY DIFFRACTION' ? 0.0812  ? 155  ? f_chiral_restr     ? ? 
'X-RAY DIFFRACTION' ? 0.0042  ? 181  ? f_plane_restr      ? ? 
'X-RAY DIFFRACTION' ? 15.6121 ? 375  ? f_dihedral_angle_d ? ? 
# 
loop_
_refine_ls_shell.pdbx_refine_id 
_refine_ls_shell.d_res_high 
_refine_ls_shell.d_res_low 
_refine_ls_shell.number_reflns_all 
_refine_ls_shell.number_reflns_obs 
_refine_ls_shell.number_reflns_R_free 
_refine_ls_shell.number_reflns_R_work 
_refine_ls_shell.percent_reflns_obs 
_refine_ls_shell.percent_reflns_R_free 
_refine_ls_shell.R_factor_all 
_refine_ls_shell.R_factor_obs 
_refine_ls_shell.R_factor_R_free 
_refine_ls_shell.R_factor_R_free_error 
_refine_ls_shell.R_factor_R_work 
_refine_ls_shell.redundancy_reflns_all 
_refine_ls_shell.redundancy_reflns_obs 
_refine_ls_shell.wR_factor_all 
_refine_ls_shell.wR_factor_obs 
_refine_ls_shell.wR_factor_R_free 
_refine_ls_shell.wR_factor_R_work 
_refine_ls_shell.pdbx_R_complete 
_refine_ls_shell.pdbx_total_number_of_bins_used 
_refine_ls_shell.pdbx_phase_error 
_refine_ls_shell.pdbx_fsc_work 
_refine_ls_shell.pdbx_fsc_free 
'X-RAY DIFFRACTION' 1.47 1.50  . . 86  1767 67.63  . . . 0.3073 . 0.3001 . . . . . . . . . . . 
'X-RAY DIFFRACTION' 1.50 1.53  . . 104 2018 77.59  . . . 0.3309 . 0.2925 . . . . . . . . . . . 
'X-RAY DIFFRACTION' 1.53 1.57  . . 136 2380 92.57  . . . 0.3817 . 0.2782 . . . . . . . . . . . 
'X-RAY DIFFRACTION' 1.57 1.61  . . 162 2601 99.60  . . . 0.3050 . 0.2773 . . . . . . . . . . . 
'X-RAY DIFFRACTION' 1.61 1.65  . . 138 2585 99.78  . . . 0.2809 . 0.2642 . . . . . . . . . . . 
'X-RAY DIFFRACTION' 1.65 1.70  . . 146 2606 99.67  . . . 0.3083 . 0.2573 . . . . . . . . . . . 
'X-RAY DIFFRACTION' 1.70 1.75  . . 167 2548 99.16  . . . 0.2762 . 0.2707 . . . . . . . . . . . 
'X-RAY DIFFRACTION' 1.75 1.82  . . 93  2609 99.52  . . . 0.2396 . 0.2528 . . . . . . . . . . . 
'X-RAY DIFFRACTION' 1.82 1.89  . . 140 2632 99.93  . . . 0.3706 . 0.2514 . . . . . . . . . . . 
'X-RAY DIFFRACTION' 1.89 1.98  . . 176 2558 99.82  . . . 0.2586 . 0.2335 . . . . . . . . . . . 
'X-RAY DIFFRACTION' 1.98 2.08  . . 151 2543 99.30  . . . 0.2603 . 0.2193 . . . . . . . . . . . 
'X-RAY DIFFRACTION' 2.08 2.21  . . 173 2545 99.56  . . . 0.2583 . 0.2094 . . . . . . . . . . . 
'X-RAY DIFFRACTION' 2.21 2.38  . . 139 2625 100.00 . . . 0.2772 . 0.2128 . . . . . . . . . . . 
'X-RAY DIFFRACTION' 2.38 2.62  . . 151 2597 99.96  . . . 0.2322 . 0.2055 . . . . . . . . . . . 
'X-RAY DIFFRACTION' 2.62 3.00  . . 107 2625 99.93  . . . 0.2130 . 0.1814 . . . . . . . . . . . 
'X-RAY DIFFRACTION' 3.00 3.78  . . 135 2614 100.00 . . . 0.2021 . 0.1679 . . . . . . . . . . . 
'X-RAY DIFFRACTION' 3.78 41.00 . . 146 2609 99.89  . . . 0.1572 . 0.1497 . . . . . . . . . . . 
# 
_struct.entry_id                     7TNC 
_struct.title                        'M13F/G116F Pseudomonas aeruginosa azurin' 
_struct.pdbx_model_details           ? 
_struct.pdbx_formula_weight          ? 
_struct.pdbx_formula_weight_method   ? 
_struct.pdbx_model_type_details      ? 
_struct.pdbx_CASP_flag               N 
# 
_struct_keywords.entry_id        7TNC 
_struct_keywords.text            'Electron transfer protein, ELECTRON TRANSPORT' 
_struct_keywords.pdbx_keywords   'ELECTRON TRANSPORT' 
# 
loop_
_struct_asym.id 
_struct_asym.pdbx_blank_PDB_chainid_flag 
_struct_asym.pdbx_modified 
_struct_asym.entity_id 
_struct_asym.details 
A N N 1 ? 
B N N 2 ? 
C N N 3 ? 
D N N 3 ? 
E N N 4 ? 
F N N 5 ? 
# 
_struct_ref.id                         1 
_struct_ref.db_name                    UNP 
_struct_ref.db_code                    AZUR_PSEAE 
_struct_ref.pdbx_db_accession          P00282 
_struct_ref.pdbx_db_isoform            ? 
_struct_ref.entity_id                  1 
_struct_ref.pdbx_seq_one_letter_code   
;AECSVDIQGNDQMQFNTNAITVDKSCKQFTVNLSHPGNLPKNVMGHNWVLSTAADMQGVVTDGMASGLDKDYLKPDDSRV
IAHTKLIGSGEKDSVTFDVSKLKEGEQYMFFCTFPGHSALMKGTLTLK
;
_struct_ref.pdbx_align_begin           21 
# 
_struct_ref_seq.align_id                      1 
_struct_ref_seq.ref_id                        1 
_struct_ref_seq.pdbx_PDB_id_code              7TNC 
_struct_ref_seq.pdbx_strand_id                A 
_struct_ref_seq.seq_align_beg                 1 
_struct_ref_seq.pdbx_seq_align_beg_ins_code   ? 
_struct_ref_seq.seq_align_end                 128 
_struct_ref_seq.pdbx_seq_align_end_ins_code   ? 
_struct_ref_seq.pdbx_db_accession             P00282 
_struct_ref_seq.db_align_beg                  21 
_struct_ref_seq.pdbx_db_align_beg_ins_code    ? 
_struct_ref_seq.db_align_end                  148 
_struct_ref_seq.pdbx_db_align_end_ins_code    ? 
_struct_ref_seq.pdbx_auth_seq_align_beg       1 
_struct_ref_seq.pdbx_auth_seq_align_end       128 
# 
loop_
_struct_ref_seq_dif.align_id 
_struct_ref_seq_dif.pdbx_pdb_id_code 
_struct_ref_seq_dif.mon_id 
_struct_ref_seq_dif.pdbx_pdb_strand_id 
_struct_ref_seq_dif.seq_num 
_struct_ref_seq_dif.pdbx_pdb_ins_code 
_struct_ref_seq_dif.pdbx_seq_db_name 
_struct_ref_seq_dif.pdbx_seq_db_accession_code 
_struct_ref_seq_dif.db_mon_id 
_struct_ref_seq_dif.pdbx_seq_db_seq_num 
_struct_ref_seq_dif.details 
_struct_ref_seq_dif.pdbx_auth_seq_num 
_struct_ref_seq_dif.pdbx_ordinal 
1 7TNC PHE A 13  ? UNP P00282 MET 33  'engineered mutation' 13  1 
1 7TNC PHE A 116 ? UNP P00282 GLY 136 'engineered mutation' 116 2 
# 
_pdbx_struct_assembly.id                   1 
_pdbx_struct_assembly.details              author_and_software_defined_assembly 
_pdbx_struct_assembly.method_details       PISA 
_pdbx_struct_assembly.oligomeric_details   tetrameric 
_pdbx_struct_assembly.oligomeric_count     4 
# 
loop_
_pdbx_struct_assembly_prop.biol_id 
_pdbx_struct_assembly_prop.type 
_pdbx_struct_assembly_prop.value 
_pdbx_struct_assembly_prop.details 
1 'ABSA (A^2)' 6190  ? 
1 MORE         -50   ? 
1 'SSA (A^2)'  22090 ? 
# 
_pdbx_struct_assembly_gen.assembly_id       1 
_pdbx_struct_assembly_gen.oper_expression   1,2,3,4 
_pdbx_struct_assembly_gen.asym_id_list      A,B,C,D,E,F 
# 
_pdbx_struct_assembly_auth_evidence.id                     1 
_pdbx_struct_assembly_auth_evidence.assembly_id            1 
_pdbx_struct_assembly_auth_evidence.experimental_support   none 
_pdbx_struct_assembly_auth_evidence.details                ? 
# 
loop_
_pdbx_struct_oper_list.id 
_pdbx_struct_oper_list.type 
_pdbx_struct_oper_list.name 
_pdbx_struct_oper_list.symmetry_operation 
_pdbx_struct_oper_list.matrix[1][1] 
_pdbx_struct_oper_list.matrix[1][2] 
_pdbx_struct_oper_list.matrix[1][3] 
_pdbx_struct_oper_list.vector[1] 
_pdbx_struct_oper_list.matrix[2][1] 
_pdbx_struct_oper_list.matrix[2][2] 
_pdbx_struct_oper_list.matrix[2][3] 
_pdbx_struct_oper_list.vector[2] 
_pdbx_struct_oper_list.matrix[3][1] 
_pdbx_struct_oper_list.matrix[3][2] 
_pdbx_struct_oper_list.matrix[3][3] 
_pdbx_struct_oper_list.vector[3] 
1 'identity operation'         1_555 x,y,z     1.0000000000  0.0000000000  0.0000000000  0.0000000000  0.0000000000  1.0000000000  0.0000000000  0.0000000000   0.0000000000  0.0000000000  1.0000000000  0.0000000000   
2 'crystal symmetry operation' 2_455 -x-1,-y,z -0.1915585221 0.1281467425  0.9730795163  21.5277023881 0.1281467425  -0.9796873514 0.1542436573  -11.9422442597 0.9730795163  0.1542436573  0.1712458735  -16.3126728789 
3 'crystal symmetry operation' 3_455 -x-1,y,-z -0.5577748193 -0.7869652371 -0.2637668790 22.9428498181 -0.7869652371 0.4004500683  0.4693883875  10.7839841479  -0.2637668790 0.4693883875  -0.8426752490 6.2907263796   
4 'crystal symmetry operation' 4_555 x,-y,-z   -0.2506666586 0.6588184946  -0.7093126373 24.6361134069 0.6588184946  -0.4207627169 -0.6236320448 -18.5968210151 -0.7093126373 -0.6236320448 -0.3285706245 8.7531664130 
# 
loop_
_struct_conf.conf_type_id 
_struct_conf.id 
_struct_conf.pdbx_PDB_helix_id 
_struct_conf.beg_label_comp_id 
_struct_conf.beg_label_asym_id 
_struct_conf.beg_label_seq_id 
_struct_conf.pdbx_beg_PDB_ins_code 
_struct_conf.end_label_comp_id 
_struct_conf.end_label_asym_id 
_struct_conf.end_label_seq_id 
_struct_conf.pdbx_end_PDB_ins_code 
_struct_conf.beg_auth_comp_id 
_struct_conf.beg_auth_asym_id 
_struct_conf.beg_auth_seq_id 
_struct_conf.end_auth_comp_id 
_struct_conf.end_auth_asym_id 
_struct_conf.end_auth_seq_id 
_struct_conf.pdbx_PDB_helix_class 
_struct_conf.details 
_struct_conf.pdbx_PDB_helix_length 
HELX_P HELX_P1 AA1 PRO A 40  ? GLY A 45  ? PRO A 40  GLY A 45  1 ? 6  
HELX_P HELX_P2 AA2 ASP A 55  ? ALA A 65  ? ASP A 55  ALA A 65  1 ? 11 
HELX_P HELX_P3 AA3 SER A 66  ? ASP A 71  ? SER A 66  ASP A 71  5 ? 6  
HELX_P HELX_P4 AA4 SER A 100 ? LEU A 102 ? SER A 100 LEU A 102 5 ? 3  
HELX_P HELX_P5 AA5 PHE A 116 ? LEU A 120 ? PHE A 116 LEU A 120 5 ? 5  
# 
_struct_conf_type.id          HELX_P 
_struct_conf_type.criteria    ? 
_struct_conf_type.reference   ? 
# 
loop_
_struct_conn.id 
_struct_conn.conn_type_id 
_struct_conn.pdbx_leaving_atom_flag 
_struct_conn.pdbx_PDB_id 
_struct_conn.ptnr1_label_asym_id 
_struct_conn.ptnr1_label_comp_id 
_struct_conn.ptnr1_label_seq_id 
_struct_conn.ptnr1_label_atom_id 
_struct_conn.pdbx_ptnr1_label_alt_id 
_struct_conn.pdbx_ptnr1_PDB_ins_code 
_struct_conn.pdbx_ptnr1_standard_comp_id 
_struct_conn.ptnr1_symmetry 
_struct_conn.ptnr2_label_asym_id 
_struct_conn.ptnr2_label_comp_id 
_struct_conn.ptnr2_label_seq_id 
_struct_conn.ptnr2_label_atom_id 
_struct_conn.pdbx_ptnr2_label_alt_id 
_struct_conn.pdbx_ptnr2_PDB_ins_code 
_struct_conn.ptnr1_auth_asym_id 
_struct_conn.ptnr1_auth_comp_id 
_struct_conn.ptnr1_auth_seq_id 
_struct_conn.ptnr2_auth_asym_id 
_struct_conn.ptnr2_auth_comp_id 
_struct_conn.ptnr2_auth_seq_id 
_struct_conn.ptnr2_symmetry 
_struct_conn.pdbx_ptnr3_label_atom_id 
_struct_conn.pdbx_ptnr3_label_seq_id 
_struct_conn.pdbx_ptnr3_label_comp_id 
_struct_conn.pdbx_ptnr3_label_asym_id 
_struct_conn.pdbx_ptnr3_label_alt_id 
_struct_conn.pdbx_ptnr3_PDB_ins_code 
_struct_conn.details 
_struct_conn.pdbx_dist_value 
_struct_conn.pdbx_value_order 
_struct_conn.pdbx_role 
disulf1  disulf ? ? A CYS 3   SG  ? ? ? 1_555 A CYS 26 SG ? ? A CYS 3   A CYS 26  1_555 ? ? ? ? ? ? ? 2.043 ? ? 
metalc1  metalc ? ? A ALA 1   N   ? ? ? 1_555 D CU  .  CU B ? A ALA 1   A CU  203 1_555 ? ? ? ? ? ? ? 2.031 ? ? 
metalc2  metalc ? ? A ALA 1   O   ? ? ? 1_555 D CU  .  CU B ? A ALA 1   A CU  203 1_555 ? ? ? ? ? ? ? 2.181 ? ? 
metalc3  metalc ? ? A HIS 46  ND1 ? ? ? 1_555 C CU  .  CU ? ? A HIS 46  A CU  202 1_555 ? ? ? ? ? ? ? 2.023 ? ? 
metalc4  metalc ? ? A HIS 83  NE2 ? ? ? 1_555 D CU  .  CU B ? A HIS 83  A CU  203 8_544 ? ? ? ? ? ? ? 2.487 ? ? 
metalc5  metalc ? ? A HIS 83  NE2 ? ? ? 1_555 D CU  .  CU A ? A HIS 83  A CU  203 8_544 ? ? ? ? ? ? ? 1.862 ? ? 
metalc6  metalc ? ? A CYS 112 SG  ? ? ? 1_555 C CU  .  CU ? ? A CYS 112 A CU  202 1_555 ? ? ? ? ? ? ? 2.267 ? ? 
metalc7  metalc ? ? A HIS 117 ND1 ? ? ? 1_555 C CU  .  CU ? ? A HIS 117 A CU  202 1_555 ? ? ? ? ? ? ? 2.032 ? ? 
metalc8  metalc ? ? B TRS .   N   ? ? ? 1_555 D CU  .  CU B ? A TRS 201 A CU  203 8_544 ? ? ? ? ? ? ? 2.281 ? ? 
metalc9  metalc ? ? B TRS .   N   ? ? ? 1_555 D CU  .  CU A ? A TRS 201 A CU  203 8_544 ? ? ? ? ? ? ? 1.846 ? ? 
metalc10 metalc ? ? B TRS .   O3  ? ? ? 1_555 D CU  .  CU B ? A TRS 201 A CU  203 8_544 ? ? ? ? ? ? ? 2.346 ? ? 
metalc11 metalc ? ? D CU  .   CU  A ? ? 1_555 F HOH .  O  ? ? A CU  203 A HOH 332 1_555 ? ? ? ? ? ? ? 2.506 ? ? 
metalc12 metalc ? ? D CU  .   CU  B ? ? 1_555 F HOH .  O  ? ? A CU  203 A HOH 332 1_555 ? ? ? ? ? ? ? 2.445 ? ? 
# 
loop_
_struct_conn_type.id 
_struct_conn_type.criteria 
_struct_conn_type.reference 
disulf ? ? 
metalc ? ? 
# 
loop_
_pdbx_struct_conn_angle.id 
_pdbx_struct_conn_angle.ptnr1_label_atom_id 
_pdbx_struct_conn_angle.ptnr1_label_alt_id 
_pdbx_struct_conn_angle.ptnr1_label_asym_id 
_pdbx_struct_conn_angle.ptnr1_label_comp_id 
_pdbx_struct_conn_angle.ptnr1_label_seq_id 
_pdbx_struct_conn_angle.ptnr1_auth_atom_id 
_pdbx_struct_conn_angle.ptnr1_auth_asym_id 
_pdbx_struct_conn_angle.ptnr1_auth_comp_id 
_pdbx_struct_conn_angle.ptnr1_auth_seq_id 
_pdbx_struct_conn_angle.ptnr1_PDB_ins_code 
_pdbx_struct_conn_angle.ptnr1_symmetry 
_pdbx_struct_conn_angle.ptnr2_label_atom_id 
_pdbx_struct_conn_angle.ptnr2_label_alt_id 
_pdbx_struct_conn_angle.ptnr2_label_asym_id 
_pdbx_struct_conn_angle.ptnr2_label_comp_id 
_pdbx_struct_conn_angle.ptnr2_label_seq_id 
_pdbx_struct_conn_angle.ptnr2_auth_atom_id 
_pdbx_struct_conn_angle.ptnr2_auth_asym_id 
_pdbx_struct_conn_angle.ptnr2_auth_comp_id 
_pdbx_struct_conn_angle.ptnr2_auth_seq_id 
_pdbx_struct_conn_angle.ptnr2_PDB_ins_code 
_pdbx_struct_conn_angle.ptnr2_symmetry 
_pdbx_struct_conn_angle.ptnr3_label_atom_id 
_pdbx_struct_conn_angle.ptnr3_label_alt_id 
_pdbx_struct_conn_angle.ptnr3_label_asym_id 
_pdbx_struct_conn_angle.ptnr3_label_comp_id 
_pdbx_struct_conn_angle.ptnr3_label_seq_id 
_pdbx_struct_conn_angle.ptnr3_auth_atom_id 
_pdbx_struct_conn_angle.ptnr3_auth_asym_id 
_pdbx_struct_conn_angle.ptnr3_auth_comp_id 
_pdbx_struct_conn_angle.ptnr3_auth_seq_id 
_pdbx_struct_conn_angle.ptnr3_PDB_ins_code 
_pdbx_struct_conn_angle.ptnr3_symmetry 
_pdbx_struct_conn_angle.value 
_pdbx_struct_conn_angle.value_esd 
1  N   ? A ALA 1   ? A ALA 1   ? 1_555 CU B D CU . ? A CU 203 ? 1_555 O   ? A ALA 1   ? A ALA 1   ? 1_555 80.6  ? 
2  N   ? A ALA 1   ? A ALA 1   ? 1_555 CU B D CU . ? A CU 203 ? 1_555 NE2 ? A HIS 83  ? A HIS 83  ? 1_555 123.5 ? 
3  O   ? A ALA 1   ? A ALA 1   ? 1_555 CU B D CU . ? A CU 203 ? 1_555 NE2 ? A HIS 83  ? A HIS 83  ? 1_555 51.6  ? 
4  N   ? A ALA 1   ? A ALA 1   ? 1_555 CU B D CU . ? A CU 203 ? 1_555 N   ? B TRS .   ? A TRS 201 ? 1_555 127.3 ? 
5  O   ? A ALA 1   ? A ALA 1   ? 1_555 CU B D CU . ? A CU 203 ? 1_555 N   ? B TRS .   ? A TRS 201 ? 1_555 56.8  ? 
6  NE2 ? A HIS 83  ? A HIS 83  ? 1_555 CU B D CU . ? A CU 203 ? 1_555 N   ? B TRS .   ? A TRS 201 ? 1_555 5.2   ? 
7  N   ? A ALA 1   ? A ALA 1   ? 1_555 CU B D CU . ? A CU 203 ? 1_555 O3  ? B TRS .   ? A TRS 201 ? 1_555 125.4 ? 
8  O   ? A ALA 1   ? A ALA 1   ? 1_555 CU B D CU . ? A CU 203 ? 1_555 O3  ? B TRS .   ? A TRS 201 ? 1_555 58.2  ? 
9  NE2 ? A HIS 83  ? A HIS 83  ? 1_555 CU B D CU . ? A CU 203 ? 1_555 O3  ? B TRS .   ? A TRS 201 ? 1_555 7.8   ? 
10 N   ? B TRS .   ? A TRS 201 ? 1_555 CU B D CU . ? A CU 203 ? 1_555 O3  ? B TRS .   ? A TRS 201 ? 1_555 4.3   ? 
11 N   ? A ALA 1   ? A ALA 1   ? 1_555 CU B D CU . ? A CU 203 ? 1_555 O   ? F HOH .   ? A HOH 332 ? 1_555 108.0 ? 
12 O   ? A ALA 1   ? A ALA 1   ? 1_555 CU B D CU . ? A CU 203 ? 1_555 O   ? F HOH .   ? A HOH 332 ? 1_555 87.4  ? 
13 NE2 ? A HIS 83  ? A HIS 83  ? 1_555 CU B D CU . ? A CU 203 ? 1_555 O   ? F HOH .   ? A HOH 332 ? 1_555 50.4  ? 
14 N   ? B TRS .   ? A TRS 201 ? 1_555 CU B D CU . ? A CU 203 ? 1_555 O   ? F HOH .   ? A HOH 332 ? 1_555 47.3  ? 
15 O3  ? B TRS .   ? A TRS 201 ? 1_555 CU B D CU . ? A CU 203 ? 1_555 O   ? F HOH .   ? A HOH 332 ? 1_555 43.2  ? 
16 ND1 ? A HIS 46  ? A HIS 46  ? 1_555 CU ? C CU . ? A CU 202 ? 1_555 SG  ? A CYS 112 ? A CYS 112 ? 1_555 130.6 ? 
17 ND1 ? A HIS 46  ? A HIS 46  ? 1_555 CU ? C CU . ? A CU 202 ? 1_555 ND1 ? A HIS 117 ? A HIS 117 ? 1_555 105.7 ? 
18 SG  ? A CYS 112 ? A CYS 112 ? 1_555 CU ? C CU . ? A CU 202 ? 1_555 ND1 ? A HIS 117 ? A HIS 117 ? 1_555 122.4 ? 
19 NE2 ? A HIS 83  ? A HIS 83  ? 1_555 CU A D CU . ? A CU 203 ? 8_544 N   ? B TRS .   ? A TRS 201 ? 1_555 142.1 ? 
20 NE2 ? A HIS 83  ? A HIS 83  ? 1_555 CU A D CU . ? A CU 203 ? 8_544 O   ? F HOH .   ? A HOH 332 ? 1_555 32.4  ? 
21 N   ? B TRS .   ? A TRS 201 ? 1_555 CU A D CU . ? A CU 203 ? 8_544 O   ? F HOH .   ? A HOH 332 ? 1_555 115.8 ? 
# 
_pdbx_modification_feature.ordinal                            1 
_pdbx_modification_feature.label_comp_id                      CYS 
_pdbx_modification_feature.label_asym_id                      A 
_pdbx_modification_feature.label_seq_id                       3 
_pdbx_modification_feature.label_alt_id                       ? 
_pdbx_modification_feature.modified_residue_label_comp_id     CYS 
_pdbx_modification_feature.modified_residue_label_asym_id     A 
_pdbx_modification_feature.modified_residue_label_seq_id      26 
_pdbx_modification_feature.modified_residue_label_alt_id      ? 
_pdbx_modification_feature.auth_comp_id                       CYS 
_pdbx_modification_feature.auth_asym_id                       A 
_pdbx_modification_feature.auth_seq_id                        3 
_pdbx_modification_feature.PDB_ins_code                       ? 
_pdbx_modification_feature.symmetry                           1_555 
_pdbx_modification_feature.modified_residue_auth_comp_id      CYS 
_pdbx_modification_feature.modified_residue_auth_asym_id      A 
_pdbx_modification_feature.modified_residue_auth_seq_id       26 
_pdbx_modification_feature.modified_residue_PDB_ins_code      ? 
_pdbx_modification_feature.modified_residue_symmetry          1_555 
_pdbx_modification_feature.comp_id_linking_atom               SG 
_pdbx_modification_feature.modified_residue_id_linking_atom   SG 
_pdbx_modification_feature.modified_residue_id                . 
_pdbx_modification_feature.ref_pcm_id                         . 
_pdbx_modification_feature.ref_comp_id                        . 
_pdbx_modification_feature.type                               None 
_pdbx_modification_feature.category                           'Disulfide bridge' 
# 
loop_
_struct_sheet.id 
_struct_sheet.type 
_struct_sheet.number_strands 
_struct_sheet.details 
AA1 ? 3 ? 
AA2 ? 5 ? 
# 
loop_
_struct_sheet_order.sheet_id 
_struct_sheet_order.range_id_1 
_struct_sheet_order.range_id_2 
_struct_sheet_order.offset 
_struct_sheet_order.sense 
AA1 1 2 ? parallel      
AA1 2 3 ? anti-parallel 
AA2 1 2 ? parallel      
AA2 2 3 ? anti-parallel 
AA2 3 4 ? anti-parallel 
AA2 4 5 ? anti-parallel 
# 
loop_
_struct_sheet_range.sheet_id 
_struct_sheet_range.id 
_struct_sheet_range.beg_label_comp_id 
_struct_sheet_range.beg_label_asym_id 
_struct_sheet_range.beg_label_seq_id 
_struct_sheet_range.pdbx_beg_PDB_ins_code 
_struct_sheet_range.end_label_comp_id 
_struct_sheet_range.end_label_asym_id 
_struct_sheet_range.end_label_seq_id 
_struct_sheet_range.pdbx_end_PDB_ins_code 
_struct_sheet_range.beg_auth_comp_id 
_struct_sheet_range.beg_auth_asym_id 
_struct_sheet_range.beg_auth_seq_id 
_struct_sheet_range.end_auth_comp_id 
_struct_sheet_range.end_auth_asym_id 
_struct_sheet_range.end_auth_seq_id 
AA1 1 SER A 4   ? GLN A 8   ? SER A 4   GLN A 8   
AA1 2 GLN A 28  ? SER A 34  ? GLN A 28  SER A 34  
AA1 3 LYS A 92  ? ASP A 98  ? LYS A 92  ASP A 98  
AA2 1 ALA A 19  ? ASP A 23  ? ALA A 19  ASP A 23  
AA2 2 LYS A 122 ? LYS A 128 ? LYS A 122 LYS A 128 
AA2 3 TYR A 108 ? PHE A 111 ? TYR A 108 PHE A 111 
AA2 4 VAL A 49  ? THR A 52  ? VAL A 49  THR A 52  
AA2 5 ALA A 82  ? HIS A 83  ? ALA A 82  HIS A 83  
# 
loop_
_pdbx_struct_sheet_hbond.sheet_id 
_pdbx_struct_sheet_hbond.range_id_1 
_pdbx_struct_sheet_hbond.range_id_2 
_pdbx_struct_sheet_hbond.range_1_label_atom_id 
_pdbx_struct_sheet_hbond.range_1_label_comp_id 
_pdbx_struct_sheet_hbond.range_1_label_asym_id 
_pdbx_struct_sheet_hbond.range_1_label_seq_id 
_pdbx_struct_sheet_hbond.range_1_PDB_ins_code 
_pdbx_struct_sheet_hbond.range_1_auth_atom_id 
_pdbx_struct_sheet_hbond.range_1_auth_comp_id 
_pdbx_struct_sheet_hbond.range_1_auth_asym_id 
_pdbx_struct_sheet_hbond.range_1_auth_seq_id 
_pdbx_struct_sheet_hbond.range_2_label_atom_id 
_pdbx_struct_sheet_hbond.range_2_label_comp_id 
_pdbx_struct_sheet_hbond.range_2_label_asym_id 
_pdbx_struct_sheet_hbond.range_2_label_seq_id 
_pdbx_struct_sheet_hbond.range_2_PDB_ins_code 
_pdbx_struct_sheet_hbond.range_2_auth_atom_id 
_pdbx_struct_sheet_hbond.range_2_auth_comp_id 
_pdbx_struct_sheet_hbond.range_2_auth_asym_id 
_pdbx_struct_sheet_hbond.range_2_auth_seq_id 
AA1 1 2 N ILE A 7   ? N ILE A 7   O ASN A 32  ? O ASN A 32  
AA1 2 3 N LEU A 33  ? N LEU A 33  O ASP A 93  ? O ASP A 93  
AA2 1 2 N ILE A 20  ? N ILE A 20  O THR A 124 ? O THR A 124 
AA2 2 3 O GLY A 123 ? O GLY A 123 N PHE A 110 ? N PHE A 110 
AA2 3 4 O MET A 109 ? O MET A 109 N SER A 51  ? N SER A 51  
AA2 4 5 N LEU A 50  ? N LEU A 50  O ALA A 82  ? O ALA A 82  
# 
_pdbx_entry_details.entry_id                   7TNC 
_pdbx_entry_details.has_ligand_of_interest     Y 
_pdbx_entry_details.compound_details           ? 
_pdbx_entry_details.source_details             ? 
_pdbx_entry_details.nonpolymer_details         ? 
_pdbx_entry_details.sequence_details           ? 
_pdbx_entry_details.has_protein_modification   Y 
# 
_pdbx_validate_symm_contact.id                1 
_pdbx_validate_symm_contact.PDB_model_num     1 
_pdbx_validate_symm_contact.auth_atom_id_1    O 
_pdbx_validate_symm_contact.auth_asym_id_1    A 
_pdbx_validate_symm_contact.auth_comp_id_1    HOH 
_pdbx_validate_symm_contact.auth_seq_id_1     372 
_pdbx_validate_symm_contact.PDB_ins_code_1    ? 
_pdbx_validate_symm_contact.label_alt_id_1    ? 
_pdbx_validate_symm_contact.site_symmetry_1   1_555 
_pdbx_validate_symm_contact.auth_atom_id_2    O 
_pdbx_validate_symm_contact.auth_asym_id_2    A 
_pdbx_validate_symm_contact.auth_comp_id_2    HOH 
_pdbx_validate_symm_contact.auth_seq_id_2     372 
_pdbx_validate_symm_contact.PDB_ins_code_2    ? 
_pdbx_validate_symm_contact.label_alt_id_2    ? 
_pdbx_validate_symm_contact.site_symmetry_2   2_555 
_pdbx_validate_symm_contact.dist              2.08 
# 
loop_
_pdbx_validate_torsion.id 
_pdbx_validate_torsion.PDB_model_num 
_pdbx_validate_torsion.auth_comp_id 
_pdbx_validate_torsion.auth_asym_id 
_pdbx_validate_torsion.auth_seq_id 
_pdbx_validate_torsion.PDB_ins_code 
_pdbx_validate_torsion.label_alt_id 
_pdbx_validate_torsion.phi 
_pdbx_validate_torsion.psi 
1 1 ASN A 10  ? ? -117.14 -169.02 
2 1 MET A 44  ? ? -146.16 39.95   
3 1 PHE A 116 ? ? 79.83   -12.89  
# 
_pdbx_struct_special_symmetry.id              1 
_pdbx_struct_special_symmetry.PDB_model_num   1 
_pdbx_struct_special_symmetry.auth_asym_id    A 
_pdbx_struct_special_symmetry.auth_comp_id    CL 
_pdbx_struct_special_symmetry.auth_seq_id     204 
_pdbx_struct_special_symmetry.PDB_ins_code    ? 
_pdbx_struct_special_symmetry.label_asym_id   E 
_pdbx_struct_special_symmetry.label_comp_id   CL 
_pdbx_struct_special_symmetry.label_seq_id    . 
# 
loop_
_space_group_symop.id 
_space_group_symop.operation_xyz 
1 x,y,z               
2 x,-y,-z             
3 -x,y,-z             
4 -x,-y,z             
5 x+1/2,y+1/2,z+1/2   
6 x+1/2,-y+1/2,-z+1/2 
7 -x+1/2,y+1/2,-z+1/2 
8 -x+1/2,-y+1/2,z+1/2 
# 
_pdbx_distant_solvent_atoms.id                                1 
_pdbx_distant_solvent_atoms.PDB_model_num                     1 
_pdbx_distant_solvent_atoms.auth_atom_id                      O 
_pdbx_distant_solvent_atoms.label_alt_id                      ? 
_pdbx_distant_solvent_atoms.auth_asym_id                      A 
_pdbx_distant_solvent_atoms.auth_comp_id                      HOH 
_pdbx_distant_solvent_atoms.auth_seq_id                       476 
_pdbx_distant_solvent_atoms.PDB_ins_code                      ? 
_pdbx_distant_solvent_atoms.neighbor_macromolecule_distance   7.77 
_pdbx_distant_solvent_atoms.neighbor_ligand_distance          . 
# 
loop_
_chem_comp_atom.comp_id 
_chem_comp_atom.atom_id 
_chem_comp_atom.type_symbol 
_chem_comp_atom.pdbx_aromatic_flag 
_chem_comp_atom.pdbx_stereo_config 
_chem_comp_atom.pdbx_ordinal 
ALA N    N  N N 1   
ALA CA   C  N S 2   
ALA C    C  N N 3   
ALA O    O  N N 4   
ALA CB   C  N N 5   
ALA OXT  O  N N 6   
ALA H    H  N N 7   
ALA H2   H  N N 8   
ALA HA   H  N N 9   
ALA HB1  H  N N 10  
ALA HB2  H  N N 11  
ALA HB3  H  N N 12  
ALA HXT  H  N N 13  
ARG N    N  N N 14  
ARG CA   C  N S 15  
ARG C    C  N N 16  
ARG O    O  N N 17  
ARG CB   C  N N 18  
ARG CG   C  N N 19  
ARG CD   C  N N 20  
ARG NE   N  N N 21  
ARG CZ   C  N N 22  
ARG NH1  N  N N 23  
ARG NH2  N  N N 24  
ARG OXT  O  N N 25  
ARG H    H  N N 26  
ARG H2   H  N N 27  
ARG HA   H  N N 28  
ARG HB2  H  N N 29  
ARG HB3  H  N N 30  
ARG HG2  H  N N 31  
ARG HG3  H  N N 32  
ARG HD2  H  N N 33  
ARG HD3  H  N N 34  
ARG HE   H  N N 35  
ARG HH11 H  N N 36  
ARG HH12 H  N N 37  
ARG HH21 H  N N 38  
ARG HH22 H  N N 39  
ARG HXT  H  N N 40  
ASN N    N  N N 41  
ASN CA   C  N S 42  
ASN C    C  N N 43  
ASN O    O  N N 44  
ASN CB   C  N N 45  
ASN CG   C  N N 46  
ASN OD1  O  N N 47  
ASN ND2  N  N N 48  
ASN OXT  O  N N 49  
ASN H    H  N N 50  
ASN H2   H  N N 51  
ASN HA   H  N N 52  
ASN HB2  H  N N 53  
ASN HB3  H  N N 54  
ASN HD21 H  N N 55  
ASN HD22 H  N N 56  
ASN HXT  H  N N 57  
ASP N    N  N N 58  
ASP CA   C  N S 59  
ASP C    C  N N 60  
ASP O    O  N N 61  
ASP CB   C  N N 62  
ASP CG   C  N N 63  
ASP OD1  O  N N 64  
ASP OD2  O  N N 65  
ASP OXT  O  N N 66  
ASP H    H  N N 67  
ASP H2   H  N N 68  
ASP HA   H  N N 69  
ASP HB2  H  N N 70  
ASP HB3  H  N N 71  
ASP HD2  H  N N 72  
ASP HXT  H  N N 73  
CL  CL   CL N N 74  
CU  CU   CU N N 75  
CYS N    N  N N 76  
CYS CA   C  N R 77  
CYS C    C  N N 78  
CYS O    O  N N 79  
CYS CB   C  N N 80  
CYS SG   S  N N 81  
CYS OXT  O  N N 82  
CYS H    H  N N 83  
CYS H2   H  N N 84  
CYS HA   H  N N 85  
CYS HB2  H  N N 86  
CYS HB3  H  N N 87  
CYS HG   H  N N 88  
CYS HXT  H  N N 89  
GLN N    N  N N 90  
GLN CA   C  N S 91  
GLN C    C  N N 92  
GLN O    O  N N 93  
GLN CB   C  N N 94  
GLN CG   C  N N 95  
GLN CD   C  N N 96  
GLN OE1  O  N N 97  
GLN NE2  N  N N 98  
GLN OXT  O  N N 99  
GLN H    H  N N 100 
GLN H2   H  N N 101 
GLN HA   H  N N 102 
GLN HB2  H  N N 103 
GLN HB3  H  N N 104 
GLN HG2  H  N N 105 
GLN HG3  H  N N 106 
GLN HE21 H  N N 107 
GLN HE22 H  N N 108 
GLN HXT  H  N N 109 
GLU N    N  N N 110 
GLU CA   C  N S 111 
GLU C    C  N N 112 
GLU O    O  N N 113 
GLU CB   C  N N 114 
GLU CG   C  N N 115 
GLU CD   C  N N 116 
GLU OE1  O  N N 117 
GLU OE2  O  N N 118 
GLU OXT  O  N N 119 
GLU H    H  N N 120 
GLU H2   H  N N 121 
GLU HA   H  N N 122 
GLU HB2  H  N N 123 
GLU HB3  H  N N 124 
GLU HG2  H  N N 125 
GLU HG3  H  N N 126 
GLU HE2  H  N N 127 
GLU HXT  H  N N 128 
GLY N    N  N N 129 
GLY CA   C  N N 130 
GLY C    C  N N 131 
GLY O    O  N N 132 
GLY OXT  O  N N 133 
GLY H    H  N N 134 
GLY H2   H  N N 135 
GLY HA2  H  N N 136 
GLY HA3  H  N N 137 
GLY HXT  H  N N 138 
HIS N    N  N N 139 
HIS CA   C  N S 140 
HIS C    C  N N 141 
HIS O    O  N N 142 
HIS CB   C  N N 143 
HIS CG   C  Y N 144 
HIS ND1  N  Y N 145 
HIS CD2  C  Y N 146 
HIS CE1  C  Y N 147 
HIS NE2  N  Y N 148 
HIS OXT  O  N N 149 
HIS H    H  N N 150 
HIS H2   H  N N 151 
HIS HA   H  N N 152 
HIS HB2  H  N N 153 
HIS HB3  H  N N 154 
HIS HD1  H  N N 155 
HIS HD2  H  N N 156 
HIS HE1  H  N N 157 
HIS HE2  H  N N 158 
HIS HXT  H  N N 159 
HOH O    O  N N 160 
HOH H1   H  N N 161 
HOH H2   H  N N 162 
ILE N    N  N N 163 
ILE CA   C  N S 164 
ILE C    C  N N 165 
ILE O    O  N N 166 
ILE CB   C  N S 167 
ILE CG1  C  N N 168 
ILE CG2  C  N N 169 
ILE CD1  C  N N 170 
ILE OXT  O  N N 171 
ILE H    H  N N 172 
ILE H2   H  N N 173 
ILE HA   H  N N 174 
ILE HB   H  N N 175 
ILE HG12 H  N N 176 
ILE HG13 H  N N 177 
ILE HG21 H  N N 178 
ILE HG22 H  N N 179 
ILE HG23 H  N N 180 
ILE HD11 H  N N 181 
ILE HD12 H  N N 182 
ILE HD13 H  N N 183 
ILE HXT  H  N N 184 
LEU N    N  N N 185 
LEU CA   C  N S 186 
LEU C    C  N N 187 
LEU O    O  N N 188 
LEU CB   C  N N 189 
LEU CG   C  N N 190 
LEU CD1  C  N N 191 
LEU CD2  C  N N 192 
LEU OXT  O  N N 193 
LEU H    H  N N 194 
LEU H2   H  N N 195 
LEU HA   H  N N 196 
LEU HB2  H  N N 197 
LEU HB3  H  N N 198 
LEU HG   H  N N 199 
LEU HD11 H  N N 200 
LEU HD12 H  N N 201 
LEU HD13 H  N N 202 
LEU HD21 H  N N 203 
LEU HD22 H  N N 204 
LEU HD23 H  N N 205 
LEU HXT  H  N N 206 
LYS N    N  N N 207 
LYS CA   C  N S 208 
LYS C    C  N N 209 
LYS O    O  N N 210 
LYS CB   C  N N 211 
LYS CG   C  N N 212 
LYS CD   C  N N 213 
LYS CE   C  N N 214 
LYS NZ   N  N N 215 
LYS OXT  O  N N 216 
LYS H    H  N N 217 
LYS H2   H  N N 218 
LYS HA   H  N N 219 
LYS HB2  H  N N 220 
LYS HB3  H  N N 221 
LYS HG2  H  N N 222 
LYS HG3  H  N N 223 
LYS HD2  H  N N 224 
LYS HD3  H  N N 225 
LYS HE2  H  N N 226 
LYS HE3  H  N N 227 
LYS HZ1  H  N N 228 
LYS HZ2  H  N N 229 
LYS HZ3  H  N N 230 
LYS HXT  H  N N 231 
MET N    N  N N 232 
MET CA   C  N S 233 
MET C    C  N N 234 
MET O    O  N N 235 
MET CB   C  N N 236 
MET CG   C  N N 237 
MET SD   S  N N 238 
MET CE   C  N N 239 
MET OXT  O  N N 240 
MET H    H  N N 241 
MET H2   H  N N 242 
MET HA   H  N N 243 
MET HB2  H  N N 244 
MET HB3  H  N N 245 
MET HG2  H  N N 246 
MET HG3  H  N N 247 
MET HE1  H  N N 248 
MET HE2  H  N N 249 
MET HE3  H  N N 250 
MET HXT  H  N N 251 
PHE N    N  N N 252 
PHE CA   C  N S 253 
PHE C    C  N N 254 
PHE O    O  N N 255 
PHE CB   C  N N 256 
PHE CG   C  Y N 257 
PHE CD1  C  Y N 258 
PHE CD2  C  Y N 259 
PHE CE1  C  Y N 260 
PHE CE2  C  Y N 261 
PHE CZ   C  Y N 262 
PHE OXT  O  N N 263 
PHE H    H  N N 264 
PHE H2   H  N N 265 
PHE HA   H  N N 266 
PHE HB2  H  N N 267 
PHE HB3  H  N N 268 
PHE HD1  H  N N 269 
PHE HD2  H  N N 270 
PHE HE1  H  N N 271 
PHE HE2  H  N N 272 
PHE HZ   H  N N 273 
PHE HXT  H  N N 274 
PRO N    N  N N 275 
PRO CA   C  N S 276 
PRO C    C  N N 277 
PRO O    O  N N 278 
PRO CB   C  N N 279 
PRO CG   C  N N 280 
PRO CD   C  N N 281 
PRO OXT  O  N N 282 
PRO H    H  N N 283 
PRO HA   H  N N 284 
PRO HB2  H  N N 285 
PRO HB3  H  N N 286 
PRO HG2  H  N N 287 
PRO HG3  H  N N 288 
PRO HD2  H  N N 289 
PRO HD3  H  N N 290 
PRO HXT  H  N N 291 
SER N    N  N N 292 
SER CA   C  N S 293 
SER C    C  N N 294 
SER O    O  N N 295 
SER CB   C  N N 296 
SER OG   O  N N 297 
SER OXT  O  N N 298 
SER H    H  N N 299 
SER H2   H  N N 300 
SER HA   H  N N 301 
SER HB2  H  N N 302 
SER HB3  H  N N 303 
SER HG   H  N N 304 
SER HXT  H  N N 305 
THR N    N  N N 306 
THR CA   C  N S 307 
THR C    C  N N 308 
THR O    O  N N 309 
THR CB   C  N R 310 
THR OG1  O  N N 311 
THR CG2  C  N N 312 
THR OXT  O  N N 313 
THR H    H  N N 314 
THR H2   H  N N 315 
THR HA   H  N N 316 
THR HB   H  N N 317 
THR HG1  H  N N 318 
THR HG21 H  N N 319 
THR HG22 H  N N 320 
THR HG23 H  N N 321 
THR HXT  H  N N 322 
TRP N    N  N N 323 
TRP CA   C  N S 324 
TRP C    C  N N 325 
TRP O    O  N N 326 
TRP CB   C  N N 327 
TRP CG   C  Y N 328 
TRP CD1  C  Y N 329 
TRP CD2  C  Y N 330 
TRP NE1  N  Y N 331 
TRP CE2  C  Y N 332 
TRP CE3  C  Y N 333 
TRP CZ2  C  Y N 334 
TRP CZ3  C  Y N 335 
TRP CH2  C  Y N 336 
TRP OXT  O  N N 337 
TRP H    H  N N 338 
TRP H2   H  N N 339 
TRP HA   H  N N 340 
TRP HB2  H  N N 341 
TRP HB3  H  N N 342 
TRP HD1  H  N N 343 
TRP HE1  H  N N 344 
TRP HE3  H  N N 345 
TRP HZ2  H  N N 346 
TRP HZ3  H  N N 347 
TRP HH2  H  N N 348 
TRP HXT  H  N N 349 
TRS C    C  N N 350 
TRS C1   C  N N 351 
TRS C2   C  N N 352 
TRS C3   C  N N 353 
TRS N    N  N N 354 
TRS O1   O  N N 355 
TRS O2   O  N N 356 
TRS O3   O  N N 357 
TRS H11  H  N N 358 
TRS H12  H  N N 359 
TRS H21  H  N N 360 
TRS H22  H  N N 361 
TRS H31  H  N N 362 
TRS H32  H  N N 363 
TRS HN1  H  N N 364 
TRS HN2  H  N N 365 
TRS HN3  H  N N 366 
TRS HO1  H  N N 367 
TRS HO2  H  N N 368 
TRS HO3  H  N N 369 
TYR N    N  N N 370 
TYR CA   C  N S 371 
TYR C    C  N N 372 
TYR O    O  N N 373 
TYR CB   C  N N 374 
TYR CG   C  Y N 375 
TYR CD1  C  Y N 376 
TYR CD2  C  Y N 377 
TYR CE1  C  Y N 378 
TYR CE2  C  Y N 379 
TYR CZ   C  Y N 380 
TYR OH   O  N N 381 
TYR OXT  O  N N 382 
TYR H    H  N N 383 
TYR H2   H  N N 384 
TYR HA   H  N N 385 
TYR HB2  H  N N 386 
TYR HB3  H  N N 387 
TYR HD1  H  N N 388 
TYR HD2  H  N N 389 
TYR HE1  H  N N 390 
TYR HE2  H  N N 391 
TYR HH   H  N N 392 
TYR HXT  H  N N 393 
VAL N    N  N N 394 
VAL CA   C  N S 395 
VAL C    C  N N 396 
VAL O    O  N N 397 
VAL CB   C  N N 398 
VAL CG1  C  N N 399 
VAL CG2  C  N N 400 
VAL OXT  O  N N 401 
VAL H    H  N N 402 
VAL H2   H  N N 403 
VAL HA   H  N N 404 
VAL HB   H  N N 405 
VAL HG11 H  N N 406 
VAL HG12 H  N N 407 
VAL HG13 H  N N 408 
VAL HG21 H  N N 409 
VAL HG22 H  N N 410 
VAL HG23 H  N N 411 
VAL HXT  H  N N 412 
# 
loop_
_chem_comp_bond.comp_id 
_chem_comp_bond.atom_id_1 
_chem_comp_bond.atom_id_2 
_chem_comp_bond.value_order 
_chem_comp_bond.pdbx_aromatic_flag 
_chem_comp_bond.pdbx_stereo_config 
_chem_comp_bond.pdbx_ordinal 
ALA N   CA   sing N N 1   
ALA N   H    sing N N 2   
ALA N   H2   sing N N 3   
ALA CA  C    sing N N 4   
ALA CA  CB   sing N N 5   
ALA CA  HA   sing N N 6   
ALA C   O    doub N N 7   
ALA C   OXT  sing N N 8   
ALA CB  HB1  sing N N 9   
ALA CB  HB2  sing N N 10  
ALA CB  HB3  sing N N 11  
ALA OXT HXT  sing N N 12  
ARG N   CA   sing N N 13  
ARG N   H    sing N N 14  
ARG N   H2   sing N N 15  
ARG CA  C    sing N N 16  
ARG CA  CB   sing N N 17  
ARG CA  HA   sing N N 18  
ARG C   O    doub N N 19  
ARG C   OXT  sing N N 20  
ARG CB  CG   sing N N 21  
ARG CB  HB2  sing N N 22  
ARG CB  HB3  sing N N 23  
ARG CG  CD   sing N N 24  
ARG CG  HG2  sing N N 25  
ARG CG  HG3  sing N N 26  
ARG CD  NE   sing N N 27  
ARG CD  HD2  sing N N 28  
ARG CD  HD3  sing N N 29  
ARG NE  CZ   sing N N 30  
ARG NE  HE   sing N N 31  
ARG CZ  NH1  sing N N 32  
ARG CZ  NH2  doub N N 33  
ARG NH1 HH11 sing N N 34  
ARG NH1 HH12 sing N N 35  
ARG NH2 HH21 sing N N 36  
ARG NH2 HH22 sing N N 37  
ARG OXT HXT  sing N N 38  
ASN N   CA   sing N N 39  
ASN N   H    sing N N 40  
ASN N   H2   sing N N 41  
ASN CA  C    sing N N 42  
ASN CA  CB   sing N N 43  
ASN CA  HA   sing N N 44  
ASN C   O    doub N N 45  
ASN C   OXT  sing N N 46  
ASN CB  CG   sing N N 47  
ASN CB  HB2  sing N N 48  
ASN CB  HB3  sing N N 49  
ASN CG  OD1  doub N N 50  
ASN CG  ND2  sing N N 51  
ASN ND2 HD21 sing N N 52  
ASN ND2 HD22 sing N N 53  
ASN OXT HXT  sing N N 54  
ASP N   CA   sing N N 55  
ASP N   H    sing N N 56  
ASP N   H2   sing N N 57  
ASP CA  C    sing N N 58  
ASP CA  CB   sing N N 59  
ASP CA  HA   sing N N 60  
ASP C   O    doub N N 61  
ASP C   OXT  sing N N 62  
ASP CB  CG   sing N N 63  
ASP CB  HB2  sing N N 64  
ASP CB  HB3  sing N N 65  
ASP CG  OD1  doub N N 66  
ASP CG  OD2  sing N N 67  
ASP OD2 HD2  sing N N 68  
ASP OXT HXT  sing N N 69  
CYS N   CA   sing N N 70  
CYS N   H    sing N N 71  
CYS N   H2   sing N N 72  
CYS CA  C    sing N N 73  
CYS CA  CB   sing N N 74  
CYS CA  HA   sing N N 75  
CYS C   O    doub N N 76  
CYS C   OXT  sing N N 77  
CYS CB  SG   sing N N 78  
CYS CB  HB2  sing N N 79  
CYS CB  HB3  sing N N 80  
CYS SG  HG   sing N N 81  
CYS OXT HXT  sing N N 82  
GLN N   CA   sing N N 83  
GLN N   H    sing N N 84  
GLN N   H2   sing N N 85  
GLN CA  C    sing N N 86  
GLN CA  CB   sing N N 87  
GLN CA  HA   sing N N 88  
GLN C   O    doub N N 89  
GLN C   OXT  sing N N 90  
GLN CB  CG   sing N N 91  
GLN CB  HB2  sing N N 92  
GLN CB  HB3  sing N N 93  
GLN CG  CD   sing N N 94  
GLN CG  HG2  sing N N 95  
GLN CG  HG3  sing N N 96  
GLN CD  OE1  doub N N 97  
GLN CD  NE2  sing N N 98  
GLN NE2 HE21 sing N N 99  
GLN NE2 HE22 sing N N 100 
GLN OXT HXT  sing N N 101 
GLU N   CA   sing N N 102 
GLU N   H    sing N N 103 
GLU N   H2   sing N N 104 
GLU CA  C    sing N N 105 
GLU CA  CB   sing N N 106 
GLU CA  HA   sing N N 107 
GLU C   O    doub N N 108 
GLU C   OXT  sing N N 109 
GLU CB  CG   sing N N 110 
GLU CB  HB2  sing N N 111 
GLU CB  HB3  sing N N 112 
GLU CG  CD   sing N N 113 
GLU CG  HG2  sing N N 114 
GLU CG  HG3  sing N N 115 
GLU CD  OE1  doub N N 116 
GLU CD  OE2  sing N N 117 
GLU OE2 HE2  sing N N 118 
GLU OXT HXT  sing N N 119 
GLY N   CA   sing N N 120 
GLY N   H    sing N N 121 
GLY N   H2   sing N N 122 
GLY CA  C    sing N N 123 
GLY CA  HA2  sing N N 124 
GLY CA  HA3  sing N N 125 
GLY C   O    doub N N 126 
GLY C   OXT  sing N N 127 
GLY OXT HXT  sing N N 128 
HIS N   CA   sing N N 129 
HIS N   H    sing N N 130 
HIS N   H2   sing N N 131 
HIS CA  C    sing N N 132 
HIS CA  CB   sing N N 133 
HIS CA  HA   sing N N 134 
HIS C   O    doub N N 135 
HIS C   OXT  sing N N 136 
HIS CB  CG   sing N N 137 
HIS CB  HB2  sing N N 138 
HIS CB  HB3  sing N N 139 
HIS CG  ND1  sing Y N 140 
HIS CG  CD2  doub Y N 141 
HIS ND1 CE1  doub Y N 142 
HIS ND1 HD1  sing N N 143 
HIS CD2 NE2  sing Y N 144 
HIS CD2 HD2  sing N N 145 
HIS CE1 NE2  sing Y N 146 
HIS CE1 HE1  sing N N 147 
HIS NE2 HE2  sing N N 148 
HIS OXT HXT  sing N N 149 
HOH O   H1   sing N N 150 
HOH O   H2   sing N N 151 
ILE N   CA   sing N N 152 
ILE N   H    sing N N 153 
ILE N   H2   sing N N 154 
ILE CA  C    sing N N 155 
ILE CA  CB   sing N N 156 
ILE CA  HA   sing N N 157 
ILE C   O    doub N N 158 
ILE C   OXT  sing N N 159 
ILE CB  CG1  sing N N 160 
ILE CB  CG2  sing N N 161 
ILE CB  HB   sing N N 162 
ILE CG1 CD1  sing N N 163 
ILE CG1 HG12 sing N N 164 
ILE CG1 HG13 sing N N 165 
ILE CG2 HG21 sing N N 166 
ILE CG2 HG22 sing N N 167 
ILE CG2 HG23 sing N N 168 
ILE CD1 HD11 sing N N 169 
ILE CD1 HD12 sing N N 170 
ILE CD1 HD13 sing N N 171 
ILE OXT HXT  sing N N 172 
LEU N   CA   sing N N 173 
LEU N   H    sing N N 174 
LEU N   H2   sing N N 175 
LEU CA  C    sing N N 176 
LEU CA  CB   sing N N 177 
LEU CA  HA   sing N N 178 
LEU C   O    doub N N 179 
LEU C   OXT  sing N N 180 
LEU CB  CG   sing N N 181 
LEU CB  HB2  sing N N 182 
LEU CB  HB3  sing N N 183 
LEU CG  CD1  sing N N 184 
LEU CG  CD2  sing N N 185 
LEU CG  HG   sing N N 186 
LEU CD1 HD11 sing N N 187 
LEU CD1 HD12 sing N N 188 
LEU CD1 HD13 sing N N 189 
LEU CD2 HD21 sing N N 190 
LEU CD2 HD22 sing N N 191 
LEU CD2 HD23 sing N N 192 
LEU OXT HXT  sing N N 193 
LYS N   CA   sing N N 194 
LYS N   H    sing N N 195 
LYS N   H2   sing N N 196 
LYS CA  C    sing N N 197 
LYS CA  CB   sing N N 198 
LYS CA  HA   sing N N 199 
LYS C   O    doub N N 200 
LYS C   OXT  sing N N 201 
LYS CB  CG   sing N N 202 
LYS CB  HB2  sing N N 203 
LYS CB  HB3  sing N N 204 
LYS CG  CD   sing N N 205 
LYS CG  HG2  sing N N 206 
LYS CG  HG3  sing N N 207 
LYS CD  CE   sing N N 208 
LYS CD  HD2  sing N N 209 
LYS CD  HD3  sing N N 210 
LYS CE  NZ   sing N N 211 
LYS CE  HE2  sing N N 212 
LYS CE  HE3  sing N N 213 
LYS NZ  HZ1  sing N N 214 
LYS NZ  HZ2  sing N N 215 
LYS NZ  HZ3  sing N N 216 
LYS OXT HXT  sing N N 217 
MET N   CA   sing N N 218 
MET N   H    sing N N 219 
MET N   H2   sing N N 220 
MET CA  C    sing N N 221 
MET CA  CB   sing N N 222 
MET CA  HA   sing N N 223 
MET C   O    doub N N 224 
MET C   OXT  sing N N 225 
MET CB  CG   sing N N 226 
MET CB  HB2  sing N N 227 
MET CB  HB3  sing N N 228 
MET CG  SD   sing N N 229 
MET CG  HG2  sing N N 230 
MET CG  HG3  sing N N 231 
MET SD  CE   sing N N 232 
MET CE  HE1  sing N N 233 
MET CE  HE2  sing N N 234 
MET CE  HE3  sing N N 235 
MET OXT HXT  sing N N 236 
PHE N   CA   sing N N 237 
PHE N   H    sing N N 238 
PHE N   H2   sing N N 239 
PHE CA  C    sing N N 240 
PHE CA  CB   sing N N 241 
PHE CA  HA   sing N N 242 
PHE C   O    doub N N 243 
PHE C   OXT  sing N N 244 
PHE CB  CG   sing N N 245 
PHE CB  HB2  sing N N 246 
PHE CB  HB3  sing N N 247 
PHE CG  CD1  doub Y N 248 
PHE CG  CD2  sing Y N 249 
PHE CD1 CE1  sing Y N 250 
PHE CD1 HD1  sing N N 251 
PHE CD2 CE2  doub Y N 252 
PHE CD2 HD2  sing N N 253 
PHE CE1 CZ   doub Y N 254 
PHE CE1 HE1  sing N N 255 
PHE CE2 CZ   sing Y N 256 
PHE CE2 HE2  sing N N 257 
PHE CZ  HZ   sing N N 258 
PHE OXT HXT  sing N N 259 
PRO N   CA   sing N N 260 
PRO N   CD   sing N N 261 
PRO N   H    sing N N 262 
PRO CA  C    sing N N 263 
PRO CA  CB   sing N N 264 
PRO CA  HA   sing N N 265 
PRO C   O    doub N N 266 
PRO C   OXT  sing N N 267 
PRO CB  CG   sing N N 268 
PRO CB  HB2  sing N N 269 
PRO CB  HB3  sing N N 270 
PRO CG  CD   sing N N 271 
PRO CG  HG2  sing N N 272 
PRO CG  HG3  sing N N 273 
PRO CD  HD2  sing N N 274 
PRO CD  HD3  sing N N 275 
PRO OXT HXT  sing N N 276 
SER N   CA   sing N N 277 
SER N   H    sing N N 278 
SER N   H2   sing N N 279 
SER CA  C    sing N N 280 
SER CA  CB   sing N N 281 
SER CA  HA   sing N N 282 
SER C   O    doub N N 283 
SER C   OXT  sing N N 284 
SER CB  OG   sing N N 285 
SER CB  HB2  sing N N 286 
SER CB  HB3  sing N N 287 
SER OG  HG   sing N N 288 
SER OXT HXT  sing N N 289 
THR N   CA   sing N N 290 
THR N   H    sing N N 291 
THR N   H2   sing N N 292 
THR CA  C    sing N N 293 
THR CA  CB   sing N N 294 
THR CA  HA   sing N N 295 
THR C   O    doub N N 296 
THR C   OXT  sing N N 297 
THR CB  OG1  sing N N 298 
THR CB  CG2  sing N N 299 
THR CB  HB   sing N N 300 
THR OG1 HG1  sing N N 301 
THR CG2 HG21 sing N N 302 
THR CG2 HG22 sing N N 303 
THR CG2 HG23 sing N N 304 
THR OXT HXT  sing N N 305 
TRP N   CA   sing N N 306 
TRP N   H    sing N N 307 
TRP N   H2   sing N N 308 
TRP CA  C    sing N N 309 
TRP CA  CB   sing N N 310 
TRP CA  HA   sing N N 311 
TRP C   O    doub N N 312 
TRP C   OXT  sing N N 313 
TRP CB  CG   sing N N 314 
TRP CB  HB2  sing N N 315 
TRP CB  HB3  sing N N 316 
TRP CG  CD1  doub Y N 317 
TRP CG  CD2  sing Y N 318 
TRP CD1 NE1  sing Y N 319 
TRP CD1 HD1  sing N N 320 
TRP CD2 CE2  doub Y N 321 
TRP CD2 CE3  sing Y N 322 
TRP NE1 CE2  sing Y N 323 
TRP NE1 HE1  sing N N 324 
TRP CE2 CZ2  sing Y N 325 
TRP CE3 CZ3  doub Y N 326 
TRP CE3 HE3  sing N N 327 
TRP CZ2 CH2  doub Y N 328 
TRP CZ2 HZ2  sing N N 329 
TRP CZ3 CH2  sing Y N 330 
TRP CZ3 HZ3  sing N N 331 
TRP CH2 HH2  sing N N 332 
TRP OXT HXT  sing N N 333 
TRS C   C1   sing N N 334 
TRS C   C2   sing N N 335 
TRS C   C3   sing N N 336 
TRS C   N    sing N N 337 
TRS C1  O1   sing N N 338 
TRS C1  H11  sing N N 339 
TRS C1  H12  sing N N 340 
TRS C2  O2   sing N N 341 
TRS C2  H21  sing N N 342 
TRS C2  H22  sing N N 343 
TRS C3  O3   sing N N 344 
TRS C3  H31  sing N N 345 
TRS C3  H32  sing N N 346 
TRS N   HN1  sing N N 347 
TRS N   HN2  sing N N 348 
TRS N   HN3  sing N N 349 
TRS O1  HO1  sing N N 350 
TRS O2  HO2  sing N N 351 
TRS O3  HO3  sing N N 352 
TYR N   CA   sing N N 353 
TYR N   H    sing N N 354 
TYR N   H2   sing N N 355 
TYR CA  C    sing N N 356 
TYR CA  CB   sing N N 357 
TYR CA  HA   sing N N 358 
TYR C   O    doub N N 359 
TYR C   OXT  sing N N 360 
TYR CB  CG   sing N N 361 
TYR CB  HB2  sing N N 362 
TYR CB  HB3  sing N N 363 
TYR CG  CD1  doub Y N 364 
TYR CG  CD2  sing Y N 365 
TYR CD1 CE1  sing Y N 366 
TYR CD1 HD1  sing N N 367 
TYR CD2 CE2  doub Y N 368 
TYR CD2 HD2  sing N N 369 
TYR CE1 CZ   doub Y N 370 
TYR CE1 HE1  sing N N 371 
TYR CE2 CZ   sing Y N 372 
TYR CE2 HE2  sing N N 373 
TYR CZ  OH   sing N N 374 
TYR OH  HH   sing N N 375 
TYR OXT HXT  sing N N 376 
VAL N   CA   sing N N 377 
VAL N   H    sing N N 378 
VAL N   H2   sing N N 379 
VAL CA  C    sing N N 380 
VAL CA  CB   sing N N 381 
VAL CA  HA   sing N N 382 
VAL C   O    doub N N 383 
VAL C   OXT  sing N N 384 
VAL CB  CG1  sing N N 385 
VAL CB  CG2  sing N N 386 
VAL CB  HB   sing N N 387 
VAL CG1 HG11 sing N N 388 
VAL CG1 HG12 sing N N 389 
VAL CG1 HG13 sing N N 390 
VAL CG2 HG21 sing N N 391 
VAL CG2 HG22 sing N N 392 
VAL CG2 HG23 sing N N 393 
VAL OXT HXT  sing N N 394 
# 
_pdbx_audit_support.funding_organization   'National Science Foundation (NSF, United States)' 
_pdbx_audit_support.country                'United States' 
_pdbx_audit_support.grant_number           1726244 
_pdbx_audit_support.ordinal                1 
# 
_pdbx_initial_refinement_model.id               1 
_pdbx_initial_refinement_model.entity_id_list   ? 
_pdbx_initial_refinement_model.type             'experimental model' 
_pdbx_initial_refinement_model.source_name      PDB 
_pdbx_initial_refinement_model.accession_code   4AZU 
_pdbx_initial_refinement_model.details          ? 
# 
_space_group.name_H-M_alt     'I 2 2 2' 
_space_group.name_Hall        'I 2 2' 
_space_group.IT_number        23 
_space_group.crystal_system   orthorhombic 
_space_group.id               1 
# 
_atom_sites.entry_id                    7TNC 
_atom_sites.Cartn_transf_matrix[1][1]   ? 
_atom_sites.Cartn_transf_matrix[1][2]   ? 
_atom_sites.Cartn_transf_matrix[1][3]   ? 
_atom_sites.Cartn_transf_matrix[2][1]   ? 
_atom_sites.Cartn_transf_matrix[2][2]   ? 
_atom_sites.Cartn_transf_matrix[2][3]   ? 
_atom_sites.Cartn_transf_matrix[3][1]   ? 
_atom_sites.Cartn_transf_matrix[3][2]   ? 
_atom_sites.Cartn_transf_matrix[3][3]   ? 
_atom_sites.Cartn_transf_vector[1]      ? 
_atom_sites.Cartn_transf_vector[2]      ? 
_atom_sites.Cartn_transf_vector[3]      ? 
_atom_sites.fract_transf_matrix[1][1]   -0.01242257 
_atom_sites.fract_transf_matrix[1][2]   -0.01092200 
_atom_sites.fract_transf_matrix[1][3]   0.01175910 
_atom_sites.fract_transf_matrix[2][1]   0.00636310 
_atom_sites.fract_transf_matrix[2][2]   -0.01132350 
_atom_sites.fract_transf_matrix[2][3]   -0.00379529 
_atom_sites.fract_transf_matrix[3][1]   0.00819144 
_atom_sites.fract_transf_matrix[3][2]   0.00129843 
_atom_sites.fract_transf_matrix[3][3]   0.00985961 
_atom_sites.fract_transf_vector[1]      -0.335599 
_atom_sites.fract_transf_vector[2]      -0.167061 
_atom_sites.fract_transf_vector[3]      -0.131981 
_atom_sites.solution_primary            ? 
_atom_sites.solution_secondary          ? 
_atom_sites.solution_hydrogens          ? 
_atom_sites.special_details             ? 
# 
loop_
_atom_type.symbol 
_atom_type.scat_dispersion_real 
_atom_type.scat_dispersion_imag 
_atom_type.scat_Cromer_Mann_a1 
_atom_type.scat_Cromer_Mann_a2 
_atom_type.scat_Cromer_Mann_a3 
_atom_type.scat_Cromer_Mann_a4 
_atom_type.scat_Cromer_Mann_b1 
_atom_type.scat_Cromer_Mann_b2 
_atom_type.scat_Cromer_Mann_b3 
_atom_type.scat_Cromer_Mann_b4 
_atom_type.scat_Cromer_Mann_c 
_atom_type.scat_source 
_atom_type.scat_dispersion_source 
C  ? ? 3.54356  2.42580 ? ? 25.62398 1.50364  ? ? 0.0 
;2-Gaussian fit: Grosse-Kunstleve RW, Sauter NK, Adams PD: Newsletter of the IUCr Commission on Crystallographic Computing 2004, 3, 22-31.
;
? 
CL ? ? 9.50761  7.44341 ? ? 1.04373  23.83732 ? ? 0.0 
;2-Gaussian fit: Grosse-Kunstleve RW, Sauter NK, Adams PD: Newsletter of the IUCr Commission on Crystallographic Computing 2004, 3, 22-31.
;
? 
CU ? ? 23.42449 5.47274 ? ? 2.18335  24.96234 ? ? 0.0 
;2-Gaussian fit: Grosse-Kunstleve RW, Sauter NK, Adams PD: Newsletter of the IUCr Commission on Crystallographic Computing 2004, 3, 22-31.
;
? 
N  ? ? 4.01032  2.96436 ? ? 19.97189 1.75589  ? ? 0.0 
;2-Gaussian fit: Grosse-Kunstleve RW, Sauter NK, Adams PD: Newsletter of the IUCr Commission on Crystallographic Computing 2004, 3, 22-31.
;
? 
O  ? ? 4.49882  3.47563 ? ? 15.80542 1.70748  ? ? 0.0 
;2-Gaussian fit: Grosse-Kunstleve RW, Sauter NK, Adams PD: Newsletter of the IUCr Commission on Crystallographic Computing 2004, 3, 22-31.
;
? 
S  ? ? 9.55732  6.39887 ? ? 1.23737  29.19336 ? ? 0.0 
;2-Gaussian fit: Grosse-Kunstleve RW, Sauter NK, Adams PD: Newsletter of the IUCr Commission on Crystallographic Computing 2004, 3, 22-31.
;
? 
# 
loop_
_atom_site.group_PDB 
_atom_site.id 
_atom_site.type_symbol 
_atom_site.label_atom_id 
_atom_site.label_alt_id 
_atom_site.label_comp_id 
_atom_site.label_asym_id 
_atom_site.label_entity_id 
_atom_site.label_seq_id 
_atom_site.pdbx_PDB_ins_code 
_atom_site.Cartn_x 
_atom_site.Cartn_y 
_atom_site.Cartn_z 
_atom_site.occupancy 
_atom_site.B_iso_or_equiv 
_atom_site.pdbx_formal_charge 
_atom_site.auth_seq_id 
_atom_site.auth_comp_id 
_atom_site.auth_asym_id 
_atom_site.auth_atom_id 
_atom_site.pdbx_PDB_model_num 
ATOM   1    N  N   . ALA A 1 1   ? 0.97977   13.07501  -18.28378 1.000 27.67000 ? 1   ALA A N   1 
ATOM   2    C  CA  . ALA A 1 1   ? 1.78486   12.28586  -17.34989 1.000 26.28000 ? 1   ALA A CA  1 
ATOM   3    C  C   . ALA A 1 1   ? 1.07074   10.98315  -17.01365 1.000 28.94000 ? 1   ALA A C   1 
ATOM   4    O  O   . ALA A 1 1   ? -0.15284  10.90995  -17.07466 1.000 21.47000 ? 1   ALA A O   1 
ATOM   5    C  CB  . ALA A 1 1   ? 2.04575   13.07621  -16.08302 1.000 25.51000 ? 1   ALA A CB  1 
ATOM   6    N  N   . GLU A 1 2   ? 1.82576   9.94988   -16.64762 1.000 23.07000 ? 2   GLU A N   1 
ATOM   7    C  CA  . GLU A 1 2   ? 1.19354   8.69453   -16.26544 1.000 25.81000 ? 2   GLU A CA  1 
ATOM   8    C  C   . GLU A 1 2   ? 0.53118   8.83502   -14.89995 1.000 19.77000 ? 2   GLU A C   1 
ATOM   9    O  O   . GLU A 1 2   ? 1.04525   9.51784   -14.01090 1.000 21.79000 ? 2   GLU A O   1 
ATOM   10   C  CB  . GLU A 1 2   ? 2.21556   7.55927   -16.23849 1.000 30.53000 ? 2   GLU A CB  1 
ATOM   11   C  CG  . GLU A 1 2   ? 3.01568   7.42683   -17.51826 1.000 34.23000 ? 2   GLU A CG  1 
ATOM   12   C  CD  . GLU A 1 2   ? 2.17635   6.91145   -18.67137 1.000 45.98000 ? 2   GLU A CD  1 
ATOM   13   O  OE1 . GLU A 1 2   ? 1.10728   6.31317   -18.41134 1.000 57.41000 ? 2   GLU A OE1 1 
ATOM   14   O  OE2 . GLU A 1 2   ? 2.58812   7.09757   -19.83771 1.000 59.63000 ? 2   GLU A OE2 1 
ATOM   15   N  N   . CYS A 1 3   ? -0.61674  8.17948   -14.73674 1.000 14.86000 ? 3   CYS A N   1 
ATOM   16   C  CA  . CYS A 1 3   ? -1.35647  8.20495   -13.47869 1.000 19.34000 ? 3   CYS A CA  1 
ATOM   17   C  C   . CYS A 1 3   ? -1.59224  6.80822   -12.92638 1.000 16.81000 ? 3   CYS A C   1 
ATOM   18   O  O   . CYS A 1 3   ? -2.62615  6.53281   -12.31208 1.000 15.59000 ? 3   CYS A O   1 
ATOM   19   C  CB  . CYS A 1 3   ? -2.65404  9.00942   -13.56898 1.000 21.20000 ? 3   CYS A CB  1 
ATOM   20   S  SG  . CYS A 1 3   ? -2.39422  10.69441  -14.19230 1.000 21.87000 ? 3   CYS A SG  1 
ATOM   21   N  N   . SER A 1 4   ? -0.63099  5.91872   -13.14265 1.000 18.55000 ? 4   SER A N   1 
ATOM   22   C  CA  . SER A 1 4   ? -0.71883  4.59253   -12.56703 1.000 17.18000 ? 4   SER A CA  1 
ATOM   23   C  C   . SER A 1 4   ? 0.69179   4.06706   -12.37088 1.000 15.97000 ? 4   SER A C   1 
ATOM   24   O  O   . SER A 1 4   ? 1.64247   4.50970   -13.02822 1.000 16.74000 ? 4   SER A O   1 
ATOM   25   C  CB  . SER A 1 4   ? -1.50161  3.62074   -13.45089 1.000 18.64000 ? 4   SER A CB  1 
ATOM   26   O  OG  . SER A 1 4   ? -0.80879  3.35232   -14.65105 1.000 25.45000 ? 4   SER A OG  1 
ATOM   27   N  N   . VAL A 1 5   ? 0.81515   3.10598   -11.46083 1.000 14.97000 ? 5   VAL A N   1 
ATOM   28   C  CA  . VAL A 1 5   ? 2.08131   2.42732   -11.23164 1.000 17.73000 ? 5   VAL A CA  1 
ATOM   29   C  C   . VAL A 1 5   ? 1.79889   0.95002   -10.99847 1.000 12.76000 ? 5   VAL A C   1 
ATOM   30   O  O   . VAL A 1 5   ? 0.79333   0.58934   -10.37819 1.000 13.47000 ? 5   VAL A O   1 
ATOM   31   C  CB  . VAL A 1 5   ? 2.85319   3.06221   -10.05261 1.000 14.88000 ? 5   VAL A CB  1 
ATOM   32   C  CG1 . VAL A 1 5   ? 2.05659   2.95833   -8.76424  1.000 14.08000 ? 5   VAL A CG1 1 
ATOM   33   C  CG2 . VAL A 1 5   ? 4.24710   2.43041   -9.89521  1.000 17.18000 ? 5   VAL A CG2 1 
ATOM   34   N  N   . ASP A 1 6   ? 2.67259   0.09378   -11.52142 1.000 14.77000 ? 6   ASP A N   1 
ATOM   35   C  CA  . ASP A 1 6   ? 2.60851   -1.34110  -11.28052 1.000 12.71000 ? 6   ASP A CA  1 
ATOM   36   C  C   . ASP A 1 6   ? 3.59937   -1.66396  -10.16774 1.000 16.19000 ? 6   ASP A C   1 
ATOM   37   O  O   . ASP A 1 6   ? 4.76766   -1.26780  -10.24315 1.000 15.47000 ? 6   ASP A O   1 
ATOM   38   C  CB  . ASP A 1 6   ? 2.96616   -2.12868  -12.54548 1.000 12.56000 ? 6   ASP A CB  1 
ATOM   39   C  CG  . ASP A 1 6   ? 1.92029   -1.98400  -13.66096 1.000 18.57000 ? 6   ASP A CG  1 
ATOM   40   O  OD1 . ASP A 1 6   ? 0.80458   -1.48236  -13.39856 1.000 17.75000 ? 6   ASP A OD1 1 
ATOM   41   O  OD2 . ASP A 1 6   ? 2.22847   -2.40082  -14.80296 1.000 23.84000 ? 6   ASP A OD2 1 
ATOM   42   N  N   . ILE A 1 7   ? 3.12035   -2.32853  -9.11643  1.000 10.05000 ? 7   ILE A N   1 
ATOM   43   C  CA  . ILE A 1 7   ? 3.92818   -2.67405  -7.95053  1.000 11.79000 ? 7   ILE A CA  1 
ATOM   44   C  C   . ILE A 1 7   ? 3.85596   -4.17861  -7.73290  1.000 12.16000 ? 7   ILE A C   1 
ATOM   45   O  O   . ILE A 1 7   ? 2.79284   -4.78630  -7.89474  1.000 10.54000 ? 7   ILE A O   1 
ATOM   46   C  CB  . ILE A 1 7   ? 3.43029   -1.94033  -6.68873  1.000 14.92000 ? 7   ILE A CB  1 
ATOM   47   C  CG1 . ILE A 1 7   ? 3.29960   -0.45085  -6.94487  1.000 20.65000 ? 7   ILE A CG1 1 
ATOM   48   C  CG2 . ILE A 1 7   ? 4.33994   -2.22357  -5.50585  1.000 13.41000 ? 7   ILE A CG2 1 
ATOM   49   C  CD1 . ILE A 1 7   ? 3.24303   0.37232   -5.68777  1.000 24.77000 ? 7   ILE A CD1 1 
ATOM   50   N  N   . GLN A 1 8   ? 4.97307   -4.76756  -7.32243  1.000 8.76000  ? 8   GLN A N   1 
ATOM   51   C  CA  . GLN A 1 8   ? 5.03167   -6.18342  -6.98604  1.000 9.97000  ? 8   GLN A CA  1 
ATOM   52   C  C   . GLN A 1 8   ? 5.49603   -6.34893  -5.55326  1.000 10.52000 ? 8   GLN A C   1 
ATOM   53   O  O   . GLN A 1 8   ? 6.32362   -5.57139  -5.06654  1.000 10.40000 ? 8   GLN A O   1 
ATOM   54   C  CB  . GLN A 1 8   ? 6.04148   -6.91528  -7.86582  1.000 10.72000 ? 8   GLN A CB  1 
ATOM   55   C  CG  . GLN A 1 8   ? 5.68728   -6.89420  -9.33190  1.000 11.40000 ? 8   GLN A CG  1 
ATOM   56   C  CD  . GLN A 1 8   ? 6.77607   -7.47358  -10.19546 1.000 16.68000 ? 8   GLN A CD  1 
ATOM   57   O  OE1 . GLN A 1 8   ? 7.86829   -7.80835  -9.71154  1.000 15.40000 ? 8   GLN A OE1 1 
ATOM   58   N  NE2 . GLN A 1 8   ? 6.49413   -7.59994  -11.48915 1.000 21.63000 ? 8   GLN A NE2 1 
ATOM   59   N  N   . GLY A 1 9   ? 4.94742   -7.36431  -4.88404  1.000 8.91000  ? 9   GLY A N   1 
ATOM   60   C  CA  . GLY A 1 9   ? 5.50806   -7.85302  -3.63766  1.000 9.28000  ? 9   GLY A CA  1 
ATOM   61   C  C   . GLY A 1 9   ? 5.87488   -9.30417  -3.85585  1.000 9.76000  ? 9   GLY A C   1 
ATOM   62   O  O   . GLY A 1 9   ? 5.09663   -10.05897 -4.44537  1.000 10.73000 ? 9   GLY A O   1 
ATOM   63   N  N   . ASN A 1 10  ? 7.05067   -9.71943  -3.39810  1.000 10.73000 ? 10  ASN A N   1 
ATOM   64   C  CA  . ASN A 1 10  ? 7.56977   -11.04187 -3.74146  1.000 12.44000 ? 10  ASN A CA  1 
ATOM   65   C  C   . ASN A 1 10  ? 7.72576   -11.91111 -2.48382  1.000 12.37000 ? 10  ASN A C   1 
ATOM   66   O  O   . ASN A 1 10  ? 7.27257   -11.55560 -1.39490  1.000 13.53000 ? 10  ASN A O   1 
ATOM   67   C  CB  . ASN A 1 10  ? 8.85901   -10.92153 -4.56315  1.000 11.94000 ? 10  ASN A CB  1 
ATOM   68   C  CG  . ASN A 1 10  ? 9.98937   -10.28874 -3.78229  1.000 12.85000 ? 10  ASN A CG  1 
ATOM   69   O  OD1 . ASN A 1 10  ? 9.88755   -10.09116 -2.56724  1.000 10.50000 ? 10  ASN A OD1 1 
ATOM   70   N  ND2 . ASN A 1 10  ? 11.08839  -9.97718  -4.47373  1.000 13.15000 ? 10  ASN A ND2 1 
ATOM   71   N  N   . ASP A 1 11  ? 8.40304   -13.05391 -2.64511  1.000 10.97000 ? 11  ASP A N   1 
ATOM   72   C  CA  . ASP A 1 11  ? 8.65331   -13.95637 -1.51892  1.000 9.68000  ? 11  ASP A CA  1 
ATOM   73   C  C   . ASP A 1 11  ? 9.80724   -13.48837 -0.64185  1.000 13.84000 ? 11  ASP A C   1 
ATOM   74   O  O   . ASP A 1 11  ? 10.10824  -14.14834 0.35930   1.000 13.85000 ? 11  ASP A O   1 
ATOM   75   C  CB  . ASP A 1 11  ? 8.95875   -15.37657 -2.02864  1.000 11.42000 ? 11  ASP A CB  1 
ATOM   76   C  CG  . ASP A 1 11  ? 7.71861   -16.10374 -2.57649  1.000 15.08000 ? 11  ASP A CG  1 
ATOM   77   O  OD1 . ASP A 1 11  ? 6.56772   -15.67675 -2.28942  1.000 14.96000 ? 11  ASP A OD1 1 
ATOM   78   O  OD2 . ASP A 1 11  ? 7.92373   -17.10388 -3.30255  1.000 17.40000 ? 11  ASP A OD2 1 
ATOM   79   N  N   . GLN A 1 12  ? 10.46266  -12.38361 -1.00649  1.000 9.33000  ? 12  GLN A N   1 
ATOM   80   C  CA  . GLN A 1 12  ? 11.65979  -11.88686 -0.32460  1.000 7.91000  ? 12  GLN A CA  1 
ATOM   81   C  C   . GLN A 1 12  ? 11.37141  -10.65477 0.52894   1.000 10.09000 ? 12  GLN A C   1 
ATOM   82   O  O   . GLN A 1 12  ? 12.28646  -9.87454  0.81198   1.000 10.14000 ? 12  GLN A O   1 
ATOM   83   C  CB  . GLN A 1 12  ? 12.73641  -11.54354 -1.36228  1.000 11.58000 ? 12  GLN A CB  1 
ATOM   84   C  CG  . GLN A 1 12  ? 13.02961  -12.68080 -2.31594  1.000 10.84000 ? 12  GLN A CG  1 
ATOM   85   C  CD  . GLN A 1 12  ? 13.88003  -12.28441 -3.53466  1.000 11.26000 ? 12  GLN A CD  1 
ATOM   86   O  OE1 . GLN A 1 12  ? 14.09312  -13.10296 -4.42191  1.000 15.67000 ? 12  GLN A OE1 1 
ATOM   87   N  NE2 . GLN A 1 12  ? 14.36739  -11.04278 -3.58037  1.000 13.02000 ? 12  GLN A NE2 1 
ATOM   88   N  N   . PHE A 1 13  ? 10.11021  -10.44941 0.92509   1.000 10.25000 ? 13  PHE A N   1 
ATOM   89   C  CA  . PHE A 1 13  ? 9.75170   -9.35438  1.82750   1.000 10.25000 ? 13  PHE A CA  1 
ATOM   90   C  C   . PHE A 1 13  ? 9.94766   -7.98559  1.18127   1.000 8.88000  ? 13  PHE A C   1 
ATOM   91   O  O   . PHE A 1 13  ? 10.22304  -7.00122  1.87217   1.000 10.19000 ? 13  PHE A O   1 
ATOM   92   C  CB  . PHE A 1 13  ? 10.51683  -9.41365  3.16236   1.000 8.34000  ? 13  PHE A CB  1 
ATOM   93   C  CG  . PHE A 1 13  ? 10.48859  -10.76809 3.84376   1.000 9.17000  ? 13  PHE A CG  1 
ATOM   94   C  CD1 . PHE A 1 13  ? 9.37304   -11.17992 4.57130   1.000 8.51000  ? 13  PHE A CD1 1 
ATOM   95   C  CD2 . PHE A 1 13  ? 11.58159  -11.63571 3.74384   1.000 11.02000 ? 13  PHE A CD2 1 
ATOM   96   C  CE1 . PHE A 1 13  ? 9.35088   -12.41758 5.21398   1.000 15.51000 ? 13  PHE A CE1 1 
ATOM   97   C  CE2 . PHE A 1 13  ? 11.56069  -12.87752 4.35465   1.000 11.34000 ? 13  PHE A CE2 1 
ATOM   98   C  CZ  . PHE A 1 13  ? 10.44195  -13.26481 5.09990   1.000 12.68000 ? 13  PHE A CZ  1 
ATOM   99   N  N   . GLN A 1 14  ? 9.76920   -7.88935  -0.14669  1.000 9.40000  ? 14  GLN A N   1 
ATOM   100  C  CA  . GLN A 1 14  ? 10.12899  -6.65848  -0.83769  1.000 8.33000  ? 14  GLN A CA  1 
ATOM   101  C  C   . GLN A 1 14  ? 9.02759   -6.20278  -1.78335  1.000 6.04000  ? 14  GLN A C   1 
ATOM   102  O  O   . GLN A 1 14  ? 8.44749   -7.00937  -2.51368  1.000 8.90000  ? 14  GLN A O   1 
ATOM   103  C  CB  . GLN A 1 14  ? 11.37804  -6.85414  -1.69675  1.000 10.88000 ? 14  GLN A CB  1 
ATOM   104  C  CG  . GLN A 1 14  ? 12.67128  -7.13829  -0.94483  1.000 12.73000 ? 14  GLN A CG  1 
ATOM   105  C  CD  . GLN A 1 14  ? 13.76163  -7.61316  -1.88225  1.000 11.62000 ? 14  GLN A CD  1 
ATOM   106  O  OE1 . GLN A 1 14  ? 13.49503  -8.30213  -2.87286  1.000 16.69000 ? 14  GLN A OE1 1 
ATOM   107  N  NE2 . GLN A 1 14  ? 15.00303  -7.23824  -1.57915  1.000 23.33000 ? 14  GLN A NE2 1 
ATOM   108  N  N   . PHE A 1 15  ? 8.77926   -4.89869  -1.79059  1.000 7.54000  ? 15  PHE A N   1 
ATOM   109  C  CA  . PHE A 1 15  ? 8.14893   -4.24630  -2.93267  1.000 8.71000  ? 15  PHE A CA  1 
ATOM   110  C  C   . PHE A 1 15  ? 9.24800   -3.87852  -3.93081  1.000 8.11000  ? 15  PHE A C   1 
ATOM   111  O  O   . PHE A 1 15  ? 10.42745  -3.74882  -3.57400  1.000 10.43000 ? 15  PHE A O   1 
ATOM   112  C  CB  . PHE A 1 15  ? 7.51497   -2.91063  -2.53613  1.000 8.39000  ? 15  PHE A CB  1 
ATOM   113  C  CG  . PHE A 1 15  ? 6.19408   -3.00246  -1.79906  1.000 9.70000  ? 15  PHE A CG  1 
ATOM   114  C  CD1 . PHE A 1 15  ? 5.13381   -3.76773  -2.25613  1.000 8.39000  ? 15  PHE A CD1 1 
ATOM   115  C  CD2 . PHE A 1 15  ? 6.01756   -2.25949  -0.64997  1.000 10.31000 ? 15  PHE A CD2 1 
ATOM   116  C  CE1 . PHE A 1 15  ? 3.91698   -3.79615  -1.56943  1.000 8.82000  ? 15  PHE A CE1 1 
ATOM   117  C  CE2 . PHE A 1 15  ? 4.82257   -2.29721  0.05117   1.000 8.85000  ? 15  PHE A CE2 1 
ATOM   118  C  CZ  . PHE A 1 15  ? 3.76030   -3.05703  -0.42194  1.000 9.89000  ? 15  PHE A CZ  1 
ATOM   119  N  N   . ASN A 1 16  ? 8.86342   -3.69705  -5.19545  1.000 8.82000  ? 16  ASN A N   1 
ATOM   120  C  CA  . ASN A 1 16  ? 9.85864   -3.37288  -6.21264  1.000 8.52000  ? 16  ASN A CA  1 
ATOM   121  C  C   . ASN A 1 16  ? 10.08845  -1.87673  -6.39413  1.000 10.85000 ? 16  ASN A C   1 
ATOM   122  O  O   . ASN A 1 16  ? 10.80053  -1.48446  -7.32618  1.000 13.20000 ? 16  ASN A O   1 
ATOM   123  C  CB  . ASN A 1 16  ? 9.53166   -4.01823  -7.56652  1.000 11.32000 ? 16  ASN A CB  1 
ATOM   124  C  CG  . ASN A 1 16  ? 8.16476   -3.63654  -8.10545  1.000 12.40000 ? 16  ASN A CG  1 
ATOM   125  O  OD1 . ASN A 1 16  ? 7.33707   -3.02663  -7.41579  1.000 11.00000 ? 16  ASN A OD1 1 
ATOM   126  N  ND2 . ASN A 1 16  ? 7.93097   -3.96627  -9.37839  1.000 12.64000 ? 16  ASN A ND2 1 
ATOM   127  N  N   . THR A 1 17  ? 9.51920   -1.04882  -5.52582  1.000 9.80000  ? 17  THR A N   1 
ATOM   128  C  CA  . THR A 1 17  ? 9.86896   0.36510   -5.44986  1.000 11.07000 ? 17  THR A CA  1 
ATOM   129  C  C   . THR A 1 17  ? 9.69459   0.83629   -4.02109  1.000 10.55000 ? 17  THR A C   1 
ATOM   130  O  O   . THR A 1 17  ? 8.87590   0.29097   -3.27825  1.000 11.35000 ? 17  THR A O   1 
ATOM   131  C  CB  . THR A 1 17  ? 9.01462   1.22279   -6.39628  1.000 15.09000 ? 17  THR A CB  1 
ATOM   132  O  OG1 . THR A 1 17  ? 9.41287   2.59592   -6.27421  1.000 15.24000 ? 17  THR A OG1 1 
ATOM   133  C  CG2 . THR A 1 17  ? 7.54113   1.10806   -6.06779  1.000 12.57000 ? 17  THR A CG2 1 
ATOM   134  N  N   . ASN A 1 18  ? 10.46674  1.86595   -3.65218  1.000 9.97000  ? 18  ASN A N   1 
ATOM   135  C  CA  . ASN A 1 18  ? 10.34378  2.49659   -2.34201  1.000 7.92000  ? 18  ASN A CA  1 
ATOM   136  C  C   . ASN A 1 18  ? 9.95338   3.96555   -2.44110  1.000 11.05000 ? 18  ASN A C   1 
ATOM   137  O  O   . ASN A 1 18  ? 10.05225  4.69428   -1.45098  1.000 11.63000 ? 18  ASN A O   1 
ATOM   138  C  CB  . ASN A 1 18  ? 11.63377  2.32508   -1.52513  1.000 10.55000 ? 18  ASN A CB  1 
ATOM   139  C  CG  . ASN A 1 18  ? 12.83307  3.00006   -2.17003  1.000 13.61000 ? 18  ASN A CG  1 
ATOM   140  O  OD1 . ASN A 1 18  ? 12.68274  3.92278   -2.97161  1.000 12.85000 ? 18  ASN A OD1 1 
ATOM   141  N  ND2 . ASN A 1 18  ? 14.03364  2.50853   -1.86395  1.000 11.64000 ? 18  ASN A ND2 1 
ATOM   142  N  N   . ALA A 1 19  ? 9.52048   4.41686   -3.61489  1.000 12.08000 ? 19  ALA A N   1 
ATOM   143  C  CA  . ALA A 1 19  ? 9.20260   5.82851   -3.79935  1.000 13.31000 ? 19  ALA A CA  1 
ATOM   144  C  C   . ALA A 1 19  ? 8.25371   5.95496   -4.97601  1.000 11.79000 ? 19  ALA A C   1 
ATOM   145  O  O   . ALA A 1 19  ? 8.61312   5.60825   -6.10578  1.000 15.74000 ? 19  ALA A O   1 
ATOM   146  C  CB  . ALA A 1 19  ? 10.47556  6.63200   -4.06240  1.000 15.14000 ? 19  ALA A CB  1 
ATOM   147  N  N   . ILE A 1 20  ? 7.05403   6.45366   -4.71012  1.000 12.25000 ? 20  ILE A N   1 
ATOM   148  C  CA  . ILE A 1 20  ? 6.04838   6.68006   -5.74172  1.000 12.43000 ? 20  ILE A CA  1 
ATOM   149  C  C   . ILE A 1 20  ? 5.83114   8.18526   -5.87968  1.000 16.54000 ? 20  ILE A C   1 
ATOM   150  O  O   . ILE A 1 20  ? 5.69846   8.90003   -4.87960  1.000 15.58000 ? 20  ILE A O   1 
ATOM   151  C  CB  . ILE A 1 20  ? 4.73516   5.95391   -5.40967  1.000 12.84000 ? 20  ILE A CB  1 
ATOM   152  C  CG1 . ILE A 1 20  ? 4.94736   4.44181   -5.35939  1.000 14.66000 ? 20  ILE A CG1 1 
ATOM   153  C  CG2 . ILE A 1 20  ? 3.64789   6.30928   -6.43879  1.000 13.86000 ? 20  ILE A CG2 1 
ATOM   154  C  CD1 . ILE A 1 20  ? 3.77237   3.69672   -4.77119  1.000 16.13000 ? 20  ILE A CD1 1 
ATOM   155  N  N   A THR A 1 21  ? 5.79917   8.65213   -7.11942  0.670 18.64000 ? 21  THR A N   1 
ATOM   156  N  N   B THR A 1 21  ? 5.82003   8.66564   -7.11762  0.330 18.56000 ? 21  THR A N   1 
ATOM   157  C  CA  A THR A 1 21  ? 5.51848   10.04061  -7.43626  0.670 15.99000 ? 21  THR A CA  1 
ATOM   158  C  CA  B THR A 1 21  ? 5.51885   10.05848  -7.41409  0.330 16.07000 ? 21  THR A CA  1 
ATOM   159  C  C   A THR A 1 21  ? 4.17648   10.09673  -8.15292  0.670 16.25000 ? 21  THR A C   1 
ATOM   160  C  C   B THR A 1 21  ? 4.19511   10.12023  -8.15974  0.330 16.29000 ? 21  THR A C   1 
ATOM   161  O  O   A THR A 1 21  ? 3.95034   9.35657   -9.11552  0.670 18.82000 ? 21  THR A O   1 
ATOM   162  O  O   B THR A 1 21  ? 4.00714   9.42160   -9.16082  0.330 18.81000 ? 21  THR A O   1 
ATOM   163  C  CB  A THR A 1 21  ? 6.62341   10.58460  -8.33703  0.670 19.18000 ? 21  THR A CB  1 
ATOM   164  C  CB  B THR A 1 21  ? 6.62493   10.68809  -8.26175  0.330 19.06000 ? 21  THR A CB  1 
ATOM   165  O  OG1 A THR A 1 21  ? 7.78252   10.86956  -7.54339  0.670 22.38000 ? 21  THR A OG1 1 
ATOM   166  O  OG1 B THR A 1 21  ? 6.78779   9.93581   -9.47015  0.330 16.73000 ? 21  THR A OG1 1 
ATOM   167  C  CG2 A THR A 1 21  ? 6.16252   11.82823  -9.04437  0.670 19.92000 ? 21  THR A CG2 1 
ATOM   168  C  CG2 B THR A 1 21  ? 7.93386   10.69396  -7.49311  0.330 21.70000 ? 21  THR A CG2 1 
ATOM   169  N  N   . VAL A 1 22  ? 3.27944   10.94156  -7.66004  1.000 15.39000 ? 22  VAL A N   1 
ATOM   170  C  CA  . VAL A 1 22  ? 1.99202   11.17688  -8.29930  1.000 16.60000 ? 22  VAL A CA  1 
ATOM   171  C  C   . VAL A 1 22  ? 2.04141   12.57306  -8.90577  1.000 15.88000 ? 22  VAL A C   1 
ATOM   172  O  O   . VAL A 1 22  ? 2.19161   13.56759  -8.18408  1.000 17.27000 ? 22  VAL A O   1 
ATOM   173  C  CB  . VAL A 1 22  ? 0.83572   11.06421  -7.29897  1.000 15.86000 ? 22  VAL A CB  1 
ATOM   174  C  CG1 . VAL A 1 22  ? -0.47774  11.42235  -7.98111  1.000 17.21000 ? 22  VAL A CG1 1 
ATOM   175  C  CG2 . VAL A 1 22  ? 0.77621   9.66163   -6.68325  1.000 16.97000 ? 22  VAL A CG2 1 
ATOM   176  N  N   . ASP A 1 23  ? 1.91007   12.65015  -10.22593 1.000 18.54000 ? 23  ASP A N   1 
ATOM   177  C  CA  . ASP A 1 23  ? 1.93585   13.94922  -10.88885 1.000 20.42000 ? 23  ASP A CA  1 
ATOM   178  C  C   . ASP A 1 23  ? 0.71275   14.76924  -10.49424 1.000 22.20000 ? 23  ASP A C   1 
ATOM   179  O  O   . ASP A 1 23  ? -0.41464  14.26270  -10.50230 1.000 19.93000 ? 23  ASP A O   1 
ATOM   180  C  CB  . ASP A 1 23  ? 1.98674   13.77460  -12.40044 1.000 16.83000 ? 23  ASP A CB  1 
ATOM   181  C  CG  . ASP A 1 23  ? 2.40035   15.04987  -13.11586 1.000 28.31000 ? 23  ASP A CG  1 
ATOM   182  O  OD1 . ASP A 1 23  ? 1.61470   16.03296  -13.09832 1.000 24.28000 ? 23  ASP A OD1 1 
ATOM   183  O  OD2 . ASP A 1 23  ? 3.51732   15.07085  -13.67680 1.000 24.80000 ? 23  ASP A OD2 1 
ATOM   184  N  N   . LYS A 1 24  ? 0.94384   16.04650  -10.16316 1.000 20.61000 ? 24  LYS A N   1 
ATOM   185  C  CA  . LYS A 1 24  ? -0.11775  16.92741  -9.67945  1.000 20.77000 ? 24  LYS A CA  1 
ATOM   186  C  C   . LYS A 1 24  ? -1.22774  17.11983  -10.70613 1.000 22.93000 ? 24  LYS A C   1 
ATOM   187  O  O   . LYS A 1 24  ? -2.33476  17.52960  -10.33694 1.000 22.82000 ? 24  LYS A O   1 
ATOM   188  C  CB  . LYS A 1 24  ? 0.47205   18.29425  -9.33151  1.000 29.05000 ? 24  LYS A CB  1 
ATOM   189  C  CG  . LYS A 1 24  ? 1.08239   18.37567  -7.94146  1.000 33.19000 ? 24  LYS A CG  1 
ATOM   190  C  CD  . LYS A 1 24  ? 1.93418   19.62831  -7.78699  1.000 38.69000 ? 24  LYS A CD  1 
ATOM   191  C  CE  . LYS A 1 24  ? 1.72697   20.26631  -6.42609  1.000 51.96000 ? 24  LYS A CE  1 
ATOM   192  N  NZ  . LYS A 1 24  ? 2.59665   21.45482  -6.20355  1.000 48.09000 ? 24  LYS A NZ  1 
ATOM   193  N  N   . SER A 1 25  ? -0.95754  16.84050  -11.97974 1.000 20.95000 ? 25  SER A N   1 
ATOM   194  C  CA  . SER A 1 25  ? -1.98148  16.92987  -13.01468 1.000 20.41000 ? 25  SER A CA  1 
ATOM   195  C  C   . SER A 1 25  ? -2.89992  15.71256  -13.05832 1.000 21.32000 ? 25  SER A C   1 
ATOM   196  O  O   . SER A 1 25  ? -3.91252  15.74440  -13.76711 1.000 21.83000 ? 25  SER A O   1 
ATOM   197  C  CB  . SER A 1 25  ? -1.33549  17.20744  -14.37851 1.000 16.45000 ? 25  SER A CB  1 
ATOM   198  O  OG  . SER A 1 25  ? -0.81583  16.03074  -14.98459 1.000 21.88000 ? 25  SER A OG  1 
ATOM   199  N  N   . CYS A 1 26  ? -2.59148  14.65093  -12.31884 1.000 20.39000 ? 26  CYS A N   1 
ATOM   200  C  CA  . CYS A 1 26  ? -3.48242  13.49708  -12.29175 1.000 20.28000 ? 26  CYS A CA  1 
ATOM   201  C  C   . CYS A 1 26  ? -4.72789  13.80823  -11.47178 1.000 16.59000 ? 26  CYS A C   1 
ATOM   202  O  O   . CYS A 1 26  ? -4.65237  14.42426  -10.40561 1.000 19.32000 ? 26  CYS A O   1 
ATOM   203  C  CB  . CYS A 1 26  ? -2.77560  12.28103  -11.67868 1.000 20.61000 ? 26  CYS A CB  1 
ATOM   204  S  SG  . CYS A 1 26  ? -1.40646  11.62110  -12.66262 1.000 18.94000 ? 26  CYS A SG  1 
ATOM   205  N  N   . LYS A 1 27  ? -5.88394  13.36973  -11.97333 1.000 17.06000 ? 27  LYS A N   1 
ATOM   206  C  CA  . LYS A 1 27  ? -7.12380  13.46510  -11.21323 1.000 20.56000 ? 27  LYS A CA  1 
ATOM   207  C  C   . LYS A 1 27  ? -7.37110  12.20773  -10.39005 1.000 18.32000 ? 27  LYS A C   1 
ATOM   208  O  O   . LYS A 1 27  ? -7.87576  12.28465  -9.26220  1.000 19.64000 ? 27  LYS A O   1 
ATOM   209  C  CB  . LYS A 1 27  ? -8.30077  13.70289  -12.16672 1.000 21.12000 ? 27  LYS A CB  1 
ATOM   210  C  CG  . LYS A 1 27  ? -8.15459  14.94164  -13.04325 1.000 23.07000 ? 27  LYS A CG  1 
ATOM   211  C  CD  . LYS A 1 27  ? -7.88835  16.18629  -12.20655 1.000 23.45000 ? 27  LYS A CD  1 
ATOM   212  C  CE  . LYS A 1 27  ? -9.18336  16.72470  -11.60926 1.000 30.16000 ? 27  LYS A CE  1 
ATOM   213  N  NZ  . LYS A 1 27  ? -8.97296  17.80163  -10.59039 1.000 37.40000 ? 27  LYS A NZ  1 
ATOM   214  N  N   . GLN A 1 28  ? -7.03114  11.05538  -10.94935 1.000 21.35000 ? 28  GLN A N   1 
ATOM   215  C  CA  . GLN A 1 28  ? -7.07766  9.78609   -10.24960 1.000 19.40000 ? 28  GLN A CA  1 
ATOM   216  C  C   . GLN A 1 28  ? -5.69759  9.15429   -10.33291 1.000 20.38000 ? 28  GLN A C   1 
ATOM   217  O  O   . GLN A 1 28  ? -4.87878  9.49836   -11.19178 1.000 20.35000 ? 28  GLN A O   1 
ATOM   218  C  CB  . GLN A 1 28  ? -8.10924  8.84811   -10.89201 1.000 22.15000 ? 28  GLN A CB  1 
ATOM   219  C  CG  . GLN A 1 28  ? -7.68075  8.31480   -12.25845 1.000 27.35000 ? 28  GLN A CG  1 
ATOM   220  C  CD  . GLN A 1 28  ? -8.65033  7.28977   -12.84028 1.000 39.49000 ? 28  GLN A CD  1 
ATOM   221  O  OE1 . GLN A 1 28  ? -9.85976  7.36306   -12.61219 1.000 39.25000 ? 28  GLN A OE1 1 
ATOM   222  N  NE2 . GLN A 1 28  ? -8.11899  6.33406   -13.61191 1.000 29.96000 ? 28  GLN A NE2 1 
ATOM   223  N  N   . PHE A 1 29  ? -5.44179  8.21639   -9.43401  1.000 19.89000 ? 29  PHE A N   1 
ATOM   224  C  CA  . PHE A 1 29  ? -4.19090  7.47433   -9.48695  1.000 15.85000 ? 29  PHE A CA  1 
ATOM   225  C  C   . PHE A 1 29  ? -4.47602  6.01300   -9.18830  1.000 15.45000 ? 29  PHE A C   1 
ATOM   226  O  O   . PHE A 1 29  ? -5.26166  5.70903   -8.28648  1.000 17.56000 ? 29  PHE A O   1 
ATOM   227  C  CB  . PHE A 1 29  ? -3.17557  8.03126   -8.49076  1.000 16.11000 ? 29  PHE A CB  1 
ATOM   228  C  CG  . PHE A 1 29  ? -1.78795  7.51518   -8.71058  1.000 16.64000 ? 29  PHE A CG  1 
ATOM   229  C  CD1 . PHE A 1 29  ? -0.99835  8.01678   -9.73189  1.000 18.74000 ? 29  PHE A CD1 1 
ATOM   230  C  CD2 . PHE A 1 29  ? -1.27209  6.51802   -7.89057  1.000 19.72000 ? 29  PHE A CD2 1 
ATOM   231  C  CE1 . PHE A 1 29  ? 0.29006   7.53265   -9.93882  1.000 15.34000 ? 29  PHE A CE1 1 
ATOM   232  C  CE2 . PHE A 1 29  ? 0.00554   6.02783   -8.09037  1.000 14.60000 ? 29  PHE A CE2 1 
ATOM   233  C  CZ  . PHE A 1 29  ? 0.78930   6.53088   -9.10440  1.000 13.60000 ? 29  PHE A CZ  1 
ATOM   234  N  N   . THR A 1 30  ? -3.84942  5.11397   -9.95507  1.000 13.35000 ? 30  THR A N   1 
ATOM   235  C  CA  . THR A 1 30  ? -4.10222  3.68116   -9.84776  1.000 15.33000 ? 30  THR A CA  1 
ATOM   236  C  C   . THR A 1 30  ? -2.81998  2.95823   -9.46668  1.000 13.92000 ? 30  THR A C   1 
ATOM   237  O  O   . THR A 1 30  ? -1.76242  3.21431   -10.05496 1.000 15.22000 ? 30  THR A O   1 
ATOM   238  C  CB  . THR A 1 30  ? -4.64378  3.12721   -11.16739 1.000 17.42000 ? 30  THR A CB  1 
ATOM   239  O  OG1 . THR A 1 30  ? -5.87544  3.79006   -11.46628 1.000 17.44000 ? 30  THR A OG1 1 
ATOM   240  C  CG2 . THR A 1 30  ? -4.89925  1.61836   -11.07659 1.000 16.60000 ? 30  THR A CG2 1 
ATOM   241  N  N   . VAL A 1 31  ? -2.91785  2.06942   -8.47642  1.000 12.67000 ? 31  VAL A N   1 
ATOM   242  C  CA  . VAL A 1 31  ? -1.83828  1.14165   -8.12344  1.000 13.03000 ? 31  VAL A CA  1 
ATOM   243  C  C   . VAL A 1 31  ? -2.29143  -0.26310  -8.51066  1.000 12.69000 ? 31  VAL A C   1 
ATOM   244  O  O   . VAL A 1 31  ? -3.34519  -0.72589  -8.05513  1.000 13.32000 ? 31  VAL A O   1 
ATOM   245  C  CB  . VAL A 1 31  ? -1.50342  1.20567   -6.62637  1.000 13.31000 ? 31  VAL A CB  1 
ATOM   246  C  CG1 . VAL A 1 31  ? -0.53159  0.07126   -6.25467  1.000 13.42000 ? 31  VAL A CG1 1 
ATOM   247  C  CG2 . VAL A 1 31  ? -0.91752  2.55765   -6.25493  1.000 13.77000 ? 31  VAL A CG2 1 
ATOM   248  N  N   . ASN A 1 32  ? -1.49646  -0.94778  -9.34231  1.000 12.23000 ? 32  ASN A N   1 
ATOM   249  C  CA  . ASN A 1 32  ? -1.76512  -2.33290  -9.73904  1.000 11.35000 ? 32  ASN A CA  1 
ATOM   250  C  C   . ASN A 1 32  ? -0.75067  -3.22261  -9.03119  1.000 11.55000 ? 32  ASN A C   1 
ATOM   251  O  O   . ASN A 1 32  ? 0.41606   -3.28604  -9.43156  1.000 11.84000 ? 32  ASN A O   1 
ATOM   252  C  CB  . ASN A 1 32  ? -1.65418  -2.52530  -11.25375 1.000 11.77000 ? 32  ASN A CB  1 
ATOM   253  C  CG  . ASN A 1 32  ? -2.54914  -1.58179  -12.02875 1.000 16.58000 ? 32  ASN A CG  1 
ATOM   254  O  OD1 . ASN A 1 32  ? -3.76094  -1.54110  -11.81792 1.000 15.60000 ? 32  ASN A OD1 1 
ATOM   255  N  ND2 . ASN A 1 32  ? -1.95113  -0.80551  -12.91792 1.000 16.24000 ? 32  ASN A ND2 1 
ATOM   256  N  N   . LEU A 1 33  ? -1.20785  -3.91753  -7.99533  1.000 10.54000 ? 33  LEU A N   1 
ATOM   257  C  CA  . LEU A 1 33  ? -0.34199  -4.78108  -7.19752  1.000 11.29000 ? 33  LEU A CA  1 
ATOM   258  C  C   . LEU A 1 33  ? -0.42448  -6.22121  -7.69202  1.000 12.02000 ? 33  LEU A C   1 
ATOM   259  O  O   . LEU A 1 33  ? -1.50902  -6.72254  -8.00034  1.000 12.48000 ? 33  LEU A O   1 
ATOM   260  C  CB  . LEU A 1 33  ? -0.76442  -4.71264  -5.73178  1.000 11.05000 ? 33  LEU A CB  1 
ATOM   261  C  CG  . LEU A 1 33  ? 0.11616   -5.53700  -4.78018  1.000 9.19000  ? 33  LEU A CG  1 
ATOM   262  C  CD1 . LEU A 1 33  ? 1.48620   -4.89108  -4.63140  1.000 13.34000 ? 33  LEU A CD1 1 
ATOM   263  C  CD2 . LEU A 1 33  ? -0.56658  -5.60442  -3.42395  1.000 12.20000 ? 33  LEU A CD2 1 
ATOM   264  N  N   . SER A 1 34  ? 0.72798   -6.89750  -7.75679  1.000 10.77000 ? 34  SER A N   1 
ATOM   265  C  CA  . SER A 1 34  ? 0.75289   -8.31885  -8.07379  1.000 10.86000 ? 34  SER A CA  1 
ATOM   266  C  C   . SER A 1 34  ? 1.73727   -9.00447  -7.13393  1.000 9.95000  ? 34  SER A C   1 
ATOM   267  O  O   . SER A 1 34  ? 2.55715   -8.35141  -6.47412  1.000 11.43000 ? 34  SER A O   1 
ATOM   268  C  CB  . SER A 1 34  ? 1.12523   -8.59457  -9.53989  1.000 10.89000 ? 34  SER A CB  1 
ATOM   269  O  OG  . SER A 1 34  ? 2.35876   -7.97038  -9.89031  1.000 12.22000 ? 34  SER A OG  1 
ATOM   270  N  N   . HIS A 1 35  ? 1.66939   -10.33632 -7.10338  1.000 11.01000 ? 35  HIS A N   1 
ATOM   271  C  CA  . HIS A 1 35  ? 2.48370   -11.16375 -6.20739  1.000 9.70000  ? 35  HIS A CA  1 
ATOM   272  C  C   . HIS A 1 35  ? 3.10815   -12.25289 -7.07017  1.000 13.85000 ? 35  HIS A C   1 
ATOM   273  O  O   . HIS A 1 35  ? 2.54406   -13.34344 -7.22235  1.000 15.51000 ? 35  HIS A O   1 
ATOM   274  C  CB  . HIS A 1 35  ? 1.60595   -11.75101 -5.10680  1.000 10.73000 ? 35  HIS A CB  1 
ATOM   275  C  CG  . HIS A 1 35  ? 2.36085   -12.39323 -3.98591  1.000 11.35000 ? 35  HIS A CG  1 
ATOM   276  N  ND1 . HIS A 1 35  ? 3.47405   -13.18275 -4.18870  1.000 13.28000 ? 35  HIS A ND1 1 
ATOM   277  C  CD2 . HIS A 1 35  ? 2.16151   -12.34293 -2.64824  1.000 10.32000 ? 35  HIS A CD2 1 
ATOM   278  C  CE1 . HIS A 1 35  ? 3.92156   -13.60704 -3.01754  1.000 12.36000 ? 35  HIS A CE1 1 
ATOM   279  N  NE2 . HIS A 1 35  ? 3.14740   -13.11180 -2.06716  1.000 12.44000 ? 35  HIS A NE2 1 
ATOM   280  N  N   . PRO A 1 36  ? 4.27671   -11.99663 -7.66184  1.000 12.25000 ? 36  PRO A N   1 
ATOM   281  C  CA  . PRO A 1 36  ? 4.93803   -13.01392 -8.48108  1.000 13.90000 ? 36  PRO A CA  1 
ATOM   282  C  C   . PRO A 1 36  ? 5.65058   -14.09921 -7.68874  1.000 16.35000 ? 36  PRO A C   1 
ATOM   283  O  O   . PRO A 1 36  ? 6.35104   -14.91359 -8.29542  1.000 17.36000 ? 36  PRO A O   1 
ATOM   284  C  CB  . PRO A 1 36  ? 5.94779   -12.18992 -9.29653  1.000 16.51000 ? 36  PRO A CB  1 
ATOM   285  C  CG  . PRO A 1 36  ? 6.25506   -11.02798 -8.42945  1.000 14.89000 ? 36  PRO A CG  1 
ATOM   286  C  CD  . PRO A 1 36  ? 5.00285   -10.71501 -7.65116  1.000 12.50000 ? 36  PRO A CD  1 
ATOM   287  N  N   . GLY A 1 37  ? 5.49784   -14.13254 -6.36570  1.000 13.99000 ? 37  GLY A N   1 
ATOM   288  C  CA  . GLY A 1 37  ? 6.10674   -15.17433 -5.55962  1.000 14.75000 ? 37  GLY A CA  1 
ATOM   289  C  C   . GLY A 1 37  ? 5.38480   -16.50566 -5.69661  1.000 18.90000 ? 37  GLY A C   1 
ATOM   290  O  O   . GLY A 1 37  ? 4.44408   -16.66263 -6.47031  1.000 16.91000 ? 37  GLY A O   1 
ATOM   291  N  N   . ASN A 1 38  ? 5.85244   -17.48771 -4.91694  1.000 16.34000 ? 38  ASN A N   1 
ATOM   292  C  CA  . ASN A 1 38  ? 5.23162   -18.80241 -4.85918  1.000 16.43000 ? 38  ASN A CA  1 
ATOM   293  C  C   . ASN A 1 38  ? 4.49444   -19.05966 -3.55555  1.000 17.42000 ? 38  ASN A C   1 
ATOM   294  O  O   . ASN A 1 38  ? 3.77166   -20.05913 -3.46113  1.000 19.16000 ? 38  ASN A O   1 
ATOM   295  C  CB  . ASN A 1 38  ? 6.29424   -19.90037 -5.03944  1.000 19.76000 ? 38  ASN A CB  1 
ATOM   296  C  CG  . ASN A 1 38  ? 6.97792   -19.83453 -6.38579  1.000 26.96000 ? 38  ASN A CG  1 
ATOM   297  O  OD1 . ASN A 1 38  ? 6.32371   -19.74052 -7.42797  1.000 37.75000 ? 38  ASN A OD1 1 
ATOM   298  N  ND2 . ASN A 1 38  ? 8.30721   -19.88577 -6.37530  1.000 34.57000 ? 38  ASN A ND2 1 
ATOM   299  N  N   . LEU A 1 39  ? 4.64409   -18.18626 -2.54827  1.000 14.89000 ? 39  LEU A N   1 
ATOM   300  C  CA  . LEU A 1 39  ? 4.07615   -18.51248 -1.25072  1.000 16.16000 ? 39  LEU A CA  1 
ATOM   301  C  C   . LEU A 1 39  ? 2.64375   -18.00699 -1.12429  1.000 22.82000 ? 39  LEU A C   1 
ATOM   302  O  O   . LEU A 1 39  ? 2.29250   -16.95693 -1.67639  1.000 15.07000 ? 39  LEU A O   1 
ATOM   303  C  CB  . LEU A 1 39  ? 4.92125   -17.90697 -0.12865  1.000 17.35000 ? 39  LEU A CB  1 
ATOM   304  C  CG  . LEU A 1 39  ? 6.33824   -18.46649 -0.06267  1.000 17.68000 ? 39  LEU A CG  1 
ATOM   305  C  CD1 . LEU A 1 39  ? 7.18857   -17.59074 0.84306   1.000 14.76000 ? 39  LEU A CD1 1 
ATOM   306  C  CD2 . LEU A 1 39  ? 6.31098   -19.91246 0.41567   1.000 21.10000 ? 39  LEU A CD2 1 
ATOM   307  N  N   . PRO A 1 40  ? 1.81752   -18.73196 -0.37505  1.000 20.39000 ? 40  PRO A N   1 
ATOM   308  C  CA  . PRO A 1 40  ? 0.41362   -18.34315 -0.21641  1.000 19.38000 ? 40  PRO A CA  1 
ATOM   309  C  C   . PRO A 1 40  ? 0.24299   -17.18974 0.76266   1.000 17.91000 ? 40  PRO A C   1 
ATOM   310  O  O   . PRO A 1 40  ? 1.14357   -16.83527 1.53586   1.000 14.99000 ? 40  PRO A O   1 
ATOM   311  C  CB  . PRO A 1 40  ? -0.23577  -19.61921 0.31997   1.000 18.06000 ? 40  PRO A CB  1 
ATOM   312  C  CG  . PRO A 1 40  ? 0.85890   -20.27667 1.10046   1.000 23.08000 ? 40  PRO A CG  1 
ATOM   313  C  CD  . PRO A 1 40  ? 2.13613   -19.98173 0.34024   1.000 19.50000 ? 40  PRO A CD  1 
ATOM   314  N  N   . LYS A 1 41  ? -0.96369  -16.61365 0.72885   1.000 15.69000 ? 41  LYS A N   1 
ATOM   315  C  CA  . LYS A 1 41  ? -1.23862  -15.35930 1.41017   1.000 16.00000 ? 41  LYS A CA  1 
ATOM   316  C  C   . LYS A 1 41  ? -1.22026  -15.49849 2.93299   1.000 18.41000 ? 41  LYS A C   1 
ATOM   317  O  O   . LYS A 1 41  ? -1.01125  -14.49812 3.63249   1.000 16.60000 ? 41  LYS A O   1 
ATOM   318  C  CB  . LYS A 1 41  ? -2.54253  -14.75181 0.85582   1.000 22.11000 ? 41  LYS A CB  1 
ATOM   319  C  CG  . LYS A 1 41  ? -3.49638  -14.15439 1.85971   1.000 23.02000 ? 41  LYS A CG  1 
ATOM   320  C  CD  . LYS A 1 41  ? -4.77722  -13.63070 1.20184   1.000 21.06000 ? 41  LYS A CD  1 
ATOM   321  C  CE  . LYS A 1 41  ? -5.81178  -14.73046 1.05495   1.000 27.58000 ? 41  LYS A CE  1 
ATOM   322  N  NZ  . LYS A 1 41  ? -7.09037  -14.15780 0.53643   1.000 23.54000 ? 41  LYS A NZ  1 
ATOM   323  N  N   . ASN A 1 42  ? -1.42043  -16.71384 3.45666   1.000 17.16000 ? 42  ASN A N   1 
ATOM   324  C  CA  . ASN A 1 42  ? -1.37939  -16.91677 4.90108   1.000 16.78000 ? 42  ASN A CA  1 
ATOM   325  C  C   . ASN A 1 42  ? 0.03124   -16.78350 5.47437   1.000 20.13000 ? 42  ASN A C   1 
ATOM   326  O  O   . ASN A 1 42  ? 0.16831   -16.45081 6.65478   1.000 20.26000 ? 42  ASN A O   1 
ATOM   327  C  CB  . ASN A 1 42  ? -2.01750  -18.26849 5.27210   1.000 18.20000 ? 42  ASN A CB  1 
ATOM   328  C  CG  . ASN A 1 42  ? -1.17018  -19.44542 4.87733   1.000 18.62000 ? 42  ASN A CG  1 
ATOM   329  O  OD1 . ASN A 1 42  ? -1.00219  -19.74506 3.69262   1.000 31.99000 ? 42  ASN A OD1 1 
ATOM   330  N  ND2 . ASN A 1 42  ? -0.65313  -20.15070 5.86960   1.000 26.45000 ? 42  ASN A ND2 1 
ATOM   331  N  N   . VAL A 1 43  ? 1.06826   -17.02282 4.67177   1.000 17.92000 ? 43  VAL A N   1 
ATOM   332  C  CA  . VAL A 1 43  ? 2.45102   -16.90956 5.12972   1.000 18.35000 ? 43  VAL A CA  1 
ATOM   333  C  C   . VAL A 1 43  ? 3.19932   -15.74717 4.49215   1.000 21.59000 ? 43  VAL A C   1 
ATOM   334  O  O   . VAL A 1 43  ? 4.18351   -15.27061 5.08050   1.000 16.99000 ? 43  VAL A O   1 
ATOM   335  C  CB  . VAL A 1 43  ? 3.24640   -18.22232 4.93189   1.000 17.10000 ? 43  VAL A CB  1 
ATOM   336  C  CG1 . VAL A 1 43  ? 2.68085   -19.36521 5.79270   1.000 26.02000 ? 43  VAL A CG1 1 
ATOM   337  C  CG2 . VAL A 1 43  ? 3.33807   -18.61006 3.48635   1.000 19.16000 ? 43  VAL A CG2 1 
ATOM   338  N  N   . MET A 1 44  ? 2.77683   -15.27037 3.31681   1.000 15.26000 ? 44  MET A N   1 
ATOM   339  C  CA  . MET A 1 44  ? 3.50193   -14.22974 2.58650   1.000 12.79000 ? 44  MET A CA  1 
ATOM   340  C  C   . MET A 1 44  ? 2.51263   -13.33163 1.84227   1.000 15.99000 ? 44  MET A C   1 
ATOM   341  O  O   . MET A 1 44  ? 2.74234   -12.94045 0.69303   1.000 13.10000 ? 44  MET A O   1 
ATOM   342  C  CB  . MET A 1 44  ? 4.53753   -14.83449 1.63457   1.000 14.39000 ? 44  MET A CB  1 
ATOM   343  C  CG  . MET A 1 44  ? 5.52349   -13.82050 1.03602   1.000 11.83000 ? 44  MET A CG  1 
ATOM   344  S  SD  . MET A 1 44  ? 6.65190   -13.05379 2.24124   1.000 14.28000 ? 44  MET A SD  1 
ATOM   345  C  CE  . MET A 1 44  ? 7.47831   -14.45342 2.99998   1.000 13.76000 ? 44  MET A CE  1 
ATOM   346  N  N   . GLY A 1 45  ? 1.39134   -13.01757 2.48028   1.000 12.80000 ? 45  GLY A N   1 
ATOM   347  C  CA  . GLY A 1 45  ? 0.43789   -12.10079 1.87238   1.000 11.86000 ? 45  GLY A CA  1 
ATOM   348  C  C   . GLY A 1 45  ? 0.97351   -10.68245 1.82603   1.000 12.02000 ? 45  GLY A C   1 
ATOM   349  O  O   . GLY A 1 45  ? 1.72137   -10.25126 2.69902   1.000 11.69000 ? 45  GLY A O   1 
ATOM   350  N  N   . HIS A 1 46  ? 0.57825   -9.92650  0.78339   1.000 9.62000  ? 46  HIS A N   1 
ATOM   351  C  CA  . HIS A 1 46  ? 0.92652   -8.51051  0.70090   1.000 10.73000 ? 46  HIS A CA  1 
ATOM   352  C  C   . HIS A 1 46  ? -0.28436  -7.67336  0.33043   1.000 11.49000 ? 46  HIS A C   1 
ATOM   353  O  O   . HIS A 1 46  ? -1.13943  -8.09846  -0.45168  1.000 13.78000 ? 46  HIS A O   1 
ATOM   354  C  CB  . HIS A 1 46  ? 1.98485   -8.23074  -0.36679  1.000 11.01000 ? 46  HIS A CB  1 
ATOM   355  C  CG  . HIS A 1 46  ? 3.25234   -9.00955  -0.18954  1.000 8.94000  ? 46  HIS A CG  1 
ATOM   356  N  ND1 . HIS A 1 46  ? 3.98917   -8.97455  0.97346   1.000 15.38000 ? 46  HIS A ND1 1 
ATOM   357  C  CD2 . HIS A 1 46  ? 3.91071   -9.83085  -1.03869  1.000 10.77000 ? 46  HIS A CD2 1 
ATOM   358  C  CE1 . HIS A 1 46  ? 5.04480   -9.75621  0.83968   1.000 10.41000 ? 46  HIS A CE1 1 
ATOM   359  N  NE2 . HIS A 1 46  ? 5.02867   -10.28057 -0.37546  1.000 9.00000  ? 46  HIS A NE2 1 
ATOM   360  N  N   . ASN A 1 47  ? -0.32732  -6.47252  0.87573   1.000 11.04000 ? 47  ASN A N   1 
ATOM   361  C  CA  . ASN A 1 47  ? -1.22598  -5.44577  0.38815   1.000 13.38000 ? 47  ASN A CA  1 
ATOM   362  C  C   . ASN A 1 47  ? -0.42930  -4.17325  0.16632   1.000 15.29000 ? 47  ASN A C   1 
ATOM   363  O  O   . ASN A 1 47  ? 0.76368   -4.07841  0.49296   1.000 11.87000 ? 47  ASN A O   1 
ATOM   364  C  CB  . ASN A 1 47  ? -2.42694  -5.25807  1.33376   1.000 11.08000 ? 47  ASN A CB  1 
ATOM   365  C  CG  . ASN A 1 47  ? -2.01705  -4.98313  2.76947   1.000 14.34000 ? 47  ASN A CG  1 
ATOM   366  O  OD1 . ASN A 1 47  ? -0.88357  -4.58597  3.05345   1.000 12.08000 ? 47  ASN A OD1 1 
ATOM   367  N  ND2 . ASN A 1 47  ? -2.94228  -5.22581  3.69294   1.000 15.90000 ? 47  ASN A ND2 1 
ATOM   368  N  N   . TRP A 1 48  ? -1.09269  -3.18464  -0.40846  1.000 12.84000 ? 48  TRP A N   1 
ATOM   369  C  CA  . TRP A 1 48  ? -0.52845  -1.85909  -0.59705  1.000 10.95000 ? 48  TRP A CA  1 
ATOM   370  C  C   . TRP A 1 48  ? -1.48300  -0.89510  0.08211   1.000 15.72000 ? 48  TRP A C   1 
ATOM   371  O  O   . TRP A 1 48  ? -2.66075  -0.83160  -0.28849  1.000 15.92000 ? 48  TRP A O   1 
ATOM   372  C  CB  . TRP A 1 48  ? -0.39663  -1.53641  -2.09109  1.000 13.16000 ? 48  TRP A CB  1 
ATOM   373  C  CG  . TRP A 1 48  ? 0.24215   -0.21658  -2.34086  1.000 12.99000 ? 48  TRP A CG  1 
ATOM   374  C  CD1 . TRP A 1 48  ? 1.57843   0.01840   -2.50586  1.000 12.69000 ? 48  TRP A CD1 1 
ATOM   375  C  CD2 . TRP A 1 48  ? -0.40836  1.06006   -2.49124  1.000 11.98000 ? 48  TRP A CD2 1 
ATOM   376  N  NE1 . TRP A 1 48  ? 1.80556   1.35598   -2.73219  1.000 11.34000 ? 48  TRP A NE1 1 
ATOM   377  C  CE2 . TRP A 1 48  ? 0.60465   2.01871   -2.72601  1.000 12.01000 ? 48  TRP A CE2 1 
ATOM   378  C  CE3 . TRP A 1 48  ? -1.74422  1.48564   -2.44232  1.000 15.13000 ? 48  TRP A CE3 1 
ATOM   379  C  CZ2 . TRP A 1 48  ? 0.32820   3.37689   -2.90257  1.000 13.90000 ? 48  TRP A CZ2 1 
ATOM   380  C  CZ3 . TRP A 1 48  ? -2.01788  2.83524   -2.61353  1.000 14.52000 ? 48  TRP A CZ3 1 
ATOM   381  C  CH2 . TRP A 1 48  ? -0.98978  3.76632   -2.84415  1.000 13.34000 ? 48  TRP A CH2 1 
ATOM   382  N  N   . VAL A 1 49  ? -0.98660  -0.17058  1.08097   1.000 11.54000 ? 49  VAL A N   1 
ATOM   383  C  CA  . VAL A 1 49  ? -1.80999  0.65494   1.95818   1.000 11.70000 ? 49  VAL A CA  1 
ATOM   384  C  C   . VAL A 1 49  ? -1.17518  2.03117   2.03620   1.000 13.99000 ? 49  VAL A C   1 
ATOM   385  O  O   . VAL A 1 49  ? 0.03287   2.14687   2.26525   1.000 12.87000 ? 49  VAL A O   1 
ATOM   386  C  CB  . VAL A 1 49  ? -1.90857  0.04033   3.36635   1.000 12.10000 ? 49  VAL A CB  1 
ATOM   387  C  CG1 . VAL A 1 49  ? -2.79147  0.91880   4.27820   1.000 13.26000 ? 49  VAL A CG1 1 
ATOM   388  C  CG2 . VAL A 1 49  ? -2.42293  -1.36551  3.28625   1.000 13.07000 ? 49  VAL A CG2 1 
ATOM   389  N  N   . LEU A 1 50  ? -1.98411  3.07744   1.85830   1.000 14.95000 ? 50  LEU A N   1 
ATOM   390  C  CA  . LEU A 1 50  ? -1.50300  4.44832   1.86217   1.000 14.44000 ? 50  LEU A CA  1 
ATOM   391  C  C   . LEU A 1 50  ? -2.06912  5.18364   3.06546   1.000 18.52000 ? 50  LEU A C   1 
ATOM   392  O  O   . LEU A 1 50  ? -3.26636  5.07249   3.35084   1.000 16.04000 ? 50  LEU A O   1 
ATOM   393  C  CB  . LEU A 1 50  ? -1.98414  5.14892   0.59110   1.000 13.94000 ? 50  LEU A CB  1 
ATOM   394  C  CG  . LEU A 1 50  ? -1.58983  6.59716   0.35766   1.000 15.05000 ? 50  LEU A CG  1 
ATOM   395  C  CD1 . LEU A 1 50  ? -0.06890  6.75923   0.25270   1.000 15.80000 ? 50  LEU A CD1 1 
ATOM   396  C  CD2 . LEU A 1 50  ? -2.29935  7.13240   -0.89923  1.000 18.40000 ? 50  LEU A CD2 1 
ATOM   397  N  N   . SER A 1 51  ? -1.21159  5.93028   3.75876   1.000 14.35000 ? 51  SER A N   1 
ATOM   398  C  CA  . SER A 1 51  ? -1.60871  6.75657   4.89198   1.000 16.92000 ? 51  SER A CA  1 
ATOM   399  C  C   . SER A 1 51  ? -0.64660  7.93111   4.99382   1.000 16.44000 ? 51  SER A C   1 
ATOM   400  O  O   . SER A 1 51  ? 0.35620   8.00261   4.28325   1.000 18.38000 ? 51  SER A O   1 
ATOM   401  C  CB  . SER A 1 51  ? -1.63590  5.94138   6.18754   1.000 21.80000 ? 51  SER A CB  1 
ATOM   402  O  OG  . SER A 1 51  ? -0.33945  5.85615   6.77208   1.000 21.25000 ? 51  SER A OG  1 
ATOM   403  N  N   . THR A 1 52  ? -0.96518  8.87772   5.87476   1.000 21.04000 ? 52  THR A N   1 
ATOM   404  C  CA  . THR A 1 52  ? 0.03892   9.87188   6.20722   1.000 19.76000 ? 52  THR A CA  1 
ATOM   405  C  C   . THR A 1 52  ? 1.16865   9.19690   6.97397   1.000 20.16000 ? 52  THR A C   1 
ATOM   406  O  O   . THR A 1 52  ? 0.99086   8.13977   7.58367   1.000 22.63000 ? 52  THR A O   1 
ATOM   407  C  CB  . THR A 1 52  ? -0.54548  10.98336  7.08475   1.000 23.75000 ? 52  THR A CB  1 
ATOM   408  O  OG1 . THR A 1 52  ? -1.05098  10.41160  8.29612   1.000 26.06000 ? 52  THR A OG1 1 
ATOM   409  C  CG2 . THR A 1 52  ? -1.66325  11.72862  6.34586   1.000 22.88000 ? 52  THR A CG2 1 
ATOM   410  N  N   . ALA A 1 53  ? 2.34197   9.82154   6.93487   1.000 21.71000 ? 53  ALA A N   1 
ATOM   411  C  CA  . ALA A 1 53  ? 3.46760   9.28286   7.69099   1.000 25.36000 ? 53  ALA A CA  1 
ATOM   412  C  C   . ALA A 1 53  ? 3.13477   9.18028   9.17538   1.000 26.45000 ? 53  ALA A C   1 
ATOM   413  O  O   . ALA A 1 53  ? 3.47751   8.18861   9.83141   1.000 22.66000 ? 53  ALA A O   1 
ATOM   414  C  CB  . ALA A 1 53  ? 4.71586   10.13502  7.46949   1.000 26.32000 ? 53  ALA A CB  1 
ATOM   415  N  N   . ALA A 1 54  ? 2.44670   10.18680  9.72163   1.000 26.56000 ? 54  ALA A N   1 
ATOM   416  C  CA  . ALA A 1 54  ? 2.10170   10.16145  11.14063  1.000 26.27000 ? 54  ALA A CA  1 
ATOM   417  C  C   . ALA A 1 54  ? 1.19601   8.98367   11.48890  1.000 22.96000 ? 54  ALA A C   1 
ATOM   418  O  O   . ALA A 1 54  ? 1.27430   8.44528   12.59896  1.000 25.18000 ? 54  ALA A O   1 
ATOM   419  C  CB  . ALA A 1 54  ? 1.44532   11.48474  11.53651  1.000 31.50000 ? 54  ALA A CB  1 
ATOM   420  N  N   . ASP A 1 55  ? 0.34271   8.55940   10.55755  1.000 24.63000 ? 55  ASP A N   1 
ATOM   421  C  CA  . ASP A 1 55  ? -0.63467  7.50256   10.79917  1.000 24.39000 ? 55  ASP A CA  1 
ATOM   422  C  C   . ASP A 1 55  ? -0.10720  6.10177   10.50752  1.000 15.35000 ? 55  ASP A C   1 
ATOM   423  O  O   . ASP A 1 55  ? -0.76690  5.12072   10.87380  1.000 19.81000 ? 55  ASP A O   1 
ATOM   424  C  CB  . ASP A 1 55  ? -1.85244  7.73340   9.90141   1.000 20.48000 ? 55  ASP A CB  1 
ATOM   425  C  CG  . ASP A 1 55  ? -2.83480  8.72189   10.48937  1.000 32.46000 ? 55  ASP A CG  1 
ATOM   426  O  OD1 . ASP A 1 55  ? -2.65138  9.13637   11.65319  1.000 33.29000 ? 55  ASP A OD1 1 
ATOM   427  O  OD2 . ASP A 1 55  ? -3.77305  9.10595   9.75998   1.000 24.44000 ? 55  ASP A OD2 1 
ATOM   428  N  N   . MET A 1 56  ? 1.04992   5.98951   9.84453   1.000 21.94000 ? 56  MET A N   1 
ATOM   429  C  CA  . MET A 1 56  ? 1.53127   4.68541   9.39030   1.000 23.69000 ? 56  MET A CA  1 
ATOM   430  C  C   . MET A 1 56  ? 1.62325   3.68639   10.53918  1.000 16.17000 ? 56  MET A C   1 
ATOM   431  O  O   . MET A 1 56  ? 1.13431   2.55537   10.43052  1.000 19.96000 ? 56  MET A O   1 
ATOM   432  C  CB  . MET A 1 56  ? 2.90900   4.83079   8.74921   1.000 20.04000 ? 56  MET A CB  1 
ATOM   433  C  CG  . MET A 1 56  ? 3.58233   3.47921   8.50893   1.000 17.52000 ? 56  MET A CG  1 
ATOM   434  S  SD  . MET A 1 56  ? 4.96235   3.57767   7.35205   1.000 18.53000 ? 56  MET A SD  1 
ATOM   435  C  CE  . MET A 1 56  ? 5.60784   1.91220   7.48462   1.000 19.74000 ? 56  MET A CE  1 
ATOM   436  N  N   . GLN A 1 57  ? 2.28963   4.07438   11.63976  1.000 20.34000 ? 57  GLN A N   1 
ATOM   437  C  CA  . GLN A 1 57  ? 2.55539   3.11544   12.71086  1.000 21.34000 ? 57  GLN A CA  1 
ATOM   438  C  C   . GLN A 1 57  ? 1.26523   2.58631   13.32449  1.000 19.75000 ? 57  GLN A C   1 
ATOM   439  O  O   . GLN A 1 57  ? 1.14364   1.38363   13.58913  1.000 18.57000 ? 57  GLN A O   1 
ATOM   440  C  CB  . GLN A 1 57  ? 3.44791   3.73617   13.78500  1.000 25.46000 ? 57  GLN A CB  1 
ATOM   441  C  CG  . GLN A 1 57  ? 4.13339   2.71348   14.70527  1.000 32.14000 ? 57  GLN A CG  1 
ATOM   442  C  CD  . GLN A 1 57  ? 4.73908   1.52660   13.94935  1.000 46.21000 ? 57  GLN A CD  1 
ATOM   443  O  OE1 . GLN A 1 57  ? 5.88322   1.59316   13.49051  1.000 48.85000 ? 57  GLN A OE1 1 
ATOM   444  N  NE2 . GLN A 1 57  ? 3.99449   0.41841   13.86452  1.000 36.05000 ? 57  GLN A NE2 1 
ATOM   445  N  N   . GLY A 1 58  ? 0.27845   3.46154   13.52988  1.000 24.95000 ? 58  GLY A N   1 
ATOM   446  C  CA  . GLY A 1 58  ? -0.99478  3.00846   14.06978  1.000 24.22000 ? 58  GLY A CA  1 
ATOM   447  C  C   . GLY A 1 58  ? -1.75514  2.10139   13.11956  1.000 18.89000 ? 58  GLY A C   1 
ATOM   448  O  O   . GLY A 1 58  ? -2.38037  1.12733   13.54775  1.000 22.47000 ? 58  GLY A O   1 
ATOM   449  N  N   . VAL A 1 59  ? -1.71615  2.40556   11.81747  1.000 19.61000 ? 59  VAL A N   1 
ATOM   450  C  CA  . VAL A 1 59  ? -2.36644  1.53268   10.83925  1.000 22.57000 ? 59  VAL A CA  1 
ATOM   451  C  C   . VAL A 1 59  ? -1.69904  0.16259   10.81540  1.000 18.04000 ? 59  VAL A C   1 
ATOM   452  O  O   . VAL A 1 59  ? -2.37117  -0.87638  10.80238  1.000 21.56000 ? 59  VAL A O   1 
ATOM   453  C  CB  . VAL A 1 59  ? -2.38199  2.19104   9.44435   1.000 20.76000 ? 59  VAL A CB  1 
ATOM   454  C  CG1 . VAL A 1 59  ? -2.92523  1.20869   8.39815   1.000 23.31000 ? 59  VAL A CG1 1 
ATOM   455  C  CG2 . VAL A 1 59  ? -3.21277  3.47168   9.45759   1.000 22.57000 ? 59  VAL A CG2 1 
ATOM   456  N  N   . VAL A 1 60  ? -0.36129  0.13742   10.81935  1.000 18.01000 ? 60  VAL A N   1 
ATOM   457  C  CA  . VAL A 1 60  ? 0.35592   -1.13519  10.80923  1.000 22.39000 ? 60  VAL A CA  1 
ATOM   458  C  C   . VAL A 1 60  ? 0.08180   -1.91073  12.09303  1.000 16.62000 ? 60  VAL A C   1 
ATOM   459  O  O   . VAL A 1 60  ? -0.18591  -3.11583  12.06644  1.000 21.00000 ? 60  VAL A O   1 
ATOM   460  C  CB  . VAL A 1 60  ? 1.86304   -0.88110  10.59910  1.000 15.71000 ? 60  VAL A CB  1 
ATOM   461  C  CG1 . VAL A 1 60  ? 2.68685   -2.12134  10.94568  1.000 19.71000 ? 60  VAL A CG1 1 
ATOM   462  C  CG2 . VAL A 1 60  ? 2.14035   -0.40334  9.17154   1.000 17.20000 ? 60  VAL A CG2 1 
ATOM   463  N  N   . THR A 1 61  ? 0.13893   -1.22310  13.23562  1.000 22.04000 ? 61  THR A N   1 
ATOM   464  C  CA  . THR A 1 61  ? -0.04522  -1.88943  14.51915  1.000 23.68000 ? 61  THR A CA  1 
ATOM   465  C  C   . THR A 1 61  ? -1.46297  -2.43051  14.66931  1.000 22.54000 ? 61  THR A C   1 
ATOM   466  O  O   . THR A 1 61  ? -1.65817  -3.59584  15.03068  1.000 25.61000 ? 61  THR A O   1 
ATOM   467  C  CB  . THR A 1 61  ? 0.27594   -0.90915  15.63775  1.000 24.93000 ? 61  THR A CB  1 
ATOM   468  O  OG1 . THR A 1 61  ? 1.68807   -0.66463  15.64631  1.000 24.36000 ? 61  THR A OG1 1 
ATOM   469  C  CG2 . THR A 1 61  ? -0.13369  -1.49586  16.98313  1.000 27.51000 ? 61  THR A CG2 1 
ATOM   470  N  N   . ASP A 1 62  ? -2.47139  -1.59319  14.40242  1.000 24.91000 ? 62  ASP A N   1 
ATOM   471  C  CA  . ASP A 1 62  ? -3.84853  -2.07452  14.48875  1.000 27.53000 ? 62  ASP A CA  1 
ATOM   472  C  C   . ASP A 1 62  ? -4.14282  -3.09893  13.40068  1.000 25.00000 ? 62  ASP A C   1 
ATOM   473  O  O   . ASP A 1 62  ? -4.92546  -4.03349  13.61469  1.000 27.45000 ? 62  ASP A O   1 
ATOM   474  C  CB  . ASP A 1 62  ? -4.82593  -0.90275  14.41339  1.000 27.24000 ? 62  ASP A CB  1 
ATOM   475  C  CG  . ASP A 1 62  ? -4.71601  0.02281   15.60492  1.000 26.81000 ? 62  ASP A CG  1 
ATOM   476  O  OD1 . ASP A 1 62  ? -4.20504  -0.42471  16.65586  1.000 36.04000 ? 62  ASP A OD1 1 
ATOM   477  O  OD2 . ASP A 1 62  ? -5.09973  1.20683   15.48293  1.000 33.18000 ? 62  ASP A OD2 1 
ATOM   478  N  N   . GLY A 1 63  ? -3.51798  -2.94586  12.23024  1.000 24.23000 ? 63  GLY A N   1 
ATOM   479  C  CA  . GLY A 1 63  ? -3.78647  -3.86698  11.14111  1.000 25.11000 ? 63  GLY A CA  1 
ATOM   480  C  C   . GLY A 1 63  ? -3.28883  -5.27332  11.41858  1.000 21.04000 ? 63  GLY A C   1 
ATOM   481  O  O   . GLY A 1 63  ? -4.00889  -6.25139  11.21129  1.000 23.46000 ? 63  GLY A O   1 
ATOM   482  N  N   . MET A 1 64  ? -2.03175  -5.39177  11.86510  1.000 21.71000 ? 64  MET A N   1 
ATOM   483  C  CA  . MET A 1 64  ? -1.38687  -6.65166  12.22703  1.000 23.36000 ? 64  MET A CA  1 
ATOM   484  C  C   . MET A 1 64  ? -2.29193  -7.56363  13.04548  1.000 24.81000 ? 64  MET A C   1 
ATOM   485  O  O   . MET A 1 64  ? -2.36013  -8.77791  12.81384  1.000 38.09000 ? 64  MET A O   1 
ATOM   486  C  CB  . MET A 1 64  ? -0.16650  -6.31636  13.08728  1.000 34.79000 ? 64  MET A CB  1 
ATOM   487  C  CG  . MET A 1 64  ? 0.88014   -7.39871  13.16522  1.000 41.14000 ? 64  MET A CG  1 
ATOM   488  S  SD  . MET A 1 64  ? 2.47806   -6.71292  13.65911  1.000 55.97000 ? 64  MET A SD  1 
ATOM   489  C  CE  . MET A 1 64  ? 2.75131   -5.55563  12.30093  1.000 17.75000 ? 64  MET A CE  1 
ATOM   490  N  N   . ALA A 1 65  ? -2.97339  -6.96228  14.00941  1.000 23.61000 ? 65  ALA A N   1 
ATOM   491  C  CA  . ALA A 1 65  ? -3.82695  -7.60564  15.00060  1.000 35.19000 ? 65  ALA A CA  1 
ATOM   492  C  C   . ALA A 1 65  ? -5.15442  -8.11475  14.45084  1.000 39.65000 ? 65  ALA A C   1 
ATOM   493  O  O   . ALA A 1 65  ? -5.85128  -8.85254  15.15571  1.000 36.62000 ? 65  ALA A O   1 
ATOM   494  C  CB  . ALA A 1 65  ? -4.12601  -6.58786  16.09770  1.000 32.39000 ? 65  ALA A CB  1 
ATOM   495  N  N   . SER A 1 66  ? -5.53229  -7.73292  13.23787  1.000 29.75000 ? 66  SER A N   1 
ATOM   496  C  CA  . SER A 1 66  ? -6.86143  -8.03662  12.73563  1.000 22.39000 ? 66  SER A CA  1 
ATOM   497  C  C   . SER A 1 66  ? -6.95200  -9.40567  12.07252  1.000 33.03000 ? 66  SER A C   1 
ATOM   498  O  O   . SER A 1 66  ? -8.06142  -9.93168  11.90312  1.000 26.17000 ? 66  SER A O   1 
ATOM   499  C  CB  . SER A 1 66  ? -7.30510  -6.93500  11.77133  1.000 27.91000 ? 66  SER A CB  1 
ATOM   500  O  OG  . SER A 1 66  ? -7.32413  -5.67134  12.42960  1.000 27.85000 ? 66  SER A OG  1 
ATOM   501  N  N   . GLY A 1 67  ? -5.82347  -9.99140  11.69033  1.000 19.17000 ? 67  GLY A N   1 
ATOM   502  C  CA  . GLY A 1 67  ? -5.77671  -11.36276 11.23229  1.000 18.43000 ? 67  GLY A CA  1 
ATOM   503  C  C   . GLY A 1 67  ? -5.98043  -11.49371 9.73047   1.000 18.08000 ? 67  GLY A C   1 
ATOM   504  O  O   . GLY A 1 67  ? -6.40310  -10.56266 9.02861   1.000 26.67000 ? 67  GLY A O   1 
ATOM   505  N  N   . LEU A 1 68  ? -5.68541  -12.70462 9.23844   1.000 20.22000 ? 68  LEU A N   1 
ATOM   506  C  CA  . LEU A 1 68  ? -5.79487  -12.98868 7.81307   1.000 19.42000 ? 68  LEU A CA  1 
ATOM   507  C  C   . LEU A 1 68  ? -7.21174  -12.72131 7.30328   1.000 32.59000 ? 68  LEU A C   1 
ATOM   508  O  O   . LEU A 1 68  ? -7.39100  -12.28226 6.16343   1.000 26.79000 ? 68  LEU A O   1 
ATOM   509  C  CB  . LEU A 1 68  ? -5.38136  -14.43904 7.56382   1.000 18.74000 ? 68  LEU A CB  1 
ATOM   510  C  CG  . LEU A 1 68  ? -5.38964  -14.94101 6.12751   1.000 23.74000 ? 68  LEU A CG  1 
ATOM   511  C  CD1 . LEU A 1 68  ? -4.38473  -14.12628 5.31731   1.000 23.33000 ? 68  LEU A CD1 1 
ATOM   512  C  CD2 . LEU A 1 68  ? -5.06853  -16.42663 6.06029   1.000 23.40000 ? 68  LEU A CD2 1 
ATOM   513  N  N   . ASP A 1 69  ? -8.22115  -12.95135 8.15129   1.000 27.70000 ? 69  ASP A N   1 
ATOM   514  C  CA  . ASP A 1 69  ? -9.62861  -12.80983 7.77962   1.000 30.44000 ? 69  ASP A CA  1 
ATOM   515  C  C   . ASP A 1 69  ? -10.05236 -11.36652 7.52998   1.000 31.65000 ? 69  ASP A C   1 
ATOM   516  O  O   . ASP A 1 69  ? -11.06349 -11.14476 6.85244   1.000 31.05000 ? 69  ASP A O   1 
ATOM   517  C  CB  . ASP A 1 69  ? -10.50512 -13.46628 8.85694   1.000 36.94000 ? 69  ASP A CB  1 
ATOM   518  C  CG  . ASP A 1 69  ? -10.63556 -12.60617 10.11174  1.000 30.86000 ? 69  ASP A CG  1 
ATOM   519  O  OD1 . ASP A 1 69  ? -9.68069  -11.85235 10.42266  1.000 44.88000 ? 69  ASP A OD1 1 
ATOM   520  O  OD2 . ASP A 1 69  ? -11.67360 -12.69388 10.80798  1.000 46.46000 ? 69  ASP A OD2 1 
ATOM   521  N  N   . LYS A 1 70  ? -9.32789  -10.38683 8.06791   1.000 22.34000 ? 70  LYS A N   1 
ATOM   522  C  CA  . LYS A 1 70  ? -9.61172  -8.97354  7.85364   1.000 24.79000 ? 70  LYS A CA  1 
ATOM   523  C  C   . LYS A 1 70  ? -8.60841  -8.31072  6.90927   1.000 23.69000 ? 70  LYS A C   1 
ATOM   524  O  O   . LYS A 1 70  ? -8.54945  -7.07907  6.84183   1.000 21.17000 ? 70  LYS A O   1 
ATOM   525  C  CB  . LYS A 1 70  ? -9.66169  -8.21887  9.18353   1.000 26.92000 ? 70  LYS A CB  1 
ATOM   526  C  CG  . LYS A 1 70  ? -10.88255 -8.52090  10.04159  1.000 33.61000 ? 70  LYS A CG  1 
ATOM   527  C  CD  . LYS A 1 70  ? -12.14258 -8.59389  9.19151   1.000 41.74000 ? 70  LYS A CD  1 
ATOM   528  C  CE  . LYS A 1 70  ? -13.37813 -8.64562  10.07324  1.000 41.15000 ? 70  LYS A CE  1 
ATOM   529  N  NZ  . LYS A 1 70  ? -13.55275 -10.00686 10.64717  1.000 38.22000 ? 70  LYS A NZ  1 
ATOM   530  N  N   . ASP A 1 71  ? -7.81231  -9.10596  6.19187   1.000 20.28000 ? 71  ASP A N   1 
ATOM   531  C  CA  . ASP A 1 71  ? -6.74156  -8.59385  5.32892   1.000 16.48000 ? 71  ASP A CA  1 
ATOM   532  C  C   . ASP A 1 71  ? -5.76228  -7.71184  6.10055   1.000 18.66000 ? 71  ASP A C   1 
ATOM   533  O  O   . ASP A 1 71  ? -5.15225  -6.79630  5.53982   1.000 19.02000 ? 71  ASP A O   1 
ATOM   534  C  CB  . ASP A 1 71  ? -7.28517  -7.86972  4.08966   1.000 18.15000 ? 71  ASP A CB  1 
ATOM   535  C  CG  . ASP A 1 71  ? -7.62004  -8.81632  2.96886   1.000 17.88000 ? 71  ASP A CG  1 
ATOM   536  O  OD1 . ASP A 1 71  ? -7.63962  -10.04345 3.20293   1.000 17.84000 ? 71  ASP A OD1 1 
ATOM   537  O  OD2 . ASP A 1 71  ? -7.88307  -8.34266  1.83133   1.000 18.30000 ? 71  ASP A OD2 1 
ATOM   538  N  N   . TYR A 1 72  ? -5.61925  -7.98540  7.39898   1.000 20.45000 ? 72  TYR A N   1 
ATOM   539  C  CA  . TYR A 1 72  ? -4.67597  -7.27610  8.26901   1.000 20.56000 ? 72  TYR A CA  1 
ATOM   540  C  C   . TYR A 1 72  ? -4.88654  -5.75818  8.23621   1.000 16.65000 ? 72  TYR A C   1 
ATOM   541  O  O   . TYR A 1 72  ? -3.94017  -4.96836  8.24368   1.000 17.83000 ? 72  TYR A O   1 
ATOM   542  C  CB  . TYR A 1 72  ? -3.22264  -7.68131  7.97477   1.000 17.86000 ? 72  TYR A CB  1 
ATOM   543  C  CG  . TYR A 1 72  ? -2.89124  -9.10762  8.38253   1.000 17.93000 ? 72  TYR A CG  1 
ATOM   544  C  CD1 . TYR A 1 72  ? -2.78377  -9.46883  9.72596   1.000 17.99000 ? 72  TYR A CD1 1 
ATOM   545  C  CD2 . TYR A 1 72  ? -2.70165  -10.09982 7.42136   1.000 15.59000 ? 72  TYR A CD2 1 
ATOM   546  C  CE1 . TYR A 1 72  ? -2.49106  -10.77556 10.09001  1.000 18.76000 ? 72  TYR A CE1 1 
ATOM   547  C  CE2 . TYR A 1 72  ? -2.40586  -11.41248 7.77971   1.000 19.52000 ? 72  TYR A CE2 1 
ATOM   548  C  CZ  . TYR A 1 72  ? -2.29423  -11.73868 9.12553   1.000 19.45000 ? 72  TYR A CZ  1 
ATOM   549  O  OH  . TYR A 1 72  ? -2.00477  -13.04052 9.48379   1.000 24.14000 ? 72  TYR A OH  1 
ATOM   550  N  N   . LEU A 1 73  ? -6.15312  -5.34033  8.18546   1.000 20.27000 ? 73  LEU A N   1 
ATOM   551  C  CA  . LEU A 1 73  ? -6.52405  -3.94601  8.38450   1.000 17.79000 ? 73  LEU A CA  1 
ATOM   552  C  C   . LEU A 1 73  ? -7.64812  -3.88143  9.40919   1.000 26.20000 ? 73  LEU A C   1 
ATOM   553  O  O   . LEU A 1 73  ? -8.60258  -4.66441  9.33567   1.000 25.73000 ? 73  LEU A O   1 
ATOM   554  C  CB  . LEU A 1 73  ? -6.98587  -3.27269  7.07744   1.000 22.41000 ? 73  LEU A CB  1 
ATOM   555  C  CG  . LEU A 1 73  ? -5.93842  -2.92715  6.01274   1.000 21.49000 ? 73  LEU A CG  1 
ATOM   556  C  CD1 . LEU A 1 73  ? -6.63467  -2.48735  4.73127   1.000 24.52000 ? 73  LEU A CD1 1 
ATOM   557  C  CD2 . LEU A 1 73  ? -5.01679  -1.82269  6.50895   1.000 18.62000 ? 73  LEU A CD2 1 
ATOM   558  N  N   . LYS A 1 74  ? -7.51864  -2.96580  10.36363  1.000 21.97000 ? 74  LYS A N   1 
ATOM   559  C  CA  . LYS A 1 74  ? -8.58261  -2.73545  11.32964  1.000 29.58000 ? 74  LYS A CA  1 
ATOM   560  C  C   . LYS A 1 74  ? -9.83529  -2.28240  10.59103  1.000 28.81000 ? 74  LYS A C   1 
ATOM   561  O  O   . LYS A 1 74  ? -9.75443  -1.37630  9.75246   1.000 27.07000 ? 74  LYS A O   1 
ATOM   562  C  CB  . LYS A 1 74  ? -8.17895  -1.64364  12.31797  1.000 26.64000 ? 74  LYS A CB  1 
ATOM   563  C  CG  . LYS A 1 74  ? -9.24507  -1.38694  13.39074  1.000 30.27000 ? 74  LYS A CG  1 
ATOM   564  C  CD  . LYS A 1 74  ? -8.78472  -0.39514  14.44445  1.000 28.61000 ? 74  LYS A CD  1 
ATOM   565  C  CE  . LYS A 1 74  ? -8.40432  0.95006   13.86763  1.000 36.03000 ? 74  LYS A CE  1 
ATOM   566  N  NZ  . LYS A 1 74  ? -9.32887  2.02432   14.33225  1.000 39.53000 ? 74  LYS A NZ  1 
ATOM   567  N  N   . PRO A 1 75  ? -10.99889 -2.87282  10.87238  1.000 34.73000 ? 75  PRO A N   1 
ATOM   568  C  CA  . PRO A 1 75  ? -12.22738 -2.44916  10.19072  1.000 31.38000 ? 75  PRO A CA  1 
ATOM   569  C  C   . PRO A 1 75  ? -12.49940 -0.96936  10.42177  1.000 31.56000 ? 75  PRO A C   1 
ATOM   570  O  O   . PRO A 1 75  ? -12.23886 -0.42977  11.49849  1.000 30.16000 ? 75  PRO A O   1 
ATOM   571  C  CB  . PRO A 1 75  ? -13.30605 -3.31316  10.85308  1.000 33.34000 ? 75  PRO A CB  1 
ATOM   572  C  CG  . PRO A 1 75  ? -12.58064 -4.54432  11.27499  1.000 33.02000 ? 75  PRO A CG  1 
ATOM   573  C  CD  . PRO A 1 75  ? -11.22543 -4.04858  11.73289  1.000 28.45000 ? 75  PRO A CD  1 
ATOM   574  N  N   . ASP A 1 76  ? -13.01945 -0.31374  9.38365   1.000 30.38000 ? 76  ASP A N   1 
ATOM   575  C  CA  . ASP A 1 76  ? -13.44897 1.08487   9.46092   1.000 28.90000 ? 76  ASP A CA  1 
ATOM   576  C  C   . ASP A 1 76  ? -12.32500 2.02089   9.90399   1.000 32.62000 ? 76  ASP A C   1 
ATOM   577  O  O   . ASP A 1 76  ? -12.55447 3.01262   10.59650  1.000 33.07000 ? 76  ASP A O   1 
ATOM   578  C  CB  . ASP A 1 76  ? -14.71635 1.25107   10.31296  1.000 33.95000 ? 76  ASP A CB  1 
ATOM   579  C  CG  . ASP A 1 76  ? -15.81139 0.26016   9.92887   1.000 35.53000 ? 76  ASP A CG  1 
ATOM   580  O  OD1 . ASP A 1 76  ? -16.30591 0.34038   8.78197   1.000 37.11000 ? 76  ASP A OD1 1 
ATOM   581  O  OD2 . ASP A 1 76  ? -16.17304 -0.60404  10.75999  1.000 36.63000 ? 76  ASP A OD2 1 
ATOM   582  N  N   . ASP A 1 77  ? -11.09798 1.72112   9.47550   1.000 34.26000 ? 77  ASP A N   1 
ATOM   583  C  CA  . ASP A 1 77  ? -9.93321  2.53226   9.83187   1.000 32.37000 ? 77  ASP A CA  1 
ATOM   584  C  C   . ASP A 1 77  ? -9.88097  3.73765   8.90449   1.000 30.58000 ? 77  ASP A C   1 
ATOM   585  O  O   . ASP A 1 77  ? -9.45587  3.63424   7.75082   1.000 28.61000 ? 77  ASP A O   1 
ATOM   586  C  CB  . ASP A 1 77  ? -8.65634  1.70060   9.74040   1.000 25.79000 ? 77  ASP A CB  1 
ATOM   587  C  CG  . ASP A 1 77  ? -7.43959  2.41021   10.33352  1.000 25.37000 ? 77  ASP A CG  1 
ATOM   588  O  OD1 . ASP A 1 77  ? -7.41894  3.65820   10.41337  1.000 27.62000 ? 77  ASP A OD1 1 
ATOM   589  O  OD2 . ASP A 1 77  ? -6.50254  1.69147   10.74733  1.000 29.00000 ? 77  ASP A OD2 1 
ATOM   590  N  N   . SER A 1 78  ? -10.30554 4.89469   9.41846   1.000 28.64000 ? 78  SER A N   1 
ATOM   591  C  CA  . SER A 1 78  ? -10.34306 6.13287   8.65281   1.000 29.53000 ? 78  SER A CA  1 
ATOM   592  C  C   . SER A 1 78  ? -8.96012  6.65898   8.30355   1.000 31.35000 ? 78  SER A C   1 
ATOM   593  O  O   . SER A 1 78  ? -8.85282  7.55769   7.46359   1.000 29.97000 ? 78  SER A O   1 
ATOM   594  C  CB  . SER A 1 78  ? -11.09488 7.19892   9.44934   1.000 39.40000 ? 78  SER A CB  1 
ATOM   595  O  OG  . SER A 1 78  ? -10.70226 7.15602   10.81320  1.000 39.97000 ? 78  SER A OG  1 
ATOM   596  N  N   . ARG A 1 79  ? -7.90468  6.13411   8.92930   1.000 30.03000 ? 79  ARG A N   1 
ATOM   597  C  CA  . ARG A 1 79  ? -6.55978  6.58739   8.60164   1.000 27.70000 ? 79  ARG A CA  1 
ATOM   598  C  C   . ARG A 1 79  ? -6.11360  6.12440   7.21909   1.000 23.76000 ? 79  ARG A C   1 
ATOM   599  O  O   . ARG A 1 79  ? -5.16626  6.69448   6.66796   1.000 25.38000 ? 79  ARG A O   1 
ATOM   600  C  CB  . ARG A 1 79  ? -5.57674  6.09386   9.66499   1.000 23.66000 ? 79  ARG A CB  1 
ATOM   601  C  CG  . ARG A 1 79  ? -5.67034  6.82947   11.00358  1.000 26.27000 ? 79  ARG A CG  1 
ATOM   602  C  CD  . ARG A 1 79  ? -4.97450  6.05414   12.12312  1.000 23.93000 ? 79  ARG A CD  1 
ATOM   603  N  NE  . ARG A 1 79  ? -5.37328  4.65240   12.15684  1.000 23.39000 ? 79  ARG A NE  1 
ATOM   604  C  CZ  . ARG A 1 79  ? -5.04134  3.81139   13.12607  1.000 19.54000 ? 79  ARG A CZ  1 
ATOM   605  N  NH1 . ARG A 1 79  ? -4.27696  4.19373   14.13682  1.000 26.11000 ? 79  ARG A NH1 1 
ATOM   606  N  NH2 . ARG A 1 79  ? -5.48333  2.55809   13.07944  1.000 24.45000 ? 79  ARG A NH2 1 
ATOM   607  N  N   . VAL A 1 80  ? -6.77349  5.11744   6.65330   1.000 19.73000 ? 80  VAL A N   1 
ATOM   608  C  CA  . VAL A 1 80  ? -6.34763  4.50462   5.39491   1.000 18.80000 ? 80  VAL A CA  1 
ATOM   609  C  C   . VAL A 1 80  ? -6.88065  5.35494   4.24261   1.000 19.44000 ? 80  VAL A C   1 
ATOM   610  O  O   . VAL A 1 80  ? -8.09161  5.42289   4.02055   1.000 24.19000 ? 80  VAL A O   1 
ATOM   611  C  CB  . VAL A 1 80  ? -6.82151  3.04673   5.29196   1.000 14.01000 ? 80  VAL A CB  1 
ATOM   612  C  CG1 . VAL A 1 80  ? -6.56790  2.48503   3.90598   1.000 16.91000 ? 80  VAL A CG1 1 
ATOM   613  C  CG2 . VAL A 1 80  ? -6.13591  2.16370   6.36623   1.000 16.07000 ? 80  VAL A CG2 1 
ATOM   614  N  N   . ILE A 1 81  ? -5.97555  6.01674   3.51457   1.000 20.69000 ? 81  ILE A N   1 
ATOM   615  C  CA  . ILE A 1 81  ? -6.38968  6.85146   2.38708   1.000 22.03000 ? 81  ILE A CA  1 
ATOM   616  C  C   . ILE A 1 81  ? -6.86021  5.98830   1.21773   1.000 27.93000 ? 81  ILE A C   1 
ATOM   617  O  O   . ILE A 1 81  ? -7.89071  6.27134   0.58873   1.000 22.77000 ? 81  ILE A O   1 
ATOM   618  C  CB  . ILE A 1 81  ? -5.26128  7.82637   1.99418   1.000 20.14000 ? 81  ILE A CB  1 
ATOM   619  C  CG1 . ILE A 1 81  ? -4.96234  8.79903   3.13747   1.000 22.55000 ? 81  ILE A CG1 1 
ATOM   620  C  CG2 . ILE A 1 81  ? -5.60303  8.58874   0.71546   1.000 21.28000 ? 81  ILE A CG2 1 
ATOM   621  C  CD1 . ILE A 1 81  ? -3.65966  9.54528   2.96311   1.000 20.43000 ? 81  ILE A CD1 1 
ATOM   622  N  N   . ALA A 1 82  ? -6.12607  4.92015   0.91834   1.000 21.04000 ? 82  ALA A N   1 
ATOM   623  C  CA  . ALA A 1 82  ? -6.46701  3.99251   -0.15156  1.000 17.00000 ? 82  ALA A CA  1 
ATOM   624  C  C   . ALA A 1 82  ? -5.67386  2.71658   0.09322   1.000 17.35000 ? 82  ALA A C   1 
ATOM   625  O  O   . ALA A 1 82  ? -4.63775  2.73725   0.77034   1.000 16.59000 ? 82  ALA A O   1 
ATOM   626  C  CB  . ALA A 1 82  ? -6.11398  4.57104   -1.52463  1.000 17.31000 ? 82  ALA A CB  1 
ATOM   627  N  N   . HIS A 1 83  ? -6.16515  1.60821   -0.45424  1.000 14.76000 ? 83  HIS A N   1 
ATOM   628  C  CA  . HIS A 1 83  ? -5.48333  0.32936   -0.25902  1.000 15.89000 ? 83  HIS A CA  1 
ATOM   629  C  C   . HIS A 1 83  ? -5.99503  -0.71696  -1.24330  1.000 17.07000 ? 83  HIS A C   1 
ATOM   630  O  O   . HIS A 1 83  ? -7.12172  -0.62710  -1.74603  1.000 18.82000 ? 83  HIS A O   1 
ATOM   631  C  CB  . HIS A 1 83  ? -5.64531  -0.15734  1.18889   1.000 15.22000 ? 83  HIS A CB  1 
ATOM   632  C  CG  . HIS A 1 83  ? -7.00153  -0.71793  1.48259   1.000 16.52000 ? 83  HIS A CG  1 
ATOM   633  N  ND1 . HIS A 1 83  ? -7.31663  -2.05246  1.30988   1.000 20.23000 ? 83  HIS A ND1 1 
ATOM   634  C  CD2 . HIS A 1 83  ? -8.13790  -0.11224  1.90264   1.000 20.19000 ? 83  HIS A CD2 1 
ATOM   635  C  CE1 . HIS A 1 83  ? -8.57988  -2.24853  1.64168   1.000 21.33000 ? 83  HIS A CE1 1 
ATOM   636  N  NE2 . HIS A 1 83  ? -9.10362  -1.08322  1.98607   1.000 20.27000 ? 83  HIS A NE2 1 
ATOM   637  N  N   . THR A 1 84  ? -5.15170  -1.72472  -1.50414  1.000 12.95000 ? 84  THR A N   1 
ATOM   638  C  CA  . THR A 1 84  ? -5.55993  -2.93415  -2.20269  1.000 15.70000 ? 84  THR A CA  1 
ATOM   639  C  C   . THR A 1 84  ? -5.99217  -3.99455  -1.19691  1.000 13.29000 ? 84  THR A C   1 
ATOM   640  O  O   . THR A 1 84  ? -5.78197  -3.86916  0.01146   1.000 16.96000 ? 84  THR A O   1 
ATOM   641  C  CB  . THR A 1 84  ? -4.41969  -3.53771  -3.03263  1.000 11.36000 ? 84  THR A CB  1 
ATOM   642  O  OG1 . THR A 1 84  ? -3.41603  -4.06494  -2.14793  1.000 11.37000 ? 84  THR A OG1 1 
ATOM   643  C  CG2 . THR A 1 84  ? -3.78032  -2.53037  -3.94999  1.000 14.45000 ? 84  THR A CG2 1 
ATOM   644  N  N   . LYS A 1 85  ? -6.58123  -5.06565  -1.71640  1.000 12.64000 ? 85  LYS A N   1 
ATOM   645  C  CA  . LYS A 1 85  ? -6.78857  -6.24571  -0.90001  1.000 15.97000 ? 85  LYS A CA  1 
ATOM   646  C  C   . LYS A 1 85  ? -5.44426  -6.93241  -0.64060  1.000 16.41000 ? 85  LYS A C   1 
ATOM   647  O  O   . LYS A 1 85  ? -4.43020  -6.61211  -1.26523  1.000 13.97000 ? 85  LYS A O   1 
ATOM   648  C  CB  . LYS A 1 85  ? -7.80697  -7.17061  -1.56293  1.000 17.01000 ? 85  LYS A CB  1 
ATOM   649  C  CG  . LYS A 1 85  ? -7.25861  -8.18960  -2.52724  1.000 21.02000 ? 85  LYS A CG  1 
ATOM   650  C  CD  . LYS A 1 85  ? -8.40566  -8.90317  -3.26269  1.000 22.27000 ? 85  LYS A CD  1 
ATOM   651  C  CE  . LYS A 1 85  ? -7.87168  -9.95772  -4.22344  1.000 26.72000 ? 85  LYS A CE  1 
ATOM   652  N  NZ  . LYS A 1 85  ? -8.95740  -10.69678 -4.93331  1.000 29.91000 ? 85  LYS A NZ  1 
ATOM   653  N  N   . LEU A 1 86  ? -5.43539  -7.85031  0.33013   1.000 14.84000 ? 86  LEU A N   1 
ATOM   654  C  CA  . LEU A 1 86  ? -4.26751  -8.69173  0.57355   1.000 13.18000 ? 86  LEU A CA  1 
ATOM   655  C  C   . LEU A 1 86  ? -4.24559  -9.83080  -0.43022  1.000 16.24000 ? 86  LEU A C   1 
ATOM   656  O  O   . LEU A 1 86  ? -5.26789  -10.49346 -0.64486  1.000 16.98000 ? 86  LEU A O   1 
ATOM   657  C  CB  . LEU A 1 86  ? -4.33145  -9.25363  1.99304   1.000 13.57000 ? 86  LEU A CB  1 
ATOM   658  C  CG  . LEU A 1 86  ? -3.06385  -9.95173  2.52153   1.000 13.15000 ? 86  LEU A CG  1 
ATOM   659  C  CD1 . LEU A 1 86  ? -2.12342  -8.91603  3.11180   1.000 15.13000 ? 86  LEU A CD1 1 
ATOM   660  C  CD2 . LEU A 1 86  ? -3.46691  -10.99383 3.57513   1.000 15.34000 ? 86  LEU A CD2 1 
ATOM   661  N  N   . ILE A 1 87  ? -3.08450  -10.05614 -1.05941  1.000 12.65000 ? 87  ILE A N   1 
ATOM   662  C  CA  . ILE A 1 87  ? -2.94730  -11.06805 -2.09598  1.000 12.26000 ? 87  ILE A CA  1 
ATOM   663  C  C   . ILE A 1 87  ? -1.79124  -12.00541 -1.76085  1.000 15.92000 ? 87  ILE A C   1 
ATOM   664  O  O   . ILE A 1 87  ? -0.83498  -11.63476 -1.06739  1.000 13.90000 ? 87  ILE A O   1 
ATOM   665  C  CB  . ILE A 1 87  ? -2.76093  -10.45034 -3.50170  1.000 11.72000 ? 87  ILE A CB  1 
ATOM   666  C  CG1 . ILE A 1 87  ? -1.54339  -9.53027  -3.54589  1.000 13.11000 ? 87  ILE A CG1 1 
ATOM   667  C  CG2 . ILE A 1 87  ? -4.01600  -9.66697  -3.89633  1.000 13.35000 ? 87  ILE A CG2 1 
ATOM   668  C  CD1 . ILE A 1 87  ? -1.19529  -9.03014  -4.96073  1.000 12.56000 ? 87  ILE A CD1 1 
ATOM   669  N  N   . GLY A 1 88  ? -1.89028  -13.22973 -2.26741  1.000 14.99000 ? 88  GLY A N   1 
ATOM   670  C  CA  . GLY A 1 88  ? -0.80902  -14.19824 -2.22146  1.000 14.28000 ? 88  GLY A CA  1 
ATOM   671  C  C   . GLY A 1 88  ? -0.33216  -14.59025 -3.60749  1.000 13.97000 ? 88  GLY A C   1 
ATOM   672  O  O   . GLY A 1 88  ? -0.73542  -13.96303 -4.60039  1.000 13.36000 ? 88  GLY A O   1 
ATOM   673  N  N   . SER A 1 89  ? 0.49039   -15.63943 -3.69404  1.000 14.15000 ? 89  SER A N   1 
ATOM   674  C  CA  . SER A 1 89  ? 1.11834   -16.04091 -4.94823  1.000 16.93000 ? 89  SER A CA  1 
ATOM   675  C  C   . SER A 1 89  ? 0.12120   -16.09089 -6.09293  1.000 17.89000 ? 89  SER A C   1 
ATOM   676  O  O   . SER A 1 89  ? -0.93552  -16.72347 -5.99154  1.000 18.08000 ? 89  SER A O   1 
ATOM   677  C  CB  . SER A 1 89  ? 1.75587   -17.42537 -4.80815  1.000 15.45000 ? 89  SER A CB  1 
ATOM   678  O  OG  . SER A 1 89  ? 2.12816   -17.90706 -6.08765  1.000 20.67000 ? 89  SER A OG  1 
ATOM   679  N  N   . GLY A 1 90  ? 0.48327   -15.44008 -7.19947  1.000 14.23000 ? 90  GLY A N   1 
ATOM   680  C  CA  . GLY A 1 90  ? -0.28462  -15.54395 -8.42300  1.000 16.61000 ? 90  GLY A CA  1 
ATOM   681  C  C   . GLY A 1 90  ? -1.49501  -14.64648 -8.50911  1.000 17.50000 ? 90  GLY A C   1 
ATOM   682  O  O   . GLY A 1 90  ? -2.15873  -14.64068 -9.55007  1.000 21.32000 ? 90  GLY A O   1 
ATOM   683  N  N   . GLU A 1 91  ? -1.81115  -13.90066 -7.46001  1.000 16.06000 ? 91  GLU A N   1 
ATOM   684  C  CA  . GLU A 1 91  ? -2.96568  -13.01639 -7.41308  1.000 15.27000 ? 91  GLU A CA  1 
ATOM   685  C  C   . GLU A 1 91  ? -2.55039  -11.59188 -7.77583  1.000 19.66000 ? 91  GLU A C   1 
ATOM   686  O  O   . GLU A 1 91  ? -1.36104  -11.24684 -7.79535  1.000 15.27000 ? 91  GLU A O   1 
ATOM   687  C  CB  . GLU A 1 91  ? -3.60578  -13.04098 -6.01690  1.000 15.54000 ? 91  GLU A CB  1 
ATOM   688  C  CG  . GLU A 1 91  ? -4.39256  -14.31829 -5.73210  1.000 21.48000 ? 91  GLU A CG  1 
ATOM   689  C  CD  . GLU A 1 91  ? -4.90040  -14.44324 -4.30321  1.000 25.21000 ? 91  GLU A CD  1 
ATOM   690  O  OE1 . GLU A 1 91  ? -4.47797  -13.67726 -3.41301  1.000 22.47000 ? 91  GLU A OE1 1 
ATOM   691  O  OE2 . GLU A 1 91  ? -5.77630  -15.30428 -4.07629  1.000 32.51000 ? 91  GLU A OE2 1 
ATOM   692  N  N   . LYS A 1 92  ? -3.55209  -10.76099 -8.06576  1.000 15.26000 ? 92  LYS A N   1 
ATOM   693  C  CA  . LYS A 1 92  ? -3.31737  -9.34376  -8.31019  1.000 15.90000 ? 92  LYS A CA  1 
ATOM   694  C  C   . LYS A 1 92  ? -4.54945  -8.56809  -7.86961  1.000 12.74000 ? 92  LYS A C   1 
ATOM   695  O  O   . LYS A 1 92  ? -5.64123  -9.13306  -7.71139  1.000 13.41000 ? 92  LYS A O   1 
ATOM   696  C  CB  . LYS A 1 92  ? -3.01043  -9.03429  -9.78856  1.000 17.04000 ? 92  LYS A CB  1 
ATOM   697  C  CG  . LYS A 1 92  ? -4.14003  -9.35979  -10.76472 1.000 19.10000 ? 92  LYS A CG  1 
ATOM   698  C  CD  . LYS A 1 92  ? -3.70182  -9.07796  -12.20084 1.000 22.22000 ? 92  LYS A CD  1 
ATOM   699  C  CE  . LYS A 1 92  ? -4.82011  -9.33781  -13.20419 1.000 31.37000 ? 92  LYS A CE  1 
ATOM   700  N  NZ  . LYS A 1 92  ? -5.92198  -10.13845 -12.60931 1.000 41.49000 ? 92  LYS A NZ  1 
ATOM   701  N  N   . ASP A 1 93  ? -4.35608  -7.26884  -7.64599  1.000 11.05000 ? 93  ASP A N   1 
ATOM   702  C  CA  . ASP A 1 93  ? -5.44889  -6.38035  -7.26932  1.000 12.33000 ? 93  ASP A CA  1 
ATOM   703  C  C   . ASP A 1 93  ? -5.05050  -4.94615  -7.57879  1.000 15.51000 ? 93  ASP A C   1 
ATOM   704  O  O   . ASP A 1 93  ? -3.88463  -4.57011  -7.42347  1.000 13.21000 ? 93  ASP A O   1 
ATOM   705  C  CB  . ASP A 1 93  ? -5.79505  -6.48530  -5.77877  1.000 14.05000 ? 93  ASP A CB  1 
ATOM   706  C  CG  . ASP A 1 93  ? -7.11019  -5.79286  -5.43593  1.000 18.87000 ? 93  ASP A CG  1 
ATOM   707  O  OD1 . ASP A 1 93  ? -8.11933  -6.06194  -6.12888  1.000 20.67000 ? 93  ASP A OD1 1 
ATOM   708  O  OD2 . ASP A 1 93  ? -7.13015  -4.95567  -4.50511  1.000 16.32000 ? 93  ASP A OD2 1 
ATOM   709  N  N   . SER A 1 94  ? -6.03396  -4.13519  -7.98187  1.000 16.36000 ? 94  SER A N   1 
ATOM   710  C  CA  . SER A 1 94  ? -5.80800  -2.73113  -8.29440  1.000 16.43000 ? 94  SER A CA  1 
ATOM   711  C  C   . SER A 1 94  ? -6.66896  -1.83563  -7.41086  1.000 15.57000 ? 94  SER A C   1 
ATOM   712  O  O   . SER A 1 94  ? -7.78668  -2.19829  -7.03690  1.000 18.52000 ? 94  SER A O   1 
ATOM   713  C  CB  . SER A 1 94  ? -6.13060  -2.43056  -9.77126  1.000 14.30000 ? 94  SER A CB  1 
ATOM   714  O  OG  . SER A 1 94  ? -5.39860  -3.28043  -10.63992 1.000 18.06000 ? 94  SER A OG  1 
ATOM   715  N  N   . VAL A 1 95  ? -6.14396  -0.65978  -7.06886  1.000 14.37000 ? 95  VAL A N   1 
ATOM   716  C  CA  . VAL A 1 95  ? -6.91821  0.37216   -6.38640  1.000 13.41000 ? 95  VAL A CA  1 
ATOM   717  C  C   . VAL A 1 95  ? -6.74977  1.68122   -7.14304  1.000 17.47000 ? 95  VAL A C   1 
ATOM   718  O  O   . VAL A 1 95  ? -5.64596  2.02321   -7.57850  1.000 15.09000 ? 95  VAL A O   1 
ATOM   719  C  CB  . VAL A 1 95  ? -6.53616  0.54666   -4.89735  1.000 15.54000 ? 95  VAL A CB  1 
ATOM   720  C  CG1 . VAL A 1 95  ? -5.05043  0.93003   -4.73040  1.000 13.16000 ? 95  VAL A CG1 1 
ATOM   721  C  CG2 . VAL A 1 95  ? -7.45289  1.57187   -4.21977  1.000 16.60000 ? 95  VAL A CG2 1 
ATOM   722  N  N   . THR A 1 96  ? -7.85204  2.40728   -7.31730  1.000 15.98000 ? 96  THR A N   1 
ATOM   723  C  CA  . THR A 1 96  ? -7.81867  3.75505   -7.85966  1.000 16.72000 ? 96  THR A CA  1 
ATOM   724  C  C   . THR A 1 96  ? -8.36342  4.70572   -6.80311  1.000 17.30000 ? 96  THR A C   1 
ATOM   725  O  O   . THR A 1 96  ? -9.32563  4.37885   -6.10047  1.000 24.50000 ? 96  THR A O   1 
ATOM   726  C  CB  . THR A 1 96  ? -8.66112  3.82420   -9.12898  1.000 18.44000 ? 96  THR A CB  1 
ATOM   727  O  OG1 . THR A 1 96  ? -8.08153  2.97639   -10.12739 1.000 14.93000 ? 96  THR A OG1 1 
ATOM   728  C  CG2 . THR A 1 96  ? -8.71153  5.26858   -9.66149  1.000 17.62000 ? 96  THR A CG2 1 
ATOM   729  N  N   . PHE A 1 97  ? -7.73689  5.87239   -6.65925  1.000 17.68000 ? 97  PHE A N   1 
ATOM   730  C  CA  . PHE A 1 97  ? -8.18609  6.84031   -5.66868  1.000 18.77000 ? 97  PHE A CA  1 
ATOM   731  C  C   . PHE A 1 97  ? -8.09842  8.23966   -6.25249  1.000 21.85000 ? 97  PHE A C   1 
ATOM   732  O  O   . PHE A 1 97  ? -7.38406  8.48043   -7.22790  1.000 19.25000 ? 97  PHE A O   1 
ATOM   733  C  CB  . PHE A 1 97  ? -7.43127  6.73700   -4.33383  1.000 23.71000 ? 97  PHE A CB  1 
ATOM   734  C  CG  . PHE A 1 97  ? -5.95428  6.97666   -4.43732  1.000 20.28000 ? 97  PHE A CG  1 
ATOM   735  C  CD1 . PHE A 1 97  ? -5.08947  5.93294   -4.72957  1.000 21.52000 ? 97  PHE A CD1 1 
ATOM   736  C  CD2 . PHE A 1 97  ? -5.42551  8.23842   -4.21693  1.000 22.44000 ? 97  PHE A CD2 1 
ATOM   737  C  CE1 . PHE A 1 97  ? -3.72521  6.14428   -4.81277  1.000 18.85000 ? 97  PHE A CE1 1 
ATOM   738  C  CE2 . PHE A 1 97  ? -4.05882  8.46051   -4.29964  1.000 25.23000 ? 97  PHE A CE2 1 
ATOM   739  C  CZ  . PHE A 1 97  ? -3.20565  7.40231   -4.60384  1.000 20.37000 ? 97  PHE A CZ  1 
ATOM   740  N  N   . ASP A 1 98  ? -8.84309  9.16548   -5.64596  1.000 23.15000 ? 98  ASP A N   1 
ATOM   741  C  CA  . ASP A 1 98  ? -8.87152  10.54072  -6.13145  1.000 26.28000 ? 98  ASP A CA  1 
ATOM   742  C  C   . ASP A 1 98  ? -7.66389  11.30581  -5.60862  1.000 23.09000 ? 98  ASP A C   1 
ATOM   743  O  O   . ASP A 1 98  ? -7.41132  11.34302  -4.39769  1.000 25.96000 ? 98  ASP A O   1 
ATOM   744  C  CB  . ASP A 1 98  ? -10.16828 11.24192  -5.71618  1.000 24.71000 ? 98  ASP A CB  1 
ATOM   745  C  CG  . ASP A 1 98  ? -11.37307 10.79213  -6.54032  1.000 38.22000 ? 98  ASP A CG  1 
ATOM   746  O  OD1 . ASP A 1 98  ? -11.19092 10.31904  -7.68650  1.000 33.65000 ? 98  ASP A OD1 1 
ATOM   747  O  OD2 . ASP A 1 98  ? -12.51168 10.91982  -6.03847  1.000 46.78000 ? 98  ASP A OD2 1 
ATOM   748  N  N   . VAL A 1 99  ? -6.91445  11.91621  -6.52986  1.000 20.67000 ? 99  VAL A N   1 
ATOM   749  C  CA  . VAL A 1 99  ? -5.71987  12.66722  -6.16160  1.000 20.77000 ? 99  VAL A CA  1 
ATOM   750  C  C   . VAL A 1 99  ? -6.04669  13.84305  -5.24388  1.000 27.48000 ? 99  VAL A C   1 
ATOM   751  O  O   . VAL A 1 99  ? -5.19503  14.27220  -4.45816  1.000 25.19000 ? 99  VAL A O   1 
ATOM   752  C  CB  . VAL A 1 99  ? -4.93367  13.06223  -7.43392  1.000 19.95000 ? 99  VAL A CB  1 
ATOM   753  C  CG1 . VAL A 1 99  ? -3.73106  13.95431  -7.09875  1.000 22.75000 ? 99  VAL A CG1 1 
ATOM   754  C  CG2 . VAL A 1 99  ? -4.47709  11.81173  -8.17519  1.000 20.58000 ? 99  VAL A CG2 1 
ATOM   755  N  N   . SER A 1 100 ? -7.28112  14.35294  -5.29426  1.000 25.40000 ? 100 SER A N   1 
ATOM   756  C  CA  . SER A 1 100 ? -7.69567  15.40904  -4.37676  1.000 30.13000 ? 100 SER A CA  1 
ATOM   757  C  C   . SER A 1 100 ? -7.67706  14.97234  -2.91428  1.000 28.19000 ? 100 SER A C   1 
ATOM   758  O  O   . SER A 1 100 ? -7.81372  15.82391  -2.02952  1.000 33.17000 ? 100 SER A O   1 
ATOM   759  C  CB  . SER A 1 100 ? -9.08184  15.93376  -4.77215  1.000 26.20000 ? 100 SER A CB  1 
ATOM   760  O  OG  . SER A 1 100 ? -10.07024 14.93627  -4.59060  1.000 30.18000 ? 100 SER A OG  1 
ATOM   761  N  N   . LYS A 1 101 ? -7.49659  13.67992  -2.63135  1.000 31.46000 ? 101 LYS A N   1 
ATOM   762  C  CA  . LYS A 1 101 ? -7.32223  13.21901  -1.25981  1.000 31.68000 ? 101 LYS A CA  1 
ATOM   763  C  C   . LYS A 1 101 ? -5.92673  13.50759  -0.71531  1.000 30.75000 ? 101 LYS A C   1 
ATOM   764  O  O   . LYS A 1 101 ? -5.70588  13.36193  0.49247   1.000 35.72000 ? 101 LYS A O   1 
ATOM   765  C  CB  . LYS A 1 101 ? -7.63066  11.71860  -1.16532  1.000 35.96000 ? 101 LYS A CB  1 
ATOM   766  C  CG  . LYS A 1 101 ? -9.12840  11.40472  -1.13544  1.000 37.60000 ? 101 LYS A CG  1 
ATOM   767  C  CD  . LYS A 1 101 ? -9.54792  10.63714  0.11261   1.000 41.78000 ? 101 LYS A CD  1 
ATOM   768  C  CE  . LYS A 1 101 ? -9.64810  9.14202   -0.15479  1.000 42.21000 ? 101 LYS A CE  1 
ATOM   769  N  NZ  . LYS A 1 101 ? -9.65278  8.33710   1.10504   1.000 38.42000 ? 101 LYS A NZ  1 
ATOM   770  N  N   . LEU A 1 102 ? -4.98751  13.91345  -1.56736  1.000 25.56000 ? 102 LEU A N   1 
ATOM   771  C  CA  . LEU A 1 102 ? -3.62211  14.21218  -1.16776  1.000 31.89000 ? 102 LEU A CA  1 
ATOM   772  C  C   . LEU A 1 102 ? -3.40973  15.71748  -1.18832  1.000 33.95000 ? 102 LEU A C   1 
ATOM   773  O  O   . LEU A 1 102 ? -4.00805  16.43213  -1.99539  1.000 33.42000 ? 102 LEU A O   1 
ATOM   774  C  CB  . LEU A 1 102 ? -2.61922  13.57937  -2.13717  1.000 27.50000 ? 102 LEU A CB  1 
ATOM   775  C  CG  . LEU A 1 102 ? -2.79766  12.08248  -2.41641  1.000 25.85000 ? 102 LEU A CG  1 
ATOM   776  C  CD1 . LEU A 1 102 ? -1.79626  11.60489  -3.45207  1.000 25.19000 ? 102 LEU A CD1 1 
ATOM   777  C  CD2 . LEU A 1 102 ? -2.68200  11.27893  -1.13000  1.000 28.18000 ? 102 LEU A CD2 1 
ATOM   778  N  N   . LYS A 1 103 ? -2.53968  16.19269  -0.30242  1.000 31.81000 ? 103 LYS A N   1 
ATOM   779  C  CA  . LYS A 1 103 ? -2.21357  17.60595  -0.21064  1.000 41.98000 ? 103 LYS A CA  1 
ATOM   780  C  C   . LYS A 1 103 ? -0.71088  17.79873  -0.32016  1.000 46.32000 ? 103 LYS A C   1 
ATOM   781  O  O   . LYS A 1 103 ? 0.07880   16.89007  -0.05030  1.000 48.79000 ? 103 LYS A O   1 
ATOM   782  C  CB  . LYS A 1 103 ? -2.66811  18.20478  1.12700   1.000 40.51000 ? 103 LYS A CB  1 
ATOM   783  C  CG  . LYS A 1 103 ? -4.11624  17.92278  1.49435   1.000 47.92000 ? 103 LYS A CG  1 
ATOM   784  C  CD  . LYS A 1 103 ? -4.23116  17.48380  2.94654   1.000 53.84000 ? 103 LYS A CD  1 
ATOM   785  C  CE  . LYS A 1 103 ? -4.67801  18.61510  3.86007   1.000 49.57000 ? 103 LYS A CE  1 
ATOM   786  N  NZ  . LYS A 1 103 ? -4.48587  18.25685  5.29742   1.000 57.76000 ? 103 LYS A NZ  1 
ATOM   787  N  N   A GLU A 1 104 ? -0.32516  19.00281  -0.72731  0.500 51.94000 ? 104 GLU A N   1 
ATOM   788  N  N   B GLU A 1 104 ? -0.31563  18.99606  -0.73042  0.500 51.94000 ? 104 GLU A N   1 
ATOM   789  C  CA  A GLU A 1 104 ? 1.06847   19.41087  -0.67788  0.500 52.63000 ? 104 GLU A CA  1 
ATOM   790  C  CA  B GLU A 1 104 ? 1.08949   19.35975  -0.67554  0.500 52.63000 ? 104 GLU A CA  1 
ATOM   791  C  C   A GLU A 1 104 ? 1.40184   19.92549  0.71666   0.500 52.91000 ? 104 GLU A C   1 
ATOM   792  C  C   B GLU A 1 104 ? 1.41194   19.93633  0.69770   0.500 52.91000 ? 104 GLU A C   1 
ATOM   793  O  O   A GLU A 1 104 ? 0.53238   20.41108  1.44694   0.500 54.13000 ? 104 GLU A O   1 
ATOM   794  O  O   B GLU A 1 104 ? 0.54278   20.47318  1.38961   0.500 54.14000 ? 104 GLU A O   1 
ATOM   795  C  CB  A GLU A 1 104 ? 1.33647   20.49679  -1.71783  0.500 54.14000 ? 104 GLU A CB  1 
ATOM   796  C  CB  B GLU A 1 104 ? 1.46296   20.35004  -1.77745  0.500 54.06000 ? 104 GLU A CB  1 
ATOM   797  C  CG  A GLU A 1 104 ? 0.82016   20.14636  -3.09961  0.500 47.36000 ? 104 GLU A CG  1 
ATOM   798  C  CG  B GLU A 1 104 ? 2.90195   20.19794  -2.25906  0.500 53.25000 ? 104 GLU A CG  1 
ATOM   799  C  CD  A GLU A 1 104 ? -0.56513  20.69708  -3.37501  0.500 51.02000 ? 104 GLU A CD  1 
ATOM   800  C  CD  B GLU A 1 104 ? 3.55914   18.91656  -1.76602  0.500 49.48000 ? 104 GLU A CD  1 
ATOM   801  O  OE1 A GLU A 1 104 ? -1.25930  21.08676  -2.41054  0.500 51.63000 ? 104 GLU A OE1 1 
ATOM   802  O  OE1 B GLU A 1 104 ? 3.40192   17.86902  -2.43046  0.500 45.83000 ? 104 GLU A OE1 1 
ATOM   803  O  OE2 A GLU A 1 104 ? -0.96187  20.73952  -4.55897  0.500 53.83000 ? 104 GLU A OE2 1 
ATOM   804  O  OE2 B GLU A 1 104 ? 4.23284   18.95709  -0.71463  0.500 45.29000 ? 104 GLU A OE2 1 
ATOM   805  N  N   . GLY A 1 105 ? 2.67703   19.80686  1.09066   1.000 56.08000 ? 105 GLY A N   1 
ATOM   806  C  CA  . GLY A 1 105 ? 3.09254   20.07115  2.44992   1.000 54.03000 ? 105 GLY A CA  1 
ATOM   807  C  C   . GLY A 1 105 ? 2.84609   18.91848  3.39713   1.000 57.12000 ? 105 GLY A C   1 
ATOM   808  O  O   . GLY A 1 105 ? 3.47260   18.86079  4.46277   1.000 59.14000 ? 105 GLY A O   1 
ATOM   809  N  N   . GLU A 1 106 ? 1.94340   18.00612  3.04413   1.000 53.30000 ? 106 GLU A N   1 
ATOM   810  C  CA  . GLU A 1 106 ? 1.78610   16.72784  3.71688   1.000 48.28000 ? 106 GLU A CA  1 
ATOM   811  C  C   . GLU A 1 106 ? 2.62629   15.67962  2.99746   1.000 45.09000 ? 106 GLU A C   1 
ATOM   812  O  O   . GLU A 1 106 ? 2.89523   15.77914  1.79654   1.000 44.16000 ? 106 GLU A O   1 
ATOM   813  C  CB  . GLU A 1 106 ? 0.31393   16.30362  3.72306   1.000 44.76000 ? 106 GLU A CB  1 
ATOM   814  C  CG  . GLU A 1 106 ? -0.01711  15.07659  4.57915   1.000 39.07000 ? 106 GLU A CG  1 
ATOM   815  C  CD  . GLU A 1 106 ? 0.45564   15.19360  6.01741   1.000 51.96000 ? 106 GLU A CD  1 
ATOM   816  O  OE1 . GLU A 1 106 ? 1.65100   14.92928  6.28222   1.000 49.65000 ? 106 GLU A OE1 1 
ATOM   817  O  OE2 . GLU A 1 106 ? -0.37512  15.53196  6.89173   1.000 52.19000 ? 106 GLU A OE2 1 
ATOM   818  N  N   . GLN A 1 107 ? 3.06278   14.68055  3.75429   1.000 47.55000 ? 107 GLN A N   1 
ATOM   819  C  CA  . GLN A 1 107 ? 3.94543   13.63998  3.25080   1.000 39.64000 ? 107 GLN A CA  1 
ATOM   820  C  C   . GLN A 1 107 ? 3.33106   12.28691  3.58005   1.000 37.27000 ? 107 GLN A C   1 
ATOM   821  O  O   . GLN A 1 107 ? 2.75991   12.10174  4.66176   1.000 36.44000 ? 107 GLN A O   1 
ATOM   822  C  CB  . GLN A 1 107 ? 5.32195   13.78954  3.88948   1.000 48.81000 ? 107 GLN A CB  1 
ATOM   823  C  CG  . GLN A 1 107 ? 5.67235   15.24793  4.19036   1.000 47.80000 ? 107 GLN A CG  1 
ATOM   824  C  CD  . GLN A 1 107 ? 6.93589   15.39660  4.99881   1.000 54.95000 ? 107 GLN A CD  1 
ATOM   825  O  OE1 . GLN A 1 107 ? 7.72701   14.46194  5.10624   1.000 50.92000 ? 107 GLN A OE1 1 
ATOM   826  N  NE2 . GLN A 1 107 ? 7.13503   16.57713  5.57563   1.000 59.91000 ? 107 GLN A NE2 1 
ATOM   827  N  N   . TYR A 1 108 ? 3.41531   11.35423  2.63192   1.000 24.73000 ? 108 TYR A N   1 
ATOM   828  C  CA  . TYR A 1 108 ? 2.66154   10.11267  2.71209   1.000 18.18000 ? 108 TYR A CA  1 
ATOM   829  C  C   . TYR A 1 108 ? 3.58069   8.90507   2.61842   1.000 16.62000 ? 108 TYR A C   1 
ATOM   830  O  O   . TYR A 1 108 ? 4.66100   8.96557   2.02785   1.000 15.00000 ? 108 TYR A O   1 
ATOM   831  C  CB  . TYR A 1 108 ? 1.59258   10.03609  1.60834   1.000 16.46000 ? 108 TYR A CB  1 
ATOM   832  C  CG  . TYR A 1 108 ? 0.62300   11.21480  1.62880   1.000 19.60000 ? 108 TYR A CG  1 
ATOM   833  C  CD1 . TYR A 1 108 ? -0.48991  11.20573  2.46052   1.000 22.10000 ? 108 TYR A CD1 1 
ATOM   834  C  CD2 . TYR A 1 108 ? 0.85725   12.33768  0.84986   1.000 20.31000 ? 108 TYR A CD2 1 
ATOM   835  C  CE1 . TYR A 1 108 ? -1.36323  12.28223  2.49810   1.000 22.61000 ? 108 TYR A CE1 1 
ATOM   836  C  CE2 . TYR A 1 108 ? -0.01129  13.42475  0.87815   1.000 25.59000 ? 108 TYR A CE2 1 
ATOM   837  C  CZ  . TYR A 1 108 ? -1.11529  13.38805  1.70742   1.000 24.44000 ? 108 TYR A CZ  1 
ATOM   838  O  OH  . TYR A 1 108 ? -1.98631  14.46123  1.74090   1.000 34.22000 ? 108 TYR A OH  1 
ATOM   839  N  N   . MET A 1 109 ? 3.12247   7.80475   3.20414   1.000 15.64000 ? 109 MET A N   1 
ATOM   840  C  CA  . MET A 1 109 ? 3.83915   6.53846   3.20278   1.000 15.75000 ? 109 MET A CA  1 
ATOM   841  C  C   . MET A 1 109 ? 2.90454   5.47714   2.63456   1.000 17.29000 ? 109 MET A C   1 
ATOM   842  O  O   . MET A 1 109 ? 1.69788   5.48169   2.91906   1.000 16.85000 ? 109 MET A O   1 
ATOM   843  C  CB  . MET A 1 109 ? 4.16346   6.15926   4.65329   1.000 19.51000 ? 109 MET A CB  1 
ATOM   844  C  CG  . MET A 1 109 ? 5.31479   6.92945   5.32677   1.000 25.34000 ? 109 MET A CG  1 
ATOM   845  S  SD  . MET A 1 109 ? 6.83172   7.16938   4.38380   1.000 17.78000 ? 109 MET A SD  1 
ATOM   846  C  CE  . MET A 1 109 ? 7.67756   5.64609   4.82384   1.000 16.25000 ? 109 MET A CE  1 
ATOM   847  N  N   . PHE A 1 110 ? 3.45715   4.56368   1.83316   1.000 13.04000 ? 110 PHE A N   1 
ATOM   848  C  CA  . PHE A 1 110 ? 2.78002   3.32047   1.49053   1.000 14.30000 ? 110 PHE A CA  1 
ATOM   849  C  C   . PHE A 1 110 ? 3.50759   2.14943   2.14316   1.000 11.68000 ? 110 PHE A C   1 
ATOM   850  O  O   . PHE A 1 110 ? 4.70339   2.23916   2.45768   1.000 13.36000 ? 110 PHE A O   1 
ATOM   851  C  CB  . PHE A 1 110 ? 2.65536   3.10163   -0.03012  1.000 11.61000 ? 110 PHE A CB  1 
ATOM   852  C  CG  . PHE A 1 110 ? 3.96584   2.85587   -0.72585  1.000 13.04000 ? 110 PHE A CG  1 
ATOM   853  C  CD1 . PHE A 1 110 ? 4.46775   1.56692   -0.86987  1.000 12.13000 ? 110 PHE A CD1 1 
ATOM   854  C  CD2 . PHE A 1 110 ? 4.70172   3.92214   -1.22936  1.000 10.77000 ? 110 PHE A CD2 1 
ATOM   855  C  CE1 . PHE A 1 110 ? 5.67251   1.35969   -1.51551  1.000 9.52000  ? 110 PHE A CE1 1 
ATOM   856  C  CE2 . PHE A 1 110 ? 5.90573   3.72517   -1.87834  1.000 11.60000 ? 110 PHE A CE2 1 
ATOM   857  C  CZ  . PHE A 1 110 ? 6.38653   2.42760   -2.02851  1.000 11.14000 ? 110 PHE A CZ  1 
ATOM   858  N  N   . PHE A 1 111 ? 2.78955   1.05630   2.36097   1.000 12.53000 ? 111 PHE A N   1 
ATOM   859  C  CA  . PHE A 1 111 ? 3.36726   -0.05156  3.11935   1.000 9.98000  ? 111 PHE A CA  1 
ATOM   860  C  C   . PHE A 1 111 ? 2.44074   -1.25376  3.02424   1.000 12.77000 ? 111 PHE A C   1 
ATOM   861  O  O   . PHE A 1 111 ? 1.27603   -1.14151  2.62986   1.000 12.13000 ? 111 PHE A O   1 
ATOM   862  C  CB  . PHE A 1 111 ? 3.58709   0.35232   4.58621   1.000 13.11000 ? 111 PHE A CB  1 
ATOM   863  C  CG  . PHE A 1 111 ? 2.40041   1.06200   5.19640   1.000 10.81000 ? 111 PHE A CG  1 
ATOM   864  C  CD1 . PHE A 1 111 ? 1.37159   0.33451   5.78106   1.000 13.27000 ? 111 PHE A CD1 1 
ATOM   865  C  CD2 . PHE A 1 111 ? 2.30814   2.44777   5.15720   1.000 13.73000 ? 111 PHE A CD2 1 
ATOM   866  C  CE1 . PHE A 1 111 ? 0.26206   0.98408   6.32200   1.000 15.97000 ? 111 PHE A CE1 1 
ATOM   867  C  CE2 . PHE A 1 111 ? 1.20244   3.10150   5.69571   1.000 15.46000 ? 111 PHE A CE2 1 
ATOM   868  C  CZ  . PHE A 1 111 ? 0.19340   2.35939   6.28940   1.000 15.47000 ? 111 PHE A CZ  1 
ATOM   869  N  N   . CYS A 1 112 ? 2.97565   -2.41873  3.38923   1.000 12.45000 ? 112 CYS A N   1 
ATOM   870  C  CA  . CYS A 1 112 ? 2.18859   -3.63488  3.53032   1.000 10.89000 ? 112 CYS A CA  1 
ATOM   871  C  C   . CYS A 1 112 ? 1.92299   -3.84407  5.02124   1.000 11.09000 ? 112 CYS A C   1 
ATOM   872  O  O   . CYS A 1 112 ? 2.80529   -3.58906  5.85018   1.000 14.34000 ? 112 CYS A O   1 
ATOM   873  C  CB  . CYS A 1 112 ? 2.96503   -4.82245  2.95932   1.000 14.16000 ? 112 CYS A CB  1 
ATOM   874  S  SG  . CYS A 1 112 ? 2.20129   -6.39484  3.28605   1.000 11.98000 ? 112 CYS A SG  1 
ATOM   875  N  N   . THR A 1 113 ? 0.71292   -4.29931  5.37043   1.000 12.39000 ? 113 THR A N   1 
ATOM   876  C  CA  . THR A 1 113 ? 0.35637   -4.48473  6.77698   1.000 13.25000 ? 113 THR A CA  1 
ATOM   877  C  C   . THR A 1 113 ? 0.39062   -5.93986  7.22894   1.000 14.64000 ? 113 THR A C   1 
ATOM   878  O  O   . THR A 1 113 ? 0.04995   -6.22087  8.38399   1.000 17.77000 ? 113 THR A O   1 
ATOM   879  C  CB  . THR A 1 113 ? -0.99524  -3.84644  7.13111   1.000 15.32000 ? 113 THR A CB  1 
ATOM   880  O  OG1 . THR A 1 113 ? -2.04386  -4.47003  6.37783   1.000 14.76000 ? 113 THR A OG1 1 
ATOM   881  C  CG2 . THR A 1 113 ? -0.95534  -2.34460  6.89234   1.000 17.12000 ? 113 THR A CG2 1 
ATOM   882  N  N   . PHE A 1 114 ? 0.80509   -6.85803  6.37043   1.000 12.51000 ? 114 PHE A N   1 
ATOM   883  C  CA  . PHE A 1 114 ? 1.00338   -8.22423  6.81422   1.000 15.06000 ? 114 PHE A CA  1 
ATOM   884  C  C   . PHE A 1 114 ? 2.04514   -8.22800  7.93025   1.000 11.37000 ? 114 PHE A C   1 
ATOM   885  O  O   . PHE A 1 114 ? 3.04848   -7.50466  7.84295   1.000 13.95000 ? 114 PHE A O   1 
ATOM   886  C  CB  . PHE A 1 114 ? 1.49056   -9.07898  5.65305   1.000 13.89000 ? 114 PHE A CB  1 
ATOM   887  C  CG  . PHE A 1 114 ? 1.55962   -10.52779 5.97334   1.000 16.68000 ? 114 PHE A CG  1 
ATOM   888  C  CD1 . PHE A 1 114 ? 2.67799   -11.06817 6.60112   1.000 14.26000 ? 114 PHE A CD1 1 
ATOM   889  C  CD2 . PHE A 1 114 ? 0.49327   -11.35034 5.69482   1.000 13.52000 ? 114 PHE A CD2 1 
ATOM   890  C  CE1 . PHE A 1 114 ? 2.72249   -12.42676 6.89987   1.000 18.19000 ? 114 PHE A CE1 1 
ATOM   891  C  CE2 . PHE A 1 114 ? 0.52498   -12.69685 5.98954   1.000 15.25000 ? 114 PHE A CE2 1 
ATOM   892  C  CZ  . PHE A 1 114 ? 1.64158   -13.24033 6.60222   1.000 16.02000 ? 114 PHE A CZ  1 
ATOM   893  N  N   . PRO A 1 115 ? 1.84229   -9.02228  9.00441   1.000 15.22000 ? 115 PRO A N   1 
ATOM   894  C  CA  . PRO A 1 115 ? 2.74287   -8.95031  10.16764  1.000 17.58000 ? 115 PRO A CA  1 
ATOM   895  C  C   . PRO A 1 115 ? 4.22602   -8.87347  9.84003   1.000 12.21000 ? 115 PRO A C   1 
ATOM   896  O  O   . PRO A 1 115 ? 4.78535   -9.73796  9.15335   1.000 15.53000 ? 115 PRO A O   1 
ATOM   897  C  CB  . PRO A 1 115 ? 2.40025   -10.21853 10.95252  1.000 16.53000 ? 115 PRO A CB  1 
ATOM   898  C  CG  . PRO A 1 115 ? 0.91792   -10.39752 10.67351  1.000 18.02000 ? 115 PRO A CG  1 
ATOM   899  C  CD  . PRO A 1 115 ? 0.75312   -9.99877  9.21465   1.000 16.02000 ? 115 PRO A CD  1 
ATOM   900  N  N   . PHE A 1 116 ? 4.82331   -7.77280  10.28867  1.000 13.25000 ? 116 PHE A N   1 
ATOM   901  C  CA  . PHE A 1 116 ? 6.24807   -7.47120  10.30144  1.000 15.08000 ? 116 PHE A CA  1 
ATOM   902  C  C   . PHE A 1 116 ? 6.76642   -6.99684  8.94587   1.000 13.64000 ? 116 PHE A C   1 
ATOM   903  O  O   . PHE A 1 116 ? 7.87006   -6.45332  8.87863   1.000 12.99000 ? 116 PHE A O   1 
ATOM   904  C  CB  . PHE A 1 116 ? 7.10233   -8.62466  10.86088  1.000 19.57000 ? 116 PHE A CB  1 
ATOM   905  C  CG  . PHE A 1 116 ? 6.69339   -9.00196  12.25651  1.000 19.88000 ? 116 PHE A CG  1 
ATOM   906  C  CD1 . PHE A 1 116 ? 6.87644   -8.10927  13.30146  1.000 19.85000 ? 116 PHE A CD1 1 
ATOM   907  C  CD2 . PHE A 1 116 ? 6.00280   -10.17948 12.49399  1.000 18.84000 ? 116 PHE A CD2 1 
ATOM   908  C  CE1 . PHE A 1 116 ? 6.46237   -8.43034  14.59202  1.000 24.96000 ? 116 PHE A CE1 1 
ATOM   909  C  CE2 . PHE A 1 116 ? 5.58383   -10.50902 13.77667  1.000 23.95000 ? 116 PHE A CE2 1 
ATOM   910  C  CZ  . PHE A 1 116 ? 5.80535   -9.62963  14.81885  1.000 21.28000 ? 116 PHE A CZ  1 
ATOM   911  N  N   . HIS A 1 117 ? 5.99947   -7.14551  7.86466   1.000 12.08000 ? 117 HIS A N   1 
ATOM   912  C  CA  . HIS A 1 117 ? 6.54120   -6.81245  6.55270   1.000 11.23000 ? 117 HIS A CA  1 
ATOM   913  C  C   . HIS A 1 117 ? 6.90087   -5.34151  6.40385   1.000 10.49000 ? 117 HIS A C   1 
ATOM   914  O  O   . HIS A 1 117 ? 7.80919   -5.01374  5.62957   1.000 10.34000 ? 117 HIS A O   1 
ATOM   915  C  CB  . HIS A 1 117 ? 5.54318   -7.16155  5.44681   1.000 10.09000 ? 117 HIS A CB  1 
ATOM   916  C  CG  . HIS A 1 117 ? 5.44278   -8.62395  5.14915   1.000 14.06000 ? 117 HIS A CG  1 
ATOM   917  N  ND1 . HIS A 1 117 ? 4.65466   -9.12878  4.13244   1.000 8.16000  ? 117 HIS A ND1 1 
ATOM   918  C  CD2 . HIS A 1 117 ? 6.00302   -9.69772  5.75159   1.000 12.07000 ? 117 HIS A CD2 1 
ATOM   919  C  CE1 . HIS A 1 117 ? 4.76180   -10.44418 4.10428   1.000 10.62000 ? 117 HIS A CE1 1 
ATOM   920  N  NE2 . HIS A 1 117 ? 5.58077   -10.81362 5.07851   1.000 11.63000 ? 117 HIS A NE2 1 
ATOM   921  N  N   . SER A 1 118 ? 6.19429   -4.43694  7.09129   1.000 11.93000 ? 118 SER A N   1 
ATOM   922  C  CA  . SER A 1 118 ? 6.36526   -3.01368  6.80755   1.000 10.96000 ? 118 SER A CA  1 
ATOM   923  C  C   . SER A 1 118 ? 7.77030   -2.50899  7.12619   1.000 10.64000 ? 118 SER A C   1 
ATOM   924  O  O   . SER A 1 118 ? 8.15359   -1.44021  6.64086   1.000 12.02000 ? 118 SER A O   1 
ATOM   925  C  CB  . SER A 1 118 ? 5.32459   -2.18263  7.55356   1.000 13.16000 ? 118 SER A CB  1 
ATOM   926  O  OG  . SER A 1 118 ? 5.67700   -2.06368  8.92689   1.000 15.26000 ? 118 SER A OG  1 
ATOM   927  N  N   . ALA A 1 119 ? 8.56098   -3.25719  7.91376   1.000 12.05000 ? 119 ALA A N   1 
ATOM   928  C  CA  . ALA A 1 119 ? 9.91998   -2.81617  8.19540   1.000 10.60000 ? 119 ALA A CA  1 
ATOM   929  C  C   . ALA A 1 119 ? 10.74336  -2.69328  6.92018   1.000 10.39000 ? 119 ALA A C   1 
ATOM   930  O  O   . ALA A 1 119 ? 11.64553  -1.85516  6.83779   1.000 11.15000 ? 119 ALA A O   1 
ATOM   931  C  CB  . ALA A 1 119 ? 10.59065  -3.79131  9.17007   1.000 12.60000 ? 119 ALA A CB  1 
ATOM   932  N  N   . LEU A 1 120 ? 10.45455  -3.53031  5.92048   1.000 11.29000 ? 120 LEU A N   1 
ATOM   933  C  CA  . LEU A 1 120 ? 11.09263  -3.42026  4.61534   1.000 10.25000 ? 120 LEU A CA  1 
ATOM   934  C  C   . LEU A 1 120 ? 10.12090  -3.01759  3.51406   1.000 8.42000  ? 120 LEU A C   1 
ATOM   935  O  O   . LEU A 1 120 ? 10.52457  -2.31433  2.58820   1.000 12.33000 ? 120 LEU A O   1 
ATOM   936  C  CB  . LEU A 1 120 ? 11.78100  -4.74671  4.24687   1.000 10.42000 ? 120 LEU A CB  1 
ATOM   937  C  CG  . LEU A 1 120 ? 12.67971  -4.76240  3.01226   1.000 10.70000 ? 120 LEU A CG  1 
ATOM   938  C  CD1 . LEU A 1 120 ? 13.81498  -3.75223  3.14608   1.000 10.77000 ? 120 LEU A CD1 1 
ATOM   939  C  CD2 . LEU A 1 120 ? 13.23511  -6.16579  2.77876   1.000 11.36000 ? 120 LEU A CD2 1 
ATOM   940  N  N   . MET A 1 121 ? 8.85358   -3.43879  3.59794   1.000 10.10000 ? 121 MET A N   1 
ATOM   941  C  CA  . MET A 1 121 ? 7.83597   -3.14223  2.57226   1.000 9.70000  ? 121 MET A CA  1 
ATOM   942  C  C   . MET A 1 121 ? 7.15439   -1.81161  2.88620   1.000 10.00000 ? 121 MET A C   1 
ATOM   943  O  O   . MET A 1 121 ? 6.04822   -1.75287  3.43420   1.000 10.30000 ? 121 MET A O   1 
ATOM   944  C  CB  . MET A 1 121 ? 6.83576   -4.28621  2.47583   1.000 10.21000 ? 121 MET A CB  1 
ATOM   945  C  CG  . MET A 1 121 ? 7.48696   -5.63827  2.29973   1.000 11.06000 ? 121 MET A CG  1 
ATOM   946  S  SD  . MET A 1 121 ? 6.40143   -6.95509  1.70238   1.000 10.54000 ? 121 MET A SD  1 
ATOM   947  C  CE  . MET A 1 121 ? 5.76386   -6.25094  0.17269   1.000 8.53000  ? 121 MET A CE  1 
ATOM   948  N  N   . LYS A 1 122 ? 7.84235   -0.72902  2.53534   1.000 10.35000 ? 122 LYS A N   1 
ATOM   949  C  CA  . LYS A 1 122 ? 7.37056   0.62283   2.79893   1.000 11.41000 ? 122 LYS A CA  1 
ATOM   950  C  C   . LYS A 1 122 ? 8.09592   1.56905   1.85869   1.000 11.87000 ? 122 LYS A C   1 
ATOM   951  O  O   . LYS A 1 122 ? 9.15910   1.24900   1.31940   1.000 11.44000 ? 122 LYS A O   1 
ATOM   952  C  CB  . LYS A 1 122 ? 7.59558   1.04194   4.26471   1.000 11.12000 ? 122 LYS A CB  1 
ATOM   953  C  CG  . LYS A 1 122 ? 9.07397   1.08078   4.67000   1.000 9.85000  ? 122 LYS A CG  1 
ATOM   954  C  CD  . LYS A 1 122 ? 9.27658   1.87515   5.93770   1.000 19.09000 ? 122 LYS A CD  1 
ATOM   955  C  CE  . LYS A 1 122 ? 10.76786  2.04659   6.23641   1.000 19.75000 ? 122 LYS A CE  1 
ATOM   956  N  NZ  . LYS A 1 122 ? 11.25052  3.44205   6.01623   1.000 23.06000 ? 122 LYS A NZ  1 
ATOM   957  N  N   . GLY A 1 123 ? 7.50325   2.74268   1.66337   1.000 11.25000 ? 123 GLY A N   1 
ATOM   958  C  CA  . GLY A 1 123 ? 8.15617   3.76213   0.87167   1.000 9.65000  ? 123 GLY A CA  1 
ATOM   959  C  C   . GLY A 1 123 ? 7.35126   5.03502   0.95854   1.000 12.56000 ? 123 GLY A C   1 
ATOM   960  O  O   . GLY A 1 123 ? 6.32656   5.10108   1.63912   1.000 12.83000 ? 123 GLY A O   1 
ATOM   961  N  N   . THR A 1 124 ? 7.83477   6.03729   0.25496   1.000 11.80000 ? 124 THR A N   1 
ATOM   962  C  CA  . THR A 1 124 ? 7.20754   7.34901   0.26358   1.000 14.93000 ? 124 THR A CA  1 
ATOM   963  C  C   . THR A 1 124 ? 6.28927   7.50194   -0.94071  1.000 16.86000 ? 124 THR A C   1 
ATOM   964  O  O   . THR A 1 124 ? 6.50319   6.89910   -1.99951  1.000 13.45000 ? 124 THR A O   1 
ATOM   965  C  CB  . THR A 1 124 ? 8.27825   8.43686   0.23565   1.000 12.86000 ? 124 THR A CB  1 
ATOM   966  O  OG1 . THR A 1 124 ? 9.06658   8.29031   -0.95406  1.000 13.66000 ? 124 THR A OG1 1 
ATOM   967  C  CG2 . THR A 1 124 ? 9.16748   8.32963   1.47241   1.000 16.76000 ? 124 THR A CG2 1 
ATOM   968  N  N   . LEU A 1 125 ? 5.24148   8.30592   -0.76411  1.000 14.63000 ? 125 LEU A N   1 
ATOM   969  C  CA  . LEU A 1 125 ? 4.41218   8.73227   -1.88623  1.000 15.20000 ? 125 LEU A CA  1 
ATOM   970  C  C   . LEU A 1 125 ? 4.29191   10.24771  -1.81731  1.000 17.74000 ? 125 LEU A C   1 
ATOM   971  O  O   . LEU A 1 125 ? 4.00646   10.80156  -0.75013  1.000 18.93000 ? 125 LEU A O   1 
ATOM   972  C  CB  . LEU A 1 125 ? 3.03177   8.05391   -1.89145  1.000 15.63000 ? 125 LEU A CB  1 
ATOM   973  C  CG  . LEU A 1 125 ? 2.11620   8.38088   -3.09346  1.000 12.67000 ? 125 LEU A CG  1 
ATOM   974  C  CD1 . LEU A 1 125 ? 1.29607   7.17274   -3.51661  1.000 15.31000 ? 125 LEU A CD1 1 
ATOM   975  C  CD2 . LEU A 1 125 ? 1.19336   9.55997   -2.77474  1.000 16.33000 ? 125 LEU A CD2 1 
ATOM   976  N  N   . THR A 1 126 ? 4.53469   10.91365  -2.94434  1.000 20.86000 ? 126 THR A N   1 
ATOM   977  C  CA  . THR A 1 126 ? 4.61420   12.36721  -2.95484  1.000 22.53000 ? 126 THR A CA  1 
ATOM   978  C  C   . THR A 1 126 ? 3.97178   12.92594  -4.21567  1.000 20.42000 ? 126 THR A C   1 
ATOM   979  O  O   . THR A 1 126 ? 4.08402   12.34038  -5.29681  1.000 19.82000 ? 126 THR A O   1 
ATOM   980  C  CB  . THR A 1 126 ? 6.07637   12.81633  -2.88805  1.000 26.62000 ? 126 THR A CB  1 
ATOM   981  O  OG1 . THR A 1 126 ? 6.75166   12.05692  -1.87899  1.000 30.50000 ? 126 THR A OG1 1 
ATOM   982  C  CG2 . THR A 1 126 ? 6.16845   14.29605  -2.53479  1.000 35.14000 ? 126 THR A CG2 1 
ATOM   983  N  N   . LEU A 1 127 ? 3.29275   14.05712  -4.06185  1.000 22.11000 ? 127 LEU A N   1 
ATOM   984  C  CA  . LEU A 1 127 ? 2.82794   14.81906  -5.20691  1.000 26.86000 ? 127 LEU A CA  1 
ATOM   985  C  C   . LEU A 1 127 ? 3.98351   15.63012  -5.77852  1.000 36.46000 ? 127 LEU A C   1 
ATOM   986  O  O   . LEU A 1 127 ? 4.90869   16.02801  -5.06153  1.000 37.80000 ? 127 LEU A O   1 
ATOM   987  C  CB  . LEU A 1 127 ? 1.72184   15.77927  -4.77768  1.000 25.89000 ? 127 LEU A CB  1 
ATOM   988  C  CG  . LEU A 1 127 ? 0.28671   15.24626  -4.75919  1.000 30.64000 ? 127 LEU A CG  1 
ATOM   989  C  CD1 . LEU A 1 127 ? -0.61689  16.23309  -4.03781  1.000 41.69000 ? 127 LEU A CD1 1 
ATOM   990  C  CD2 . LEU A 1 127 ? -0.22636  14.98111  -6.16536  1.000 28.98000 ? 127 LEU A CD2 1 
ATOM   991  N  N   . LYS A 1 128 ? 3.93516   15.86479  -7.08384  1.000 29.29000 ? 128 LYS A N   1 
ATOM   992  C  CA  . LYS A 1 128 ? 4.90506   16.76001  -7.70437  1.000 37.14000 ? 128 LYS A CA  1 
ATOM   993  C  C   . LYS A 1 128 ? 4.33942   17.36529  -8.97893  1.000 36.74000 ? 128 LYS A C   1 
ATOM   994  O  O   . LYS A 1 128 ? 3.50078   16.76082  -9.65830  1.000 31.01000 ? 128 LYS A O   1 
ATOM   995  C  CB  . LYS A 1 128 ? 6.22491   16.03929  -7.99774  1.000 39.22000 ? 128 LYS A CB  1 
ATOM   996  C  CG  . LYS A 1 128 ? 6.18657   15.13271  -9.21858  1.000 40.86000 ? 128 LYS A CG  1 
ATOM   997  C  CD  . LYS A 1 128 ? 6.63883   15.79529  -10.51920 1.000 50.53000 ? 128 LYS A CD  1 
ATOM   998  C  CE  . LYS A 1 128 ? 6.84729   14.75464  -11.60727 1.000 50.15000 ? 128 LYS A CE  1 
ATOM   999  N  NZ  . LYS A 1 128 ? 7.51503   15.31842  -12.81517 1.000 59.50000 ? 128 LYS A NZ  1 
ATOM   1000 O  OXT . LYS A 1 128 ? 4.74277   18.46464  -9.35428  1.000 35.97000 ? 128 LYS A OXT 1 
HETATM 1001 C  C   . TRS B 2 .   ? -11.12161 0.06029   5.43818   1.000 25.80000 ? 201 TRS A C   1 
HETATM 1002 C  C1  . TRS B 2 .   ? -12.21928 0.97067   5.97674   1.000 32.57000 ? 201 TRS A C1  1 
HETATM 1003 C  C2  . TRS B 2 .   ? -10.72003 -0.97360  6.48995   1.000 26.39000 ? 201 TRS A C2  1 
HETATM 1004 C  C3  . TRS B 2 .   ? -9.89898  0.86434   4.99995   1.000 23.35000 ? 201 TRS A C3  1 
HETATM 1005 N  N   . TRS B 2 .   ? -11.69750 -0.66038  4.30885   1.000 21.44000 ? 201 TRS A N   1 
HETATM 1006 O  O1  . TRS B 2 .   ? -13.32752 0.15309   6.27990   1.000 31.43000 ? 201 TRS A O1  1 
HETATM 1007 O  O2  . TRS B 2 .   ? -10.28625 -0.29508  7.64228   1.000 29.26000 ? 201 TRS A O2  1 
HETATM 1008 O  O3  . TRS B 2 .   ? -10.19328 1.68987   3.89041   1.000 28.32000 ? 201 TRS A O3  1 
HETATM 1009 CU CU  . CU  C 3 .   ? 3.66910   -8.03211  2.73433   0.960 11.25000 ? 202 CU  A CU  1 
HETATM 1010 CU CU  A CU  D 3 .   ? -2.89772  13.40045  -17.52658 0.450 23.48000 ? 203 CU  A CU  1 
HETATM 1011 CU CU  B CU  D 3 .   ? -0.98260  12.76823  -17.85966 0.550 22.45000 ? 203 CU  A CU  1 
HETATM 1012 CL CL  . CL  E 4 .   ? 11.48922  5.36058   3.13472   0.50  41.48000 ? 204 CL  A CL  1 
HETATM 1013 O  O   . HOH F 5 .   ? 2.84101   22.62733  -4.19707  1.000 55.60000 ? 301 HOH A O   1 
HETATM 1014 O  O   . HOH F 5 .   ? -8.12614  -13.28832 11.42671  1.000 37.92000 ? 302 HOH A O   1 
HETATM 1015 O  O   . HOH F 5 .   ? -2.71237  15.81227  6.37261   1.000 43.65000 ? 303 HOH A O   1 
HETATM 1016 O  O   . HOH F 5 .   ? 12.55271  -14.68144 -5.41838  1.000 31.46000 ? 304 HOH A O   1 
HETATM 1017 O  O   . HOH F 5 .   ? 0.69981   1.31588   -14.62088 1.000 30.36000 ? 305 HOH A O   1 
HETATM 1018 O  O   . HOH F 5 .   ? -18.65860 -1.19906  10.65707  1.000 34.12000 ? 306 HOH A O   1 
HETATM 1019 O  O   . HOH F 5 .   ? -7.82158  16.54905  -8.66659  1.000 37.28000 ? 307 HOH A O   1 
HETATM 1020 O  O   . HOH F 5 .   ? 2.06598   10.17358  -11.72808 1.000 21.22000 ? 308 HOH A O   1 
HETATM 1021 O  O   . HOH F 5 .   ? 0.36369   -12.00258 -9.57303  1.000 24.83000 ? 309 HOH A O   1 
HETATM 1022 O  O   . HOH F 5 .   ? -3.67656  14.57624  3.70892   1.000 40.35000 ? 310 HOH A O   1 
HETATM 1023 O  O   . HOH F 5 .   ? 3.72887   20.01880  -11.17720 1.000 41.49000 ? 311 HOH A O   1 
HETATM 1024 O  O   . HOH F 5 .   ? -1.85866  -15.26855 8.13999   1.000 23.94000 ? 312 HOH A O   1 
HETATM 1025 O  O   . HOH F 5 .   ? -0.29147  -5.21405  16.55586  1.000 30.51000 ? 313 HOH A O   1 
HETATM 1026 O  O   . HOH F 5 .   ? -8.71672  -2.87800  -4.60007  1.000 23.15000 ? 314 HOH A O   1 
HETATM 1027 O  O   . HOH F 5 .   ? 4.21334   5.03296   -13.18143 1.000 37.36000 ? 315 HOH A O   1 
HETATM 1028 O  O   . HOH F 5 .   ? 1.89795   -5.52180  -10.75901 1.000 14.03000 ? 316 HOH A O   1 
HETATM 1029 O  O   . HOH F 5 .   ? -5.11528  -5.85419  -11.21064 1.000 21.13000 ? 317 HOH A O   1 
HETATM 1030 O  O   . HOH F 5 .   ? -7.01398  12.45119  2.61391   1.000 33.63000 ? 318 HOH A O   1 
HETATM 1031 O  O   . HOH F 5 .   ? -5.18686  17.02097  -15.72259 1.000 24.19000 ? 319 HOH A O   1 
HETATM 1032 O  O   . HOH F 5 .   ? 5.67280   -4.18028  10.54984  1.000 23.47000 ? 320 HOH A O   1 
HETATM 1033 O  O   . HOH F 5 .   ? -2.86218  -17.91603 -7.40004  1.000 30.82000 ? 321 HOH A O   1 
HETATM 1034 O  O   . HOH F 5 .   ? -7.35061  -11.54479 1.01093   1.000 28.48000 ? 322 HOH A O   1 
HETATM 1035 O  O   . HOH F 5 .   ? -2.10895  -16.59896 -11.36814 1.000 46.71000 ? 323 HOH A O   1 
HETATM 1036 O  O   . HOH F 5 .   ? 6.90810   -0.50821  -8.82455  1.000 30.75000 ? 324 HOH A O   1 
HETATM 1037 O  O   . HOH F 5 .   ? 13.93015  5.36863   -4.85174  1.000 19.30000 ? 325 HOH A O   1 
HETATM 1038 O  O   . HOH F 5 .   ? -10.35509 4.30781   5.31744   1.000 34.38000 ? 326 HOH A O   1 
HETATM 1039 O  O   . HOH F 5 .   ? -2.23320  -17.55019 -3.79312  1.000 31.53000 ? 327 HOH A O   1 
HETATM 1040 O  O   . HOH F 5 .   ? 3.71427   -9.37067  -11.74026 1.000 25.28000 ? 328 HOH A O   1 
HETATM 1041 O  O   . HOH F 5 .   ? 7.13001   -0.15189  10.13371  1.000 24.64000 ? 329 HOH A O   1 
HETATM 1042 O  O   . HOH F 5 .   ? 14.60286  -6.62994  -4.67467  1.000 29.13000 ? 330 HOH A O   1 
HETATM 1043 O  O   . HOH F 5 .   ? 8.75280   -8.87434  -7.39067  1.000 12.32000 ? 331 HOH A O   1 
HETATM 1044 O  O   . HOH F 5 .   ? -1.36925  13.44229  -15.54163 1.000 25.09000 ? 332 HOH A O   1 
HETATM 1045 O  O   . HOH F 5 .   ? -3.59362  9.09511   7.05895   1.000 24.52000 ? 333 HOH A O   1 
HETATM 1046 O  O   . HOH F 5 .   ? 9.90036   -16.81576 -5.13035  1.000 33.96000 ? 334 HOH A O   1 
HETATM 1047 O  O   . HOH F 5 .   ? -15.64365 1.58626   6.46039   1.000 26.28000 ? 335 HOH A O   1 
HETATM 1048 O  O   . HOH F 5 .   ? 1.73441   18.73542  -12.78138 1.000 27.76000 ? 336 HOH A O   1 
HETATM 1049 O  O   . HOH F 5 .   ? 3.80551   6.57259   12.00102  1.000 22.07000 ? 337 HOH A O   1 
HETATM 1050 O  O   . HOH F 5 .   ? 3.76498   16.67223  -15.86801 1.000 26.80000 ? 338 HOH A O   1 
HETATM 1051 O  O   . HOH F 5 .   ? -5.80797  -1.11555  -13.58519 1.000 28.46000 ? 339 HOH A O   1 
HETATM 1052 O  O   . HOH F 5 .   ? -6.51781  -12.53987 -1.98308  1.000 22.95000 ? 340 HOH A O   1 
HETATM 1053 O  O   . HOH F 5 .   ? 7.80333   9.77594   -2.97634  1.000 20.08000 ? 341 HOH A O   1 
HETATM 1054 O  O   . HOH F 5 .   ? 3.60781   -4.79874  8.17707   1.000 13.50000 ? 342 HOH A O   1 
HETATM 1055 O  O   . HOH F 5 .   ? -11.73043 6.92770   -10.64525 1.000 48.71000 ? 343 HOH A O   1 
HETATM 1056 O  O   . HOH F 5 .   ? 11.77392  8.77084   -0.85437  1.000 18.87000 ? 344 HOH A O   1 
HETATM 1057 O  O   . HOH F 5 .   ? -8.31343  -8.68695  -7.21877  1.000 25.41000 ? 345 HOH A O   1 
HETATM 1058 O  O   . HOH F 5 .   ? 12.25649  -0.27415  1.92211   1.000 24.33000 ? 346 HOH A O   1 
HETATM 1059 O  O   . HOH F 5 .   ? -12.26543 -15.11886 11.99145  1.000 41.19000 ? 347 HOH A O   1 
HETATM 1060 O  O   . HOH F 5 .   ? 5.33166   12.98702  -13.76634 1.000 43.68000 ? 348 HOH A O   1 
HETATM 1061 O  O   . HOH F 5 .   ? -8.26279  0.22995   -9.85295  1.000 26.56000 ? 349 HOH A O   1 
HETATM 1062 O  O   . HOH F 5 .   ? -3.31976  3.52714   16.64657  1.000 35.71000 ? 350 HOH A O   1 
HETATM 1063 O  O   . HOH F 5 .   ? -7.50033  -10.47648 -10.35707 1.000 29.88000 ? 351 HOH A O   1 
HETATM 1064 O  O   . HOH F 5 .   ? 9.64432   -6.29968  11.00271  1.000 14.74000 ? 352 HOH A O   1 
HETATM 1065 O  O   . HOH F 5 .   ? 0.35070   -2.36480  -16.84641 1.000 41.84000 ? 353 HOH A O   1 
HETATM 1066 O  O   . HOH F 5 .   ? 1.24039   17.03452  -16.55721 1.000 25.02000 ? 354 HOH A O   1 
HETATM 1067 O  O   . HOH F 5 .   ? 9.30077   7.76032   -7.72625  1.000 39.60000 ? 355 HOH A O   1 
HETATM 1068 O  O   . HOH F 5 .   ? 1.18557   -21.04376 -3.16917  1.000 33.57000 ? 356 HOH A O   1 
HETATM 1069 O  O   . HOH F 5 .   ? -10.84482 7.60979   -8.21836  1.000 37.61000 ? 357 HOH A O   1 
HETATM 1070 O  O   . HOH F 5 .   ? -5.33680  6.43370   -13.51249 1.000 31.42000 ? 358 HOH A O   1 
HETATM 1071 O  O   . HOH F 5 .   ? 8.68689   13.27625  -0.28642  1.000 33.87000 ? 359 HOH A O   1 
HETATM 1072 O  O   . HOH F 5 .   ? 9.49302   -0.66724  -0.73244  1.000 12.28000 ? 360 HOH A O   1 
HETATM 1073 O  O   . HOH F 5 .   ? -2.95401  -12.66282 -11.35429 1.000 35.16000 ? 361 HOH A O   1 
HETATM 1074 O  O   . HOH F 5 .   ? 10.12025  -0.94803  -9.98874  1.000 21.23000 ? 362 HOH A O   1 
HETATM 1075 O  O   . HOH F 5 .   ? 0.28053   6.22782   13.99756  1.000 31.50000 ? 363 HOH A O   1 
HETATM 1076 O  O   . HOH F 5 .   ? 6.10383   -13.39448 6.05405   1.000 14.71000 ? 364 HOH A O   1 
HETATM 1077 O  O   . HOH F 5 .   ? -7.71211  -12.86911 -6.20845  1.000 31.68000 ? 365 HOH A O   1 
HETATM 1078 O  O   . HOH F 5 .   ? 9.69828   -14.10947 -4.91508  1.000 17.48000 ? 366 HOH A O   1 
HETATM 1079 O  O   . HOH F 5 .   ? -6.27496  11.90424  -14.34991 1.000 31.58000 ? 367 HOH A O   1 
HETATM 1080 O  O   . HOH F 5 .   ? 10.52302  -3.07069  -0.13870  1.000 10.79000 ? 368 HOH A O   1 
HETATM 1081 O  O   . HOH F 5 .   ? -8.80906  14.56002  -7.85343  1.000 32.62000 ? 369 HOH A O   1 
HETATM 1082 O  O   . HOH F 5 .   ? 3.03476   15.29381  -1.30279  1.000 42.62000 ? 370 HOH A O   1 
HETATM 1083 O  O   . HOH F 5 .   ? -1.99838  12.38837  10.09437  1.000 35.89000 ? 371 HOH A O   1 
HETATM 1084 O  O   . HOH F 5 .   ? -1.33951  -19.59078 8.56406   1.000 29.36000 ? 372 HOH A O   1 
HETATM 1085 O  O   . HOH F 5 .   ? -9.89926  5.88286   -1.39863  1.000 34.73000 ? 373 HOH A O   1 
HETATM 1086 O  O   . HOH F 5 .   ? 4.61104   10.14096  -16.04925 1.000 31.22000 ? 374 HOH A O   1 
HETATM 1087 O  O   . HOH F 5 .   ? 4.76146   0.90995   -13.29248 1.000 23.52000 ? 375 HOH A O   1 
HETATM 1088 O  O   . HOH F 5 .   ? -5.38596  16.65562  -8.77671  1.000 35.55000 ? 376 HOH A O   1 
HETATM 1089 O  O   . HOH F 5 .   ? -9.91313  2.52873   -12.27619 1.000 37.32000 ? 377 HOH A O   1 
HETATM 1090 O  O   . HOH F 5 .   ? 9.39691   -19.31962 -2.24059  1.000 31.05000 ? 378 HOH A O   1 
HETATM 1091 O  O   . HOH F 5 .   ? 5.42078   -12.51493 8.84870   1.000 25.91000 ? 379 HOH A O   1 
HETATM 1092 O  O   . HOH F 5 .   ? -9.80725  -9.37625  14.10759  1.000 43.78000 ? 380 HOH A O   1 
HETATM 1093 O  O   . HOH F 5 .   ? -10.95876 11.45650  -10.30944 1.000 38.25000 ? 381 HOH A O   1 
HETATM 1094 O  O   . HOH F 5 .   ? -5.34384  -0.89482  10.27685  1.000 22.58000 ? 382 HOH A O   1 
HETATM 1095 O  O   . HOH F 5 .   ? -10.88608 4.73122   12.34502  1.000 38.65000 ? 383 HOH A O   1 
HETATM 1096 O  O   . HOH F 5 .   ? -10.69387 8.17425   -3.67723  1.000 32.93000 ? 384 HOH A O   1 
HETATM 1097 O  O   . HOH F 5 .   ? -7.47604  3.49498   15.97455  1.000 43.15000 ? 385 HOH A O   1 
HETATM 1098 O  O   . HOH F 5 .   ? 2.26902   12.78969  8.49283   1.000 31.96000 ? 386 HOH A O   1 
HETATM 1099 O  O   . HOH F 5 .   ? -2.76137  -17.31991 -1.42583  1.000 23.09000 ? 387 HOH A O   1 
HETATM 1100 O  O   . HOH F 5 .   ? -10.53909 -6.28507  -4.55696  1.000 31.65000 ? 388 HOH A O   1 
HETATM 1101 O  O   . HOH F 5 .   ? 5.79050   -15.60307 -11.05021 1.000 32.65000 ? 389 HOH A O   1 
HETATM 1102 O  O   . HOH F 5 .   ? 16.11540  -9.67031  -5.44336  1.000 17.34000 ? 390 HOH A O   1 
HETATM 1103 O  O   . HOH F 5 .   ? -6.12880  -17.51242 -5.92318  1.000 38.94000 ? 391 HOH A O   1 
HETATM 1104 O  O   . HOH F 5 .   ? 3.43851   23.39049  -8.21766  1.000 45.88000 ? 392 HOH A O   1 
HETATM 1105 O  O   . HOH F 5 .   ? 17.80599  -7.61587  -2.31356  1.000 31.95000 ? 393 HOH A O   1 
HETATM 1106 O  O   . HOH F 5 .   ? -12.77875 -13.33832 5.96464   1.000 43.68000 ? 394 HOH A O   1 
HETATM 1107 O  O   . HOH F 5 .   ? 8.56909   -8.91435  -13.08437 1.000 22.38000 ? 395 HOH A O   1 
HETATM 1108 O  O   . HOH F 5 .   ? 7.48159   4.08961   -8.34233  1.000 24.12000 ? 396 HOH A O   1 
HETATM 1109 O  O   . HOH F 5 .   ? -5.68991  -5.08699  2.67618   1.000 26.06000 ? 397 HOH A O   1 
HETATM 1110 O  O   . HOH F 5 .   ? -11.18754 -8.83947  -5.35708  1.000 30.68000 ? 398 HOH A O   1 
HETATM 1111 O  O   . HOH F 5 .   ? 2.13558   15.54341  -19.36786 1.000 23.56000 ? 399 HOH A O   1 
HETATM 1112 O  O   . HOH F 5 .   ? -10.40242 1.04247   -6.78672  1.000 23.02000 ? 400 HOH A O   1 
HETATM 1113 O  O   . HOH F 5 .   ? -5.19280  -10.50302 17.50090  1.000 35.50000 ? 401 HOH A O   1 
HETATM 1114 O  O   . HOH F 5 .   ? 6.58460   -1.27020  -12.56646 1.000 39.70000 ? 402 HOH A O   1 
HETATM 1115 O  O   . HOH F 5 .   ? -8.53816  -5.19965  -9.12213  1.000 25.61000 ? 403 HOH A O   1 
HETATM 1116 O  O   . HOH F 5 .   ? -10.66273 -4.92809  7.23884   1.000 35.56000 ? 404 HOH A O   1 
HETATM 1117 O  O   . HOH F 5 .   ? -2.64650  -5.54787  -10.45989 1.000 16.17000 ? 405 HOH A O   1 
HETATM 1118 O  O   . HOH F 5 .   ? 6.52395   6.57749   -9.09877  1.000 22.74000 ? 406 HOH A O   1 
HETATM 1119 O  O   . HOH F 5 .   ? -9.33062  -15.68895 1.73029   1.000 43.94000 ? 407 HOH A O   1 
HETATM 1120 O  O   . HOH F 5 .   ? 3.31739   -16.18020 -9.17827  1.000 24.38000 ? 408 HOH A O   1 
HETATM 1121 O  O   . HOH F 5 .   ? 4.48553   -15.94450 7.96827   1.000 28.28000 ? 409 HOH A O   1 
HETATM 1122 O  O   . HOH F 5 .   ? -4.07746  -3.13584  17.88826  1.000 41.69000 ? 410 HOH A O   1 
HETATM 1123 O  O   . HOH F 5 .   ? 9.30361   -7.06624  -5.37620  1.000 12.80000 ? 411 HOH A O   1 
HETATM 1124 O  O   . HOH F 5 .   ? -7.60009  9.83141   5.97833   1.000 43.87000 ? 412 HOH A O   1 
HETATM 1125 O  O   . HOH F 5 .   ? -6.17679  -12.17846 -8.40474  1.000 18.52000 ? 413 HOH A O   1 
HETATM 1126 O  O   . HOH F 5 .   ? -5.00787  -14.87526 11.22075  1.000 27.97000 ? 414 HOH A O   1 
HETATM 1127 O  O   . HOH F 5 .   ? 6.48695   3.33604   11.08546  1.000 35.27000 ? 415 HOH A O   1 
HETATM 1128 O  O   . HOH F 5 .   ? -8.31095  -13.34695 3.46916   1.000 35.21000 ? 416 HOH A O   1 
HETATM 1129 O  O   . HOH F 5 .   ? 3.83472   -4.98480  -14.99351 1.000 33.34000 ? 417 HOH A O   1 
HETATM 1130 O  O   . HOH F 5 .   ? 9.13697   -13.82597 -7.65755  1.000 27.70000 ? 418 HOH A O   1 
HETATM 1131 O  O   . HOH F 5 .   ? -10.24975 -1.21158  -8.60167  1.000 30.38000 ? 419 HOH A O   1 
HETATM 1132 O  O   . HOH F 5 .   ? -9.92948  3.98702   -3.08789  1.000 32.82000 ? 420 HOH A O   1 
HETATM 1133 O  O   . HOH F 5 .   ? 1.43789   2.04019   17.13662  1.000 45.02000 ? 421 HOH A O   1 
HETATM 1134 O  O   . HOH F 5 .   ? -3.74274  1.14971   -14.55653 1.000 24.84000 ? 422 HOH A O   1 
HETATM 1135 O  O   . HOH F 5 .   ? -14.12656 -2.72555  7.17518   1.000 30.42000 ? 423 HOH A O   1 
HETATM 1136 O  O   . HOH F 5 .   ? 13.80491  -0.15979  -0.21570  1.000 28.82000 ? 424 HOH A O   1 
HETATM 1137 O  O   . HOH F 5 .   ? 4.14893   -5.64446  -12.24187 1.000 20.04000 ? 425 HOH A O   1 
HETATM 1138 O  O   . HOH F 5 .   ? -5.12235  13.69591  -15.90543 1.000 29.21000 ? 426 HOH A O   1 
HETATM 1139 O  O   . HOH F 5 .   ? -2.58833  18.01278  -7.14780  1.000 48.91000 ? 427 HOH A O   1 
HETATM 1140 O  O   . HOH F 5 .   ? 6.88279   11.31850  2.43726   1.000 24.57000 ? 428 HOH A O   1 
HETATM 1141 O  O   . HOH F 5 .   ? 7.83068   -0.28698  -10.80801 1.000 35.80000 ? 429 HOH A O   1 
HETATM 1142 O  O   . HOH F 5 .   ? -7.80493  -15.57512 10.05625  1.000 26.28000 ? 430 HOH A O   1 
HETATM 1143 O  O   . HOH F 5 .   ? 3.70758   7.44978   14.56075  1.000 37.44000 ? 431 HOH A O   1 
HETATM 1144 O  O   . HOH F 5 .   ? 12.03883  -6.73737  -5.36203  1.000 16.43000 ? 432 HOH A O   1 
HETATM 1145 O  O   . HOH F 5 .   ? 11.90903  2.12853   3.07044   1.000 27.02000 ? 433 HOH A O   1 
HETATM 1146 O  O   . HOH F 5 .   ? 5.24840   -2.62912  13.31819  1.000 33.64000 ? 434 HOH A O   1 
HETATM 1147 O  O   . HOH F 5 .   ? -4.38883  17.57099  -5.14030  1.000 46.34000 ? 435 HOH A O   1 
HETATM 1148 O  O   . HOH F 5 .   ? -7.79441  -7.20193  17.41646  1.000 45.76000 ? 436 HOH A O   1 
HETATM 1149 O  O   . HOH F 5 .   ? 2.02036   -14.31399 -10.50651 1.000 28.48000 ? 437 HOH A O   1 
HETATM 1150 O  O   . HOH F 5 .   ? 5.83981   -10.71652 -12.96434 1.000 38.69000 ? 438 HOH A O   1 
HETATM 1151 O  O   . HOH F 5 .   ? 13.12552  -3.71293  -1.27544  1.000 24.01000 ? 439 HOH A O   1 
HETATM 1152 O  O   . HOH F 5 .   ? -8.81825  2.84534   -14.18406 1.000 47.44000 ? 440 HOH A O   1 
HETATM 1153 O  O   . HOH F 5 .   ? -9.46912  -12.61000 -1.76948  1.000 40.75000 ? 441 HOH A O   1 
HETATM 1154 O  O   . HOH F 5 .   ? -7.39242  -7.45862  -10.50178 1.000 28.28000 ? 442 HOH A O   1 
HETATM 1155 O  O   . HOH F 5 .   ? 5.71260   11.16584  11.18509  1.000 33.27000 ? 443 HOH A O   1 
HETATM 1156 O  O   . HOH F 5 .   ? -12.16487 17.27301  -8.75619  1.000 44.12000 ? 444 HOH A O   1 
HETATM 1157 O  O   . HOH F 5 .   ? 8.95664   11.17661  3.80252   1.000 28.95000 ? 445 HOH A O   1 
HETATM 1158 O  O   . HOH F 5 .   ? -5.20747  13.02986  4.27627   1.000 42.87000 ? 446 HOH A O   1 
HETATM 1159 O  O   . HOH F 5 .   ? 8.29560   -4.47935  12.24548  1.000 25.37000 ? 447 HOH A O   1 
HETATM 1160 O  O   . HOH F 5 .   ? 4.70603   8.10830   -13.82588 1.000 47.32000 ? 448 HOH A O   1 
HETATM 1161 O  O   . HOH F 5 .   ? -9.15759  -4.05334  -11.68035 1.000 37.45000 ? 449 HOH A O   1 
HETATM 1162 O  O   . HOH F 5 .   ? 6.55549   5.75742   10.49011  1.000 38.92000 ? 450 HOH A O   1 
HETATM 1163 O  O   . HOH F 5 .   ? -0.43596  -6.14850  -12.15328 1.000 22.96000 ? 451 HOH A O   1 
HETATM 1164 O  O   . HOH F 5 .   ? -0.05010  -8.65027  -13.07349 1.000 28.25000 ? 452 HOH A O   1 
HETATM 1165 O  O   . HOH F 5 .   ? -5.57530  10.71438  6.30722   1.000 28.07000 ? 453 HOH A O   1 
HETATM 1166 O  O   . HOH F 5 .   ? 3.10086   1.50175   -15.50331 1.000 38.56000 ? 454 HOH A O   1 
HETATM 1167 O  O   . HOH F 5 .   ? -9.47237  -15.73011 12.36887  1.000 35.91000 ? 455 HOH A O   1 
HETATM 1168 O  O   . HOH F 5 .   ? 2.08596   0.74364   -17.37109 1.000 44.93000 ? 456 HOH A O   1 
HETATM 1169 O  O   . HOH F 5 .   ? 8.57733   -1.09468  11.62580  1.000 42.26000 ? 457 HOH A O   1 
HETATM 1170 O  O   . HOH F 5 .   ? 10.12435  -14.90340 -10.05043 1.000 33.98000 ? 458 HOH A O   1 
HETATM 1171 O  O   . HOH F 5 .   ? 3.18836   -8.01510  -14.02085 1.000 41.34000 ? 459 HOH A O   1 
HETATM 1172 O  O   . HOH F 5 .   ? 9.14326   11.90534  1.55610   1.000 31.46000 ? 460 HOH A O   1 
HETATM 1173 O  O   . HOH F 5 .   ? -5.85838  -3.76329  -14.80846 1.000 46.04000 ? 461 HOH A O   1 
HETATM 1174 O  O   . HOH F 5 .   ? -4.82235  -5.81976  -14.02760 1.000 40.79000 ? 462 HOH A O   1 
HETATM 1175 O  O   . HOH F 5 .   ? -8.32238  -16.11847 4.16380   1.000 39.29000 ? 463 HOH A O   1 
HETATM 1176 O  O   . HOH F 5 .   ? -3.08771  -20.41094 -5.40096  1.000 44.48000 ? 464 HOH A O   1 
HETATM 1177 O  O   . HOH F 5 .   ? -0.82254  -20.59443 -4.02582  1.000 42.16000 ? 465 HOH A O   1 
HETATM 1178 O  O   . HOH F 5 .   ? -0.51650  -11.48756 -12.11112 1.000 30.91000 ? 466 HOH A O   1 
HETATM 1179 O  O   . HOH F 5 .   ? -19.87493 -0.38917  13.18263  1.000 44.86000 ? 467 HOH A O   1 
HETATM 1180 O  O   . HOH F 5 .   ? 8.38831   -16.60379 -11.93461 1.000 40.83000 ? 468 HOH A O   1 
HETATM 1181 O  O   . HOH F 5 .   ? 12.74480  9.69769   -3.17211  1.000 32.68000 ? 469 HOH A O   1 
HETATM 1182 O  O   . HOH F 5 .   ? -5.20284  -18.12531 -0.54192  1.000 32.49000 ? 470 HOH A O   1 
HETATM 1183 O  O   . HOH F 5 .   ? -12.50999 4.21878   -10.18445 1.000 47.04000 ? 471 HOH A O   1 
HETATM 1184 O  O   . HOH F 5 .   ? 10.23352  0.53965   10.53899  1.000 33.27000 ? 472 HOH A O   1 
HETATM 1185 O  O   . HOH F 5 .   ? -6.02081  -14.45234 13.92622  1.000 35.31000 ? 473 HOH A O   1 
HETATM 1186 O  O   . HOH F 5 .   ? 7.05541   -4.18003  14.80321  1.000 32.19000 ? 474 HOH A O   1 
HETATM 1187 O  O   . HOH F 5 .   ? 4.03332   -20.67440 8.94987   1.000 38.51000 ? 475 HOH A O   1 
HETATM 1188 O  O   . HOH F 5 .   ? -2.06178  -15.97433 16.67600  1.000 45.36000 ? 476 HOH A O   1 
# 
